data_6VLL
# 
_entry.id   6VLL 
# 
_audit_conform.dict_name       mmcif_pdbx.dic 
_audit_conform.dict_version    5.380 
_audit_conform.dict_location   http://mmcif.pdb.org/dictionaries/ascii/mmcif_pdbx.dic 
# 
loop_
_database_2.database_id 
_database_2.database_code 
_database_2.pdbx_database_accession 
_database_2.pdbx_DOI 
PDB   6VLL         pdb_00006vll 10.2210/pdb6vll/pdb 
WWPDB D_1000246618 ?            ?                   
# 
loop_
_pdbx_database_related.db_name 
_pdbx_database_related.details 
_pdbx_database_related.db_id 
_pdbx_database_related.content_type 
PDB . 5vpt unspecified 
PDB . 6VL3 unspecified 
# 
_pdbx_database_status.status_code                     REL 
_pdbx_database_status.status_code_sf                  REL 
_pdbx_database_status.status_code_mr                  ? 
_pdbx_database_status.entry_id                        6VLL 
_pdbx_database_status.recvd_initial_deposition_date   2020-01-24 
_pdbx_database_status.SG_entry                        N 
_pdbx_database_status.deposit_site                    RCSB 
_pdbx_database_status.process_site                    RCSB 
_pdbx_database_status.status_code_cs                  ? 
_pdbx_database_status.status_code_nmr_data            ? 
_pdbx_database_status.methods_development_category    ? 
_pdbx_database_status.pdb_format_compatible           Y 
# 
loop_
_audit_author.name 
_audit_author.pdbx_ordinal 
_audit_author.identifier_ORCID 
'Cuypers, M.G.' 1 ? 
'Slavish, P.J.' 2 ? 
'Rankovic, Z.'  3 ? 
'White, S.W.'   4 ? 
# 
loop_
_citation.abstract 
_citation.abstract_id_CAS 
_citation.book_id_ISBN 
_citation.book_publisher 
_citation.book_publisher_city 
_citation.book_title 
_citation.coordinate_linkage 
_citation.country 
_citation.database_id_Medline 
_citation.details 
_citation.id 
_citation.journal_abbrev 
_citation.journal_id_ASTM 
_citation.journal_id_CSD 
_citation.journal_id_ISSN 
_citation.journal_full 
_citation.journal_issue 
_citation.journal_volume 
_citation.language 
_citation.page_first 
_citation.page_last 
_citation.title 
_citation.year 
_citation.database_id_CSD 
_citation.pdbx_database_id_DOI 
_citation.pdbx_database_id_PubMed 
_citation.unpublished_flag 
? ? ? ? ? ? ? ?  ? ? primary 'To Be Published' ?      0353 ?         ? ? ?   ? ?      ?      
'The crystal structure of the 2009 H1N1 PA endonuclease mutant I38T in complex with SJ000986213' ?    ? ? ?        ? 
? ? ? ? ? ? ? FR ? ? 1       Eur.J.Med.Chem.   EJMCA5 0493 0223-5234 ? ? 247 ? 115035 115035 
;Chemical scaffold recycling: Structure-guided conversion of an HIV integrase inhibitor into a potent influenza virus RNA-dependent RNA polymerase inhibitor designed to minimize resistance potential.
;
2023 ? 10.1016/j.ejmech.2022.115035 36603507 ? 
# 
loop_
_citation_author.citation_id 
_citation_author.name 
_citation_author.ordinal 
_citation_author.identifier_ORCID 
primary 'Cuypers, M.G.'      1  ? 
primary 'Slavish, P.J.'      2  ? 
primary 'Rankovic, Z.'       3  ? 
primary 'White, S.W.'        4  ? 
1       'Slavish, P.J.'      5  ? 
1       'Cuypers, M.G.'      6  ? 
1       'Rimmer, M.A.'       7  ? 
1       'Abdolvahabi, A.'    8  ? 
1       'Jeevan, T.'         9  ? 
1       'Kumar, G.'          10 ? 
1       'Jarusiewicz, J.A.'  11 ? 
1       'Vaithiyalingam, S.' 12 ? 
1       'Jones, J.C.'        13 ? 
1       'Bowling, J.J.'      14 ? 
1       'Price, J.E.'        15 ? 
1       'DuBois, R.M.'       16 ? 
1       'Min, J.'            17 ? 
1       'Webby, R.J.'        18 ? 
1       'Rankovic, Z.'       19 ? 
1       'White, S.W.'        20 ? 
# 
_cell.angle_alpha                  90.000 
_cell.angle_alpha_esd              ? 
_cell.angle_beta                   90.000 
_cell.angle_beta_esd               ? 
_cell.angle_gamma                  90.000 
_cell.angle_gamma_esd              ? 
_cell.entry_id                     6VLL 
_cell.details                      ? 
_cell.formula_units_Z              ? 
_cell.length_a                     90.693 
_cell.length_a_esd                 ? 
_cell.length_b                     90.693 
_cell.length_b_esd                 ? 
_cell.length_c                     132.456 
_cell.length_c_esd                 ? 
_cell.volume                       ? 
_cell.volume_esd                   ? 
_cell.Z_PDB                        16 
_cell.reciprocal_angle_alpha       ? 
_cell.reciprocal_angle_beta        ? 
_cell.reciprocal_angle_gamma       ? 
_cell.reciprocal_angle_alpha_esd   ? 
_cell.reciprocal_angle_beta_esd    ? 
_cell.reciprocal_angle_gamma_esd   ? 
_cell.reciprocal_length_a          ? 
_cell.reciprocal_length_b          ? 
_cell.reciprocal_length_c          ? 
_cell.reciprocal_length_a_esd      ? 
_cell.reciprocal_length_b_esd      ? 
_cell.reciprocal_length_c_esd      ? 
_cell.pdbx_unique_axis             ? 
# 
_symmetry.entry_id                         6VLL 
_symmetry.cell_setting                     ? 
_symmetry.Int_Tables_number                97 
_symmetry.space_group_name_Hall            ? 
_symmetry.space_group_name_H-M             'I 4 2 2' 
_symmetry.pdbx_full_space_group_name_H-M   ? 
# 
loop_
_entity.id 
_entity.type 
_entity.src_method 
_entity.pdbx_description 
_entity.formula_weight 
_entity.pdbx_number_of_molecules 
_entity.pdbx_ec 
_entity.pdbx_mutation 
_entity.pdbx_fragment 
_entity.details 
1 polymer     man 'Polymerase acidic protein' 23136.289 1  ? I38T ? ? 
2 non-polymer syn 
'benzyl [2-(5-hydroxy-4-{[2-(2-methoxypyridin-4-yl)ethyl]carbamoyl}-6-oxo-1,6-dihydropyrimidin-2-yl)propan-2-yl]carbamate' 481.501 
1  ? ?    ? ? 
3 non-polymer syn 'MANGANESE (II) ION' 54.938    2  ? ?    ? ? 
4 non-polymer syn 'SULFATE ION' 96.063    1  ? ?    ? ? 
5 water       nat water 18.015    23 ? ?    ? ? 
# 
_entity_poly.entity_id                      1 
_entity_poly.type                           'polypeptide(L)' 
_entity_poly.nstd_linkage                   no 
_entity_poly.nstd_monomer                   no 
_entity_poly.pdbx_seq_one_letter_code       
;MGSSHHHHHHSSGLVPRGSHMEDFVRQCFNPMIVELAEKAMKEYGEDPKIETNKFAATCTHLEVCFMYSDGGSKHRFEII
EGRDRIMAWTVVNSICNTTGVEKPKFLPDLYDYKENRFIEIGVTRREVHIYYLEKANKIKSEKTHIHIFSFTGEEMATKA
DYTLDEESRARIKTRLFTIRQEMASRSLWDSFRQSER
;
_entity_poly.pdbx_seq_one_letter_code_can   
;MGSSHHHHHHSSGLVPRGSHMEDFVRQCFNPMIVELAEKAMKEYGEDPKIETNKFAATCTHLEVCFMYSDGGSKHRFEII
EGRDRIMAWTVVNSICNTTGVEKPKFLPDLYDYKENRFIEIGVTRREVHIYYLEKANKIKSEKTHIHIFSFTGEEMATKA
DYTLDEESRARIKTRLFTIRQEMASRSLWDSFRQSER
;
_entity_poly.pdbx_strand_id                 A 
_entity_poly.pdbx_target_identifier         ? 
# 
loop_
_entity_poly_seq.entity_id 
_entity_poly_seq.num 
_entity_poly_seq.mon_id 
_entity_poly_seq.hetero 
1 1   MET n 
1 2   GLY n 
1 3   SER n 
1 4   SER n 
1 5   HIS n 
1 6   HIS n 
1 7   HIS n 
1 8   HIS n 
1 9   HIS n 
1 10  HIS n 
1 11  SER n 
1 12  SER n 
1 13  GLY n 
1 14  LEU n 
1 15  VAL n 
1 16  PRO n 
1 17  ARG n 
1 18  GLY n 
1 19  SER n 
1 20  HIS n 
1 21  MET n 
1 22  GLU n 
1 23  ASP n 
1 24  PHE n 
1 25  VAL n 
1 26  ARG n 
1 27  GLN n 
1 28  CYS n 
1 29  PHE n 
1 30  ASN n 
1 31  PRO n 
1 32  MET n 
1 33  ILE n 
1 34  VAL n 
1 35  GLU n 
1 36  LEU n 
1 37  ALA n 
1 38  GLU n 
1 39  LYS n 
1 40  ALA n 
1 41  MET n 
1 42  LYS n 
1 43  GLU n 
1 44  TYR n 
1 45  GLY n 
1 46  GLU n 
1 47  ASP n 
1 48  PRO n 
1 49  LYS n 
1 50  ILE n 
1 51  GLU n 
1 52  THR n 
1 53  ASN n 
1 54  LYS n 
1 55  PHE n 
1 56  ALA n 
1 57  ALA n 
1 58  THR n 
1 59  CYS n 
1 60  THR n 
1 61  HIS n 
1 62  LEU n 
1 63  GLU n 
1 64  VAL n 
1 65  CYS n 
1 66  PHE n 
1 67  MET n 
1 68  TYR n 
1 69  SER n 
1 70  ASP n 
1 71  GLY n 
1 72  GLY n 
1 73  SER n 
1 74  LYS n 
1 75  HIS n 
1 76  ARG n 
1 77  PHE n 
1 78  GLU n 
1 79  ILE n 
1 80  ILE n 
1 81  GLU n 
1 82  GLY n 
1 83  ARG n 
1 84  ASP n 
1 85  ARG n 
1 86  ILE n 
1 87  MET n 
1 88  ALA n 
1 89  TRP n 
1 90  THR n 
1 91  VAL n 
1 92  VAL n 
1 93  ASN n 
1 94  SER n 
1 95  ILE n 
1 96  CYS n 
1 97  ASN n 
1 98  THR n 
1 99  THR n 
1 100 GLY n 
1 101 VAL n 
1 102 GLU n 
1 103 LYS n 
1 104 PRO n 
1 105 LYS n 
1 106 PHE n 
1 107 LEU n 
1 108 PRO n 
1 109 ASP n 
1 110 LEU n 
1 111 TYR n 
1 112 ASP n 
1 113 TYR n 
1 114 LYS n 
1 115 GLU n 
1 116 ASN n 
1 117 ARG n 
1 118 PHE n 
1 119 ILE n 
1 120 GLU n 
1 121 ILE n 
1 122 GLY n 
1 123 VAL n 
1 124 THR n 
1 125 ARG n 
1 126 ARG n 
1 127 GLU n 
1 128 VAL n 
1 129 HIS n 
1 130 ILE n 
1 131 TYR n 
1 132 TYR n 
1 133 LEU n 
1 134 GLU n 
1 135 LYS n 
1 136 ALA n 
1 137 ASN n 
1 138 LYS n 
1 139 ILE n 
1 140 LYS n 
1 141 SER n 
1 142 GLU n 
1 143 LYS n 
1 144 THR n 
1 145 HIS n 
1 146 ILE n 
1 147 HIS n 
1 148 ILE n 
1 149 PHE n 
1 150 SER n 
1 151 PHE n 
1 152 THR n 
1 153 GLY n 
1 154 GLU n 
1 155 GLU n 
1 156 MET n 
1 157 ALA n 
1 158 THR n 
1 159 LYS n 
1 160 ALA n 
1 161 ASP n 
1 162 TYR n 
1 163 THR n 
1 164 LEU n 
1 165 ASP n 
1 166 GLU n 
1 167 GLU n 
1 168 SER n 
1 169 ARG n 
1 170 ALA n 
1 171 ARG n 
1 172 ILE n 
1 173 LYS n 
1 174 THR n 
1 175 ARG n 
1 176 LEU n 
1 177 PHE n 
1 178 THR n 
1 179 ILE n 
1 180 ARG n 
1 181 GLN n 
1 182 GLU n 
1 183 MET n 
1 184 ALA n 
1 185 SER n 
1 186 ARG n 
1 187 SER n 
1 188 LEU n 
1 189 TRP n 
1 190 ASP n 
1 191 SER n 
1 192 PHE n 
1 193 ARG n 
1 194 GLN n 
1 195 SER n 
1 196 GLU n 
1 197 ARG n 
# 
loop_
_entity_src_gen.entity_id 
_entity_src_gen.pdbx_src_id 
_entity_src_gen.pdbx_alt_source_flag 
_entity_src_gen.pdbx_seq_type 
_entity_src_gen.pdbx_beg_seq_num 
_entity_src_gen.pdbx_end_seq_num 
_entity_src_gen.gene_src_common_name 
_entity_src_gen.gene_src_genus 
_entity_src_gen.pdbx_gene_src_gene 
_entity_src_gen.gene_src_species 
_entity_src_gen.gene_src_strain 
_entity_src_gen.gene_src_tissue 
_entity_src_gen.gene_src_tissue_fraction 
_entity_src_gen.gene_src_details 
_entity_src_gen.pdbx_gene_src_fragment 
_entity_src_gen.pdbx_gene_src_scientific_name 
_entity_src_gen.pdbx_gene_src_ncbi_taxonomy_id 
_entity_src_gen.pdbx_gene_src_variant 
_entity_src_gen.pdbx_gene_src_cell_line 
_entity_src_gen.pdbx_gene_src_atcc 
_entity_src_gen.pdbx_gene_src_organ 
_entity_src_gen.pdbx_gene_src_organelle 
_entity_src_gen.pdbx_gene_src_cell 
_entity_src_gen.pdbx_gene_src_cellular_location 
_entity_src_gen.host_org_common_name 
_entity_src_gen.pdbx_host_org_scientific_name 
_entity_src_gen.pdbx_host_org_ncbi_taxonomy_id 
_entity_src_gen.host_org_genus 
_entity_src_gen.pdbx_host_org_gene 
_entity_src_gen.pdbx_host_org_organ 
_entity_src_gen.host_org_species 
_entity_src_gen.pdbx_host_org_tissue 
_entity_src_gen.pdbx_host_org_tissue_fraction 
_entity_src_gen.pdbx_host_org_strain 
_entity_src_gen.pdbx_host_org_variant 
_entity_src_gen.pdbx_host_org_cell_line 
_entity_src_gen.pdbx_host_org_atcc 
_entity_src_gen.pdbx_host_org_culture_collection 
_entity_src_gen.pdbx_host_org_cell 
_entity_src_gen.pdbx_host_org_organelle 
_entity_src_gen.pdbx_host_org_cellular_location 
_entity_src_gen.pdbx_host_org_vector_type 
_entity_src_gen.pdbx_host_org_vector 
_entity_src_gen.host_org_details 
_entity_src_gen.expression_system_id 
_entity_src_gen.plasmid_name 
_entity_src_gen.plasmid_details 
_entity_src_gen.pdbx_description 
1 1 sample 'Biological sequence' 1  70  ? ? PA ? 'A/Luxembourg/43/2009(H1N1)' ? ? ? ? 
'Influenza A virus (A/Luxembourg/43/2009(H1N1))' 655278 ? ? ? ? ? ? ? ? 'Escherichia coli BL21(DE3)' 469008 ? ? ? ? ? ? ? ? ? ? ? 
? ? ? ? ? ? ? ? ? ? 
1 2 sample 'Biological sequence' 71 197 ? ? PA ? 'A/Luxembourg/43/2009(H1N1)' ? ? ? ? 
'Influenza A virus (A/Luxembourg/43/2009(H1N1))' 655278 ? ? ? ? ? ? ? ? 'Escherichia coli BL21(DE3)' 469008 ? ? ? ? ? ? ? ? ? ? ? 
? ? ? ? ? ? ? ? ? ? 
# 
loop_
_struct_ref.id 
_struct_ref.db_name 
_struct_ref.db_code 
_struct_ref.pdbx_db_accession 
_struct_ref.pdbx_db_isoform 
_struct_ref.entity_id 
_struct_ref.pdbx_seq_one_letter_code 
_struct_ref.pdbx_align_begin 
1 UNP C6H0Y9_9INFA C6H0Y9 ? 1 MEDFVRQCFNPMIVELAEKAMKEYGEDPKIETNKFAAICTHLEVCFMYSD 1  
2 UNP C6H0Y9_9INFA C6H0Y9 ? 1 
;KHRFEIIEGRDRIMAWTVVNSICNTTGVEKPKFLPDLYDYKENRFIEIGVTRREVHIYYLEKANKIKSEKTHIHIFSFTG
EEMATKADYTLDEESRARIKTRLFTIRQEMASRSLWDSFRQSER
;
73 
# 
loop_
_struct_ref_seq.align_id 
_struct_ref_seq.ref_id 
_struct_ref_seq.pdbx_PDB_id_code 
_struct_ref_seq.pdbx_strand_id 
_struct_ref_seq.seq_align_beg 
_struct_ref_seq.pdbx_seq_align_beg_ins_code 
_struct_ref_seq.seq_align_end 
_struct_ref_seq.pdbx_seq_align_end_ins_code 
_struct_ref_seq.pdbx_db_accession 
_struct_ref_seq.db_align_beg 
_struct_ref_seq.pdbx_db_align_beg_ins_code 
_struct_ref_seq.db_align_end 
_struct_ref_seq.pdbx_db_align_end_ins_code 
_struct_ref_seq.pdbx_auth_seq_align_beg 
_struct_ref_seq.pdbx_auth_seq_align_end 
1 1 6VLL A 21 ? 70  ? C6H0Y9 1  ? 50  ? 1  50  
2 2 6VLL A 74 ? 197 ? C6H0Y9 73 ? 196 ? 73 196 
# 
loop_
_struct_ref_seq_dif.align_id 
_struct_ref_seq_dif.pdbx_pdb_id_code 
_struct_ref_seq_dif.mon_id 
_struct_ref_seq_dif.pdbx_pdb_strand_id 
_struct_ref_seq_dif.seq_num 
_struct_ref_seq_dif.pdbx_pdb_ins_code 
_struct_ref_seq_dif.pdbx_seq_db_name 
_struct_ref_seq_dif.pdbx_seq_db_accession_code 
_struct_ref_seq_dif.db_mon_id 
_struct_ref_seq_dif.pdbx_seq_db_seq_num 
_struct_ref_seq_dif.details 
_struct_ref_seq_dif.pdbx_auth_seq_num 
_struct_ref_seq_dif.pdbx_ordinal 
1 6VLL MET A 1  ? UNP C6H0Y9 ?   ?  'expression tag'      -19 1  
1 6VLL GLY A 2  ? UNP C6H0Y9 ?   ?  'expression tag'      -18 2  
1 6VLL SER A 3  ? UNP C6H0Y9 ?   ?  'expression tag'      -17 3  
1 6VLL SER A 4  ? UNP C6H0Y9 ?   ?  'expression tag'      -16 4  
1 6VLL HIS A 5  ? UNP C6H0Y9 ?   ?  'expression tag'      -15 5  
1 6VLL HIS A 6  ? UNP C6H0Y9 ?   ?  'expression tag'      -14 6  
1 6VLL HIS A 7  ? UNP C6H0Y9 ?   ?  'expression tag'      -13 7  
1 6VLL HIS A 8  ? UNP C6H0Y9 ?   ?  'expression tag'      -12 8  
1 6VLL HIS A 9  ? UNP C6H0Y9 ?   ?  'expression tag'      -11 9  
1 6VLL HIS A 10 ? UNP C6H0Y9 ?   ?  'expression tag'      -10 10 
1 6VLL SER A 11 ? UNP C6H0Y9 ?   ?  'expression tag'      -9  11 
1 6VLL SER A 12 ? UNP C6H0Y9 ?   ?  'expression tag'      -8  12 
1 6VLL GLY A 13 ? UNP C6H0Y9 ?   ?  'expression tag'      -7  13 
1 6VLL LEU A 14 ? UNP C6H0Y9 ?   ?  'expression tag'      -6  14 
1 6VLL VAL A 15 ? UNP C6H0Y9 ?   ?  'expression tag'      -5  15 
1 6VLL PRO A 16 ? UNP C6H0Y9 ?   ?  'expression tag'      -4  16 
1 6VLL ARG A 17 ? UNP C6H0Y9 ?   ?  'expression tag'      -3  17 
1 6VLL GLY A 18 ? UNP C6H0Y9 ?   ?  'expression tag'      -2  18 
1 6VLL SER A 19 ? UNP C6H0Y9 ?   ?  'expression tag'      -1  19 
1 6VLL HIS A 20 ? UNP C6H0Y9 ?   ?  'expression tag'      0   20 
1 6VLL THR A 58 ? UNP C6H0Y9 ILE 38 'engineered mutation' 38  21 
1 6VLL GLY A 71 ? UNP C6H0Y9 ?   ?  linker                51  22 
1 6VLL GLY A 72 ? UNP C6H0Y9 ?   ?  linker                52  23 
1 6VLL SER A 73 ? UNP C6H0Y9 ?   ?  linker                53  24 
# 
loop_
_chem_comp.id 
_chem_comp.type 
_chem_comp.mon_nstd_flag 
_chem_comp.name 
_chem_comp.pdbx_synonyms 
_chem_comp.formula 
_chem_comp.formula_weight 
ALA 'L-peptide linking' y ALANINE ? 'C3 H7 N O2'     89.093  
ARG 'L-peptide linking' y ARGININE ? 'C6 H15 N4 O2 1' 175.209 
ASN 'L-peptide linking' y ASPARAGINE ? 'C4 H8 N2 O3'    132.118 
ASP 'L-peptide linking' y 'ASPARTIC ACID' ? 'C4 H7 N O4'     133.103 
CYS 'L-peptide linking' y CYSTEINE ? 'C3 H7 N O2 S'   121.158 
GLN 'L-peptide linking' y GLUTAMINE ? 'C5 H10 N2 O3'   146.144 
GLU 'L-peptide linking' y 'GLUTAMIC ACID' ? 'C5 H9 N O4'     147.129 
GLY 'peptide linking'   y GLYCINE ? 'C2 H5 N O2'     75.067  
HIS 'L-peptide linking' y HISTIDINE ? 'C6 H10 N3 O2 1' 156.162 
HOH non-polymer         . WATER ? 'H2 O'           18.015  
ILE 'L-peptide linking' y ISOLEUCINE ? 'C6 H13 N O2'    131.173 
LEU 'L-peptide linking' y LEUCINE ? 'C6 H13 N O2'    131.173 
LYS 'L-peptide linking' y LYSINE ? 'C6 H15 N2 O2 1' 147.195 
MET 'L-peptide linking' y METHIONINE ? 'C5 H11 N O2 S'  149.211 
MN  non-polymer         . 'MANGANESE (II) ION' ? 'Mn 2'           54.938  
PHE 'L-peptide linking' y PHENYLALANINE ? 'C9 H11 N O2'    165.189 
PRO 'L-peptide linking' y PROLINE ? 'C5 H9 N O2'     115.130 
R3J non-polymer         . 
'benzyl [2-(5-hydroxy-4-{[2-(2-methoxypyridin-4-yl)ethyl]carbamoyl}-6-oxo-1,6-dihydropyrimidin-2-yl)propan-2-yl]carbamate' ? 
'C24 H27 N5 O6'  481.501 
SER 'L-peptide linking' y SERINE ? 'C3 H7 N O3'     105.093 
SO4 non-polymer         . 'SULFATE ION' ? 'O4 S -2'        96.063  
THR 'L-peptide linking' y THREONINE ? 'C4 H9 N O3'     119.119 
TRP 'L-peptide linking' y TRYPTOPHAN ? 'C11 H12 N2 O2'  204.225 
TYR 'L-peptide linking' y TYROSINE ? 'C9 H11 N O3'    181.189 
VAL 'L-peptide linking' y VALINE ? 'C5 H11 N O2'    117.146 
# 
_exptl.absorpt_coefficient_mu     ? 
_exptl.absorpt_correction_T_max   ? 
_exptl.absorpt_correction_T_min   ? 
_exptl.absorpt_correction_type    ? 
_exptl.absorpt_process_details    ? 
_exptl.entry_id                   6VLL 
_exptl.crystals_number            1 
_exptl.details                    ? 
_exptl.method                     'X-RAY DIFFRACTION' 
_exptl.method_details             ? 
# 
_exptl_crystal.colour                      ? 
_exptl_crystal.density_diffrn              ? 
_exptl_crystal.density_Matthews            2.94 
_exptl_crystal.density_method              ? 
_exptl_crystal.density_percent_sol         58.21 
_exptl_crystal.description                 ? 
_exptl_crystal.F_000                       ? 
_exptl_crystal.id                          1 
_exptl_crystal.preparation                 ? 
_exptl_crystal.size_max                    ? 
_exptl_crystal.size_mid                    ? 
_exptl_crystal.size_min                    ? 
_exptl_crystal.size_rad                    ? 
_exptl_crystal.colour_lustre               ? 
_exptl_crystal.colour_modifier             ? 
_exptl_crystal.colour_primary              ? 
_exptl_crystal.density_meas                ? 
_exptl_crystal.density_meas_esd            ? 
_exptl_crystal.density_meas_gt             ? 
_exptl_crystal.density_meas_lt             ? 
_exptl_crystal.density_meas_temp           ? 
_exptl_crystal.density_meas_temp_esd       ? 
_exptl_crystal.density_meas_temp_gt        ? 
_exptl_crystal.density_meas_temp_lt        ? 
_exptl_crystal.pdbx_crystal_image_url      ? 
_exptl_crystal.pdbx_crystal_image_format   ? 
_exptl_crystal.pdbx_mosaicity              ? 
_exptl_crystal.pdbx_mosaicity_esd          ? 
# 
_exptl_crystal_grow.apparatus       ? 
_exptl_crystal_grow.atmosphere      ? 
_exptl_crystal_grow.crystal_id      1 
_exptl_crystal_grow.details         ? 
_exptl_crystal_grow.method          'VAPOR DIFFUSION, HANGING DROP' 
_exptl_crystal_grow.method_ref      ? 
_exptl_crystal_grow.pH              ? 
_exptl_crystal_grow.pressure        ? 
_exptl_crystal_grow.pressure_esd    ? 
_exptl_crystal_grow.seeding         ? 
_exptl_crystal_grow.seeding_ref     ? 
_exptl_crystal_grow.temp            291 
_exptl_crystal_grow.temp_details    ? 
_exptl_crystal_grow.temp_esd        ? 
_exptl_crystal_grow.time            ? 
_exptl_crystal_grow.pdbx_details    '0.1 M HEPES PH 7.8, 1 M AMMONIUM SULFATE, 10 MM MNCL2, 10 MM MGCL2, 0.5% PVP K15' 
_exptl_crystal_grow.pdbx_pH_range   ? 
# 
_diffrn.ambient_environment              ? 
_diffrn.ambient_temp                     100 
_diffrn.ambient_temp_details             ? 
_diffrn.ambient_temp_esd                 ? 
_diffrn.crystal_id                       1 
_diffrn.crystal_support                  ? 
_diffrn.crystal_treatment                ? 
_diffrn.details                          ? 
_diffrn.id                               1 
_diffrn.ambient_pressure                 ? 
_diffrn.ambient_pressure_esd             ? 
_diffrn.ambient_pressure_gt              ? 
_diffrn.ambient_pressure_lt              ? 
_diffrn.ambient_temp_gt                  ? 
_diffrn.ambient_temp_lt                  ? 
_diffrn.pdbx_serial_crystal_experiment   N 
# 
_diffrn_detector.details                      ? 
_diffrn_detector.detector                     PIXEL 
_diffrn_detector.diffrn_id                    1 
_diffrn_detector.type                         'DECTRIS EIGER X 16M' 
_diffrn_detector.area_resol_mean              ? 
_diffrn_detector.dtime                        ? 
_diffrn_detector.pdbx_frames_total            ? 
_diffrn_detector.pdbx_collection_time_total   ? 
_diffrn_detector.pdbx_collection_date         2019-02-14 
_diffrn_detector.pdbx_frequency               ? 
# 
_diffrn_radiation.collimation                      ? 
_diffrn_radiation.diffrn_id                        1 
_diffrn_radiation.filter_edge                      ? 
_diffrn_radiation.inhomogeneity                    ? 
_diffrn_radiation.monochromator                    ? 
_diffrn_radiation.polarisn_norm                    ? 
_diffrn_radiation.polarisn_ratio                   ? 
_diffrn_radiation.probe                            ? 
_diffrn_radiation.type                             ? 
_diffrn_radiation.xray_symbol                      ? 
_diffrn_radiation.wavelength_id                    1 
_diffrn_radiation.pdbx_monochromatic_or_laue_m_l   M 
_diffrn_radiation.pdbx_wavelength_list             ? 
_diffrn_radiation.pdbx_wavelength                  ? 
_diffrn_radiation.pdbx_diffrn_protocol             'SINGLE WAVELENGTH' 
_diffrn_radiation.pdbx_analyzer                    ? 
_diffrn_radiation.pdbx_scattering_type             x-ray 
# 
_diffrn_radiation_wavelength.id           1 
_diffrn_radiation_wavelength.wavelength   1.000 
_diffrn_radiation_wavelength.wt           1.0 
# 
_diffrn_source.current                     ? 
_diffrn_source.details                     ? 
_diffrn_source.diffrn_id                   1 
_diffrn_source.power                       ? 
_diffrn_source.size                        ? 
_diffrn_source.source                      SYNCHROTRON 
_diffrn_source.target                      ? 
_diffrn_source.type                        'APS BEAMLINE 22-ID' 
_diffrn_source.voltage                     ? 
_diffrn_source.take-off_angle              ? 
_diffrn_source.pdbx_wavelength_list        1.000 
_diffrn_source.pdbx_wavelength             ? 
_diffrn_source.pdbx_synchrotron_beamline   22-ID 
_diffrn_source.pdbx_synchrotron_site       APS 
# 
_reflns.B_iso_Wilson_estimate            69.0 
_reflns.entry_id                         6VLL 
_reflns.data_reduction_details           ? 
_reflns.data_reduction_method            ? 
_reflns.d_resolution_high                2.87 
_reflns.d_resolution_low                 74.83 
_reflns.details                          ? 
_reflns.limit_h_max                      ? 
_reflns.limit_h_min                      ? 
_reflns.limit_k_max                      ? 
_reflns.limit_k_min                      ? 
_reflns.limit_l_max                      ? 
_reflns.limit_l_min                      ? 
_reflns.number_all                       ? 
_reflns.number_obs                       6270 
_reflns.observed_criterion               ? 
_reflns.observed_criterion_F_max         ? 
_reflns.observed_criterion_F_min         ? 
_reflns.observed_criterion_I_max         ? 
_reflns.observed_criterion_I_min         ? 
_reflns.observed_criterion_sigma_F       ? 
_reflns.observed_criterion_sigma_I       ? 
_reflns.percent_possible_obs             95.9 
_reflns.R_free_details                   ? 
_reflns.Rmerge_F_all                     ? 
_reflns.Rmerge_F_obs                     ? 
_reflns.Friedel_coverage                 ? 
_reflns.number_gt                        ? 
_reflns.threshold_expression             ? 
_reflns.pdbx_redundancy                  7.7 
_reflns.pdbx_Rmerge_I_obs                0.083 
_reflns.pdbx_Rmerge_I_all                ? 
_reflns.pdbx_Rsym_value                  ? 
_reflns.pdbx_netI_over_av_sigmaI         ? 
_reflns.pdbx_netI_over_sigmaI            13.4 
_reflns.pdbx_res_netI_over_av_sigmaI_2   ? 
_reflns.pdbx_res_netI_over_sigmaI_2      ? 
_reflns.pdbx_chi_squared                 0.70 
_reflns.pdbx_scaling_rejects             ? 
_reflns.pdbx_d_res_high_opt              ? 
_reflns.pdbx_d_res_low_opt               ? 
_reflns.pdbx_d_res_opt_method            ? 
_reflns.phase_calculation_details        ? 
_reflns.pdbx_Rrim_I_all                  0.090 
_reflns.pdbx_Rpim_I_all                  0.032 
_reflns.pdbx_d_opt                       ? 
_reflns.pdbx_number_measured_all         ? 
_reflns.pdbx_diffrn_id                   1 
_reflns.pdbx_ordinal                     1 
_reflns.pdbx_CC_half                     0.999 
_reflns.pdbx_CC_star                     ? 
_reflns.pdbx_R_split                     ? 
# 
_reflns_shell.d_res_high                  2.87 
_reflns_shell.d_res_low                   3.03 
_reflns_shell.meanI_over_sigI_all         ? 
_reflns_shell.meanI_over_sigI_obs         1.9 
_reflns_shell.number_measured_all         ? 
_reflns_shell.number_measured_obs         ? 
_reflns_shell.number_possible             ? 
_reflns_shell.number_unique_all           ? 
_reflns_shell.number_unique_obs           903 
_reflns_shell.percent_possible_all        ? 
_reflns_shell.percent_possible_obs        ? 
_reflns_shell.Rmerge_F_all                ? 
_reflns_shell.Rmerge_F_obs                ? 
_reflns_shell.Rmerge_I_all                ? 
_reflns_shell.Rmerge_I_obs                0.938 
_reflns_shell.meanI_over_sigI_gt          ? 
_reflns_shell.meanI_over_uI_all           ? 
_reflns_shell.meanI_over_uI_gt            ? 
_reflns_shell.number_measured_gt          ? 
_reflns_shell.number_unique_gt            ? 
_reflns_shell.percent_possible_gt         ? 
_reflns_shell.Rmerge_F_gt                 ? 
_reflns_shell.Rmerge_I_gt                 ? 
_reflns_shell.pdbx_redundancy             ? 
_reflns_shell.pdbx_Rsym_value             ? 
_reflns_shell.pdbx_chi_squared            0.71 
_reflns_shell.pdbx_netI_over_sigmaI_all   ? 
_reflns_shell.pdbx_netI_over_sigmaI_obs   ? 
_reflns_shell.pdbx_Rrim_I_all             1.007 
_reflns_shell.pdbx_Rpim_I_all             0.349 
_reflns_shell.pdbx_rejects                ? 
_reflns_shell.pdbx_ordinal                1 
_reflns_shell.pdbx_diffrn_id              1 
_reflns_shell.pdbx_CC_half                ? 
_reflns_shell.pdbx_CC_star                ? 
_reflns_shell.pdbx_R_split                ? 
# 
_refine.aniso_B[1][1]                            3.6100 
_refine.aniso_B[1][2]                            -0.0000 
_refine.aniso_B[1][3]                            0.0000 
_refine.aniso_B[2][2]                            3.6100 
_refine.aniso_B[2][3]                            -0.0000 
_refine.aniso_B[3][3]                            -7.2200 
_refine.B_iso_max                                155.130 
_refine.B_iso_mean                               80.4610 
_refine.B_iso_min                                30.000 
_refine.correlation_coeff_Fo_to_Fc               0.9360 
_refine.correlation_coeff_Fo_to_Fc_free          0.9130 
_refine.details                                  
'HYDROGENS HAVE BEEN ADDED IN THE RIDING POSITIONS U VALUES      : REFINED INDIVIDUALLY' 
_refine.diff_density_max                         ? 
_refine.diff_density_max_esd                     ? 
_refine.diff_density_min                         ? 
_refine.diff_density_min_esd                     ? 
_refine.diff_density_rms                         ? 
_refine.diff_density_rms_esd                     ? 
_refine.entry_id                                 6VLL 
_refine.pdbx_refine_id                           'X-RAY DIFFRACTION' 
_refine.ls_abs_structure_details                 ? 
_refine.ls_abs_structure_Flack                   ? 
_refine.ls_abs_structure_Flack_esd               ? 
_refine.ls_abs_structure_Rogers                  ? 
_refine.ls_abs_structure_Rogers_esd              ? 
_refine.ls_d_res_high                            2.8700 
_refine.ls_d_res_low                             64.2100 
_refine.ls_extinction_coef                       ? 
_refine.ls_extinction_coef_esd                   ? 
_refine.ls_extinction_expression                 ? 
_refine.ls_extinction_method                     ? 
_refine.ls_goodness_of_fit_all                   ? 
_refine.ls_goodness_of_fit_all_esd               ? 
_refine.ls_goodness_of_fit_obs                   ? 
_refine.ls_goodness_of_fit_obs_esd               ? 
_refine.ls_hydrogen_treatment                    ? 
_refine.ls_matrix_type                           ? 
_refine.ls_number_constraints                    ? 
_refine.ls_number_parameters                     ? 
_refine.ls_number_reflns_all                     ? 
_refine.ls_number_reflns_obs                     5769 
_refine.ls_number_reflns_R_free                  467 
_refine.ls_number_reflns_R_work                  ? 
_refine.ls_number_restraints                     ? 
_refine.ls_percent_reflns_obs                    94.0900 
_refine.ls_percent_reflns_R_free                 7.5000 
_refine.ls_R_factor_all                          ? 
_refine.ls_R_factor_obs                          0.2387 
_refine.ls_R_factor_R_free                       0.2844 
_refine.ls_R_factor_R_free_error                 ? 
_refine.ls_R_factor_R_free_error_details         ? 
_refine.ls_R_factor_R_work                       0.2352 
_refine.ls_R_Fsqd_factor_obs                     ? 
_refine.ls_R_I_factor_obs                        ? 
_refine.ls_redundancy_reflns_all                 ? 
_refine.ls_redundancy_reflns_obs                 ? 
_refine.ls_restrained_S_all                      ? 
_refine.ls_restrained_S_obs                      ? 
_refine.ls_shift_over_esd_max                    ? 
_refine.ls_shift_over_esd_mean                   ? 
_refine.ls_structure_factor_coef                 ? 
_refine.ls_weighting_details                     ? 
_refine.ls_weighting_scheme                      ? 
_refine.ls_wR_factor_all                         ? 
_refine.ls_wR_factor_obs                         ? 
_refine.ls_wR_factor_R_free                      ? 
_refine.ls_wR_factor_R_work                      ? 
_refine.occupancy_max                            ? 
_refine.occupancy_min                            ? 
_refine.solvent_model_details                    ? 
_refine.solvent_model_param_bsol                 ? 
_refine.solvent_model_param_ksol                 ? 
_refine.pdbx_R_complete                          ? 
_refine.ls_R_factor_gt                           ? 
_refine.ls_goodness_of_fit_gt                    ? 
_refine.ls_goodness_of_fit_ref                   ? 
_refine.ls_shift_over_su_max                     ? 
_refine.ls_shift_over_su_max_lt                  ? 
_refine.ls_shift_over_su_mean                    ? 
_refine.ls_shift_over_su_mean_lt                 ? 
_refine.pdbx_ls_sigma_I                          ? 
_refine.pdbx_ls_sigma_F                          0.000 
_refine.pdbx_ls_sigma_Fsqd                       ? 
_refine.pdbx_data_cutoff_high_absF               ? 
_refine.pdbx_data_cutoff_high_rms_absF           ? 
_refine.pdbx_data_cutoff_low_absF                ? 
_refine.pdbx_isotropic_thermal_model             ? 
_refine.pdbx_ls_cross_valid_method               THROUGHOUT 
_refine.pdbx_method_to_determine_struct          'MOLECULAR REPLACEMENT' 
_refine.pdbx_starting_model                      5vpt 
_refine.pdbx_stereochemistry_target_values       ? 
_refine.pdbx_R_Free_selection_details            RANDOM 
_refine.pdbx_stereochem_target_val_spec_case     ? 
_refine.pdbx_overall_ESU_R                       0.3610 
_refine.pdbx_overall_ESU_R_Free                  0.4370 
_refine.pdbx_solvent_vdw_probe_radii             1.2000 
_refine.pdbx_solvent_ion_probe_radii             0.8000 
_refine.pdbx_solvent_shrinkage_radii             0.8000 
_refine.pdbx_real_space_R                        ? 
_refine.pdbx_density_correlation                 ? 
_refine.pdbx_pd_number_of_powder_patterns        ? 
_refine.pdbx_pd_number_of_points                 ? 
_refine.pdbx_pd_meas_number_of_points            ? 
_refine.pdbx_pd_proc_ls_prof_R_factor            ? 
_refine.pdbx_pd_proc_ls_prof_wR_factor           ? 
_refine.pdbx_pd_Marquardt_correlation_coeff      ? 
_refine.pdbx_pd_Fsqrd_R_factor                   ? 
_refine.pdbx_pd_ls_matrix_band_width             ? 
_refine.pdbx_overall_phase_error                 ? 
_refine.pdbx_overall_SU_R_free_Cruickshank_DPI   ? 
_refine.pdbx_overall_SU_R_free_Blow_DPI          ? 
_refine.pdbx_overall_SU_R_Blow_DPI               ? 
_refine.pdbx_TLS_residual_ADP_flag               ? 
_refine.pdbx_diffrn_id                           1 
_refine.overall_SU_B                             0.0080 
_refine.overall_SU_ML                            0.0000 
_refine.overall_SU_R_Cruickshank_DPI             ? 
_refine.overall_SU_R_free                        ? 
_refine.overall_FOM_free_R_set                   ? 
_refine.overall_FOM_work_R_set                   ? 
_refine.pdbx_average_fsc_overall                 ? 
_refine.pdbx_average_fsc_work                    ? 
_refine.pdbx_average_fsc_free                    ? 
# 
_refine_hist.pdbx_refine_id                   'X-RAY DIFFRACTION' 
_refine_hist.cycle_id                         final 
_refine_hist.details                          ? 
_refine_hist.d_res_high                       2.8700 
_refine_hist.d_res_low                        64.2100 
_refine_hist.number_atoms_solvent             23 
_refine_hist.number_atoms_total               1504 
_refine_hist.number_reflns_all                ? 
_refine_hist.number_reflns_obs                ? 
_refine_hist.number_reflns_R_free             ? 
_refine_hist.number_reflns_R_work             ? 
_refine_hist.R_factor_all                     ? 
_refine_hist.R_factor_obs                     ? 
_refine_hist.R_factor_R_free                  ? 
_refine_hist.R_factor_R_work                  ? 
_refine_hist.pdbx_number_residues_total       182 
_refine_hist.pdbx_B_iso_mean_ligand           99.12 
_refine_hist.pdbx_B_iso_mean_solvent          59.75 
_refine_hist.pdbx_number_atoms_protein        1449 
_refine_hist.pdbx_number_atoms_nucleic_acid   0 
_refine_hist.pdbx_number_atoms_ligand         32 
_refine_hist.pdbx_number_atoms_lipid          ? 
_refine_hist.pdbx_number_atoms_carb           ? 
_refine_hist.pdbx_pseudo_atom_details         ? 
# 
_refine_ls_shell.pdbx_refine_id                   'X-RAY DIFFRACTION' 
_refine_ls_shell.d_res_high                       2.8700 
_refine_ls_shell.d_res_low                        2.9450 
_refine_ls_shell.number_reflns_all                449 
_refine_ls_shell.number_reflns_obs                ? 
_refine_ls_shell.number_reflns_R_free             37 
_refine_ls_shell.number_reflns_R_work             412 
_refine_ls_shell.percent_reflns_obs               96.5600 
_refine_ls_shell.percent_reflns_R_free            ? 
_refine_ls_shell.R_factor_all                     ? 
_refine_ls_shell.R_factor_obs                     ? 
_refine_ls_shell.R_factor_R_free                  0.3570 
_refine_ls_shell.R_factor_R_free_error            0.0000 
_refine_ls_shell.R_factor_R_work                  0.3230 
_refine_ls_shell.redundancy_reflns_all            ? 
_refine_ls_shell.redundancy_reflns_obs            ? 
_refine_ls_shell.wR_factor_all                    ? 
_refine_ls_shell.wR_factor_obs                    ? 
_refine_ls_shell.wR_factor_R_free                 ? 
_refine_ls_shell.wR_factor_R_work                 ? 
_refine_ls_shell.pdbx_R_complete                  ? 
_refine_ls_shell.pdbx_total_number_of_bins_used   20 
_refine_ls_shell.pdbx_phase_error                 ? 
_refine_ls_shell.pdbx_fsc_work                    ? 
_refine_ls_shell.pdbx_fsc_free                    ? 
# 
_struct.entry_id                     6VLL 
_struct.title                        
'The crystal structure of the 2009/H1N1/California PA endonuclease mutant I38T in complex with SJ000986213' 
_struct.pdbx_model_details           ? 
_struct.pdbx_formula_weight          ? 
_struct.pdbx_formula_weight_method   ? 
_struct.pdbx_model_type_details      ? 
_struct.pdbx_CASP_flag               N 
# 
_struct_keywords.entry_id        6VLL 
_struct_keywords.text            'NUCLEASE, INFLUENZA, INHIBITOR RESISTANCE, VIRAL PROTEIN' 
_struct_keywords.pdbx_keywords   'VIRAL PROTEIN' 
# 
loop_
_struct_asym.id 
_struct_asym.pdbx_blank_PDB_chainid_flag 
_struct_asym.pdbx_modified 
_struct_asym.entity_id 
_struct_asym.details 
A N N 1 ? 
B N N 2 ? 
C N N 3 ? 
D N N 3 ? 
E N N 4 ? 
F N N 5 ? 
# 
loop_
_struct_conf.conf_type_id 
_struct_conf.id 
_struct_conf.pdbx_PDB_helix_id 
_struct_conf.beg_label_comp_id 
_struct_conf.beg_label_asym_id 
_struct_conf.beg_label_seq_id 
_struct_conf.pdbx_beg_PDB_ins_code 
_struct_conf.end_label_comp_id 
_struct_conf.end_label_asym_id 
_struct_conf.end_label_seq_id 
_struct_conf.pdbx_end_PDB_ins_code 
_struct_conf.beg_auth_comp_id 
_struct_conf.beg_auth_asym_id 
_struct_conf.beg_auth_seq_id 
_struct_conf.end_auth_comp_id 
_struct_conf.end_auth_asym_id 
_struct_conf.end_auth_seq_id 
_struct_conf.pdbx_PDB_helix_class 
_struct_conf.details 
_struct_conf.pdbx_PDB_helix_length 
HELX_P HELX_P1 AA1 SER A 19  ? PHE A 29  ? SER A -1  PHE A 9   1 ? 11 
HELX_P HELX_P2 AA2 ASN A 30  ? TYR A 44  ? ASN A 10  TYR A 24  1 ? 15 
HELX_P HELX_P3 AA3 GLU A 51  ? GLY A 71  ? GLU A 31  GLY A 51  1 ? 21 
HELX_P HELX_P4 AA4 ASP A 84  ? GLY A 100 ? ASP A 83  GLY A 99  1 ? 17 
HELX_P HELX_P5 AA5 GLU A 127 ? LYS A 140 ? GLU A 126 LYS A 139 1 ? 14 
HELX_P HELX_P6 AA6 LYS A 159 ? ASP A 161 ? LYS A 158 ASP A 160 5 ? 3  
HELX_P HELX_P7 AA7 ASP A 165 ? SER A 185 ? ASP A 164 SER A 184 1 ? 21 
HELX_P HELX_P8 AA8 LEU A 188 ? GLN A 194 ? LEU A 187 GLN A 193 1 ? 7  
# 
_struct_conf_type.id          HELX_P 
_struct_conf_type.criteria    ? 
_struct_conf_type.reference   ? 
# 
loop_
_struct_conn.id 
_struct_conn.conn_type_id 
_struct_conn.pdbx_leaving_atom_flag 
_struct_conn.pdbx_PDB_id 
_struct_conn.ptnr1_label_asym_id 
_struct_conn.ptnr1_label_comp_id 
_struct_conn.ptnr1_label_seq_id 
_struct_conn.ptnr1_label_atom_id 
_struct_conn.pdbx_ptnr1_label_alt_id 
_struct_conn.pdbx_ptnr1_PDB_ins_code 
_struct_conn.pdbx_ptnr1_standard_comp_id 
_struct_conn.ptnr1_symmetry 
_struct_conn.ptnr2_label_asym_id 
_struct_conn.ptnr2_label_comp_id 
_struct_conn.ptnr2_label_seq_id 
_struct_conn.ptnr2_label_atom_id 
_struct_conn.pdbx_ptnr2_label_alt_id 
_struct_conn.pdbx_ptnr2_PDB_ins_code 
_struct_conn.ptnr1_auth_asym_id 
_struct_conn.ptnr1_auth_comp_id 
_struct_conn.ptnr1_auth_seq_id 
_struct_conn.ptnr2_auth_asym_id 
_struct_conn.ptnr2_auth_comp_id 
_struct_conn.ptnr2_auth_seq_id 
_struct_conn.ptnr2_symmetry 
_struct_conn.pdbx_ptnr3_label_atom_id 
_struct_conn.pdbx_ptnr3_label_seq_id 
_struct_conn.pdbx_ptnr3_label_comp_id 
_struct_conn.pdbx_ptnr3_label_asym_id 
_struct_conn.pdbx_ptnr3_label_alt_id 
_struct_conn.pdbx_ptnr3_PDB_ins_code 
_struct_conn.details 
_struct_conn.pdbx_dist_value 
_struct_conn.pdbx_value_order 
_struct_conn.pdbx_role 
metalc1  metalc ? ? A HIS 61  NE2 ? ? ? 1_555 D MN  . MN ? ? A HIS 41  A MN  203 1_555 ? ? ? ? ? ? ? 2.433 ? ? 
metalc2  metalc ? ? A GLU 81  OE1 ? ? ? 1_555 C MN  . MN ? ? A GLU 80  A MN  202 1_555 ? ? ? ? ? ? ? 1.903 ? ? 
metalc3  metalc ? ? A ASP 109 OD1 ? ? ? 1_555 C MN  . MN ? ? A ASP 108 A MN  202 1_555 ? ? ? ? ? ? ? 2.071 ? ? 
metalc4  metalc ? ? A ASP 109 OD2 ? ? ? 1_555 D MN  . MN ? ? A ASP 108 A MN  203 1_555 ? ? ? ? ? ? ? 2.069 ? ? 
metalc5  metalc ? ? A GLU 120 OE2 ? ? ? 1_555 D MN  . MN ? ? A GLU 119 A MN  203 1_555 ? ? ? ? ? ? ? 2.228 ? ? 
metalc6  metalc ? ? A ILE 121 O   ? ? ? 1_555 D MN  . MN ? ? A ILE 120 A MN  203 1_555 ? ? ? ? ? ? ? 2.186 ? ? 
metalc7  metalc ? ? B R3J .   O02 ? ? ? 1_555 C MN  . MN ? ? A R3J 201 A MN  202 1_555 ? ? ? ? ? ? ? 2.026 ? ? 
metalc8  metalc ? ? B R3J .   O03 ? ? ? 1_555 C MN  . MN ? ? A R3J 201 A MN  202 1_555 ? ? ? ? ? ? ? 2.017 ? ? 
metalc9  metalc ? ? B R3J .   O03 ? ? ? 1_555 D MN  . MN ? ? A R3J 201 A MN  203 1_555 ? ? ? ? ? ? ? 2.189 ? ? 
metalc10 metalc ? ? B R3J .   O04 ? ? ? 1_555 D MN  . MN ? ? A R3J 201 A MN  203 1_555 ? ? ? ? ? ? ? 1.817 ? ? 
metalc11 metalc ? ? C MN  .   MN  ? ? ? 1_555 F HOH . O  ? ? A MN  202 A HOH 301 1_555 ? ? ? ? ? ? ? 1.742 ? ? 
metalc12 metalc ? ? C MN  .   MN  ? ? ? 1_555 F HOH . O  ? ? A MN  202 A HOH 305 1_555 ? ? ? ? ? ? ? 2.514 ? ? 
# 
_struct_conn_type.id          metalc 
_struct_conn_type.criteria    ? 
_struct_conn_type.reference   ? 
# 
_struct_sheet.id               AA1 
_struct_sheet.type             ? 
_struct_sheet.number_strands   5 
_struct_sheet.details          ? 
# 
loop_
_struct_sheet_order.sheet_id 
_struct_sheet_order.range_id_1 
_struct_sheet_order.range_id_2 
_struct_sheet_order.offset 
_struct_sheet_order.sense 
AA1 1 2 ? anti-parallel 
AA1 2 3 ? anti-parallel 
AA1 3 4 ? parallel      
AA1 4 5 ? anti-parallel 
# 
loop_
_struct_sheet_range.sheet_id 
_struct_sheet_range.id 
_struct_sheet_range.beg_label_comp_id 
_struct_sheet_range.beg_label_asym_id 
_struct_sheet_range.beg_label_seq_id 
_struct_sheet_range.pdbx_beg_PDB_ins_code 
_struct_sheet_range.end_label_comp_id 
_struct_sheet_range.end_label_asym_id 
_struct_sheet_range.end_label_seq_id 
_struct_sheet_range.pdbx_end_PDB_ins_code 
_struct_sheet_range.beg_auth_comp_id 
_struct_sheet_range.beg_auth_asym_id 
_struct_sheet_range.beg_auth_seq_id 
_struct_sheet_range.end_auth_comp_id 
_struct_sheet_range.end_auth_asym_id 
_struct_sheet_range.end_auth_seq_id 
AA1 1 PHE A 77  ? ILE A 79  ? PHE A 76  ILE A 78  
AA1 2 LEU A 110 ? ASP A 112 ? LEU A 109 ASP A 111 
AA1 3 ARG A 117 ? THR A 124 ? ARG A 116 THR A 123 
AA1 4 HIS A 145 ? SER A 150 ? HIS A 144 SER A 149 
AA1 5 GLU A 155 ? ALA A 157 ? GLU A 154 ALA A 156 
# 
loop_
_pdbx_struct_sheet_hbond.sheet_id 
_pdbx_struct_sheet_hbond.range_id_1 
_pdbx_struct_sheet_hbond.range_id_2 
_pdbx_struct_sheet_hbond.range_1_label_atom_id 
_pdbx_struct_sheet_hbond.range_1_label_comp_id 
_pdbx_struct_sheet_hbond.range_1_label_asym_id 
_pdbx_struct_sheet_hbond.range_1_label_seq_id 
_pdbx_struct_sheet_hbond.range_1_PDB_ins_code 
_pdbx_struct_sheet_hbond.range_1_auth_atom_id 
_pdbx_struct_sheet_hbond.range_1_auth_comp_id 
_pdbx_struct_sheet_hbond.range_1_auth_asym_id 
_pdbx_struct_sheet_hbond.range_1_auth_seq_id 
_pdbx_struct_sheet_hbond.range_2_label_atom_id 
_pdbx_struct_sheet_hbond.range_2_label_comp_id 
_pdbx_struct_sheet_hbond.range_2_label_asym_id 
_pdbx_struct_sheet_hbond.range_2_label_seq_id 
_pdbx_struct_sheet_hbond.range_2_PDB_ins_code 
_pdbx_struct_sheet_hbond.range_2_auth_atom_id 
_pdbx_struct_sheet_hbond.range_2_auth_comp_id 
_pdbx_struct_sheet_hbond.range_2_auth_asym_id 
_pdbx_struct_sheet_hbond.range_2_auth_seq_id 
AA1 1 2 N GLU A 78  ? N GLU A 77  O TYR A 111 ? O TYR A 110 
AA1 2 3 N LEU A 110 ? N LEU A 109 O ILE A 119 ? O ILE A 118 
AA1 3 4 N PHE A 118 ? N PHE A 117 O HIS A 145 ? O HIS A 144 
AA1 4 5 N ILE A 148 ? N ILE A 147 O MET A 156 ? O MET A 155 
# 
loop_
_struct_site.id 
_struct_site.pdbx_evidence_code 
_struct_site.pdbx_auth_asym_id 
_struct_site.pdbx_auth_comp_id 
_struct_site.pdbx_auth_seq_id 
_struct_site.pdbx_auth_ins_code 
_struct_site.pdbx_num_residues 
_struct_site.details 
AC1 Software A R3J 201 ? 12 'binding site for residue R3J A 201' 
AC2 Software A MN  202 ? 5  'binding site for residue MN A 202'  
AC3 Software A MN  203 ? 5  'binding site for residue MN A 203'  
AC4 Software A SO4 204 ? 3  'binding site for residue SO4 A 204' 
# 
loop_
_struct_site_gen.id 
_struct_site_gen.site_id 
_struct_site_gen.pdbx_num_res 
_struct_site_gen.label_comp_id 
_struct_site_gen.label_asym_id 
_struct_site_gen.label_seq_id 
_struct_site_gen.pdbx_auth_ins_code 
_struct_site_gen.auth_comp_id 
_struct_site_gen.auth_asym_id 
_struct_site_gen.auth_seq_id 
_struct_site_gen.label_atom_id 
_struct_site_gen.label_alt_id 
_struct_site_gen.symmetry 
_struct_site_gen.details 
1  AC1 12 GLU A 46  ? GLU A 26  . ? 1_555 ? 
2  AC1 12 HIS A 61  ? HIS A 41  . ? 1_555 ? 
3  AC1 12 GLU A 81  ? GLU A 80  . ? 1_555 ? 
4  AC1 12 ASP A 109 ? ASP A 108 . ? 1_555 ? 
5  AC1 12 GLU A 120 ? GLU A 119 . ? 1_555 ? 
6  AC1 12 ILE A 121 ? ILE A 120 . ? 1_555 ? 
7  AC1 12 MN  C .   ? MN  A 202 . ? 1_555 ? 
8  AC1 12 MN  D .   ? MN  A 203 . ? 1_555 ? 
9  AC1 12 HOH F .   ? HOH A 301 . ? 1_555 ? 
10 AC1 12 HOH F .   ? HOH A 303 . ? 1_555 ? 
11 AC1 12 HOH F .   ? HOH A 308 . ? 1_555 ? 
12 AC1 12 HOH F .   ? HOH A 316 . ? 1_555 ? 
13 AC2 5  GLU A 81  ? GLU A 80  . ? 1_555 ? 
14 AC2 5  ASP A 109 ? ASP A 108 . ? 1_555 ? 
15 AC2 5  R3J B .   ? R3J A 201 . ? 1_555 ? 
16 AC2 5  HOH F .   ? HOH A 301 . ? 1_555 ? 
17 AC2 5  HOH F .   ? HOH A 305 . ? 1_555 ? 
18 AC3 5  HIS A 61  ? HIS A 41  . ? 1_555 ? 
19 AC3 5  ASP A 109 ? ASP A 108 . ? 1_555 ? 
20 AC3 5  GLU A 120 ? GLU A 119 . ? 1_555 ? 
21 AC3 5  ILE A 121 ? ILE A 120 . ? 1_555 ? 
22 AC3 5  R3J B .   ? R3J A 201 . ? 1_555 ? 
23 AC4 3  ARG A 17  ? ARG A -3  . ? 5_655 ? 
24 AC4 3  TRP A 89  ? TRP A 88  . ? 1_555 ? 
25 AC4 3  LYS A 103 ? LYS A 102 . ? 1_555 ? 
# 
_atom_sites.entry_id                    6VLL 
_atom_sites.Cartn_transf_matrix[1][1]   ? 
_atom_sites.Cartn_transf_matrix[1][2]   ? 
_atom_sites.Cartn_transf_matrix[1][3]   ? 
_atom_sites.Cartn_transf_matrix[2][1]   ? 
_atom_sites.Cartn_transf_matrix[2][2]   ? 
_atom_sites.Cartn_transf_matrix[2][3]   ? 
_atom_sites.Cartn_transf_matrix[3][1]   ? 
_atom_sites.Cartn_transf_matrix[3][2]   ? 
_atom_sites.Cartn_transf_matrix[3][3]   ? 
_atom_sites.Cartn_transf_vector[1]      ? 
_atom_sites.Cartn_transf_vector[2]      ? 
_atom_sites.Cartn_transf_vector[3]      ? 
_atom_sites.fract_transf_matrix[1][1]   -0.00755055 
_atom_sites.fract_transf_matrix[1][2]   -0.00697648 
_atom_sites.fract_transf_matrix[1][3]   0.00398630 
_atom_sites.fract_transf_matrix[2][1]   0.00795703 
_atom_sites.fract_transf_matrix[2][2]   -0.00573179 
_atom_sites.fract_transf_matrix[2][3]   0.00504033 
_atom_sites.fract_transf_matrix[3][1]   -0.00076480 
_atom_sites.fract_transf_matrix[3][2]   0.00433331 
_atom_sites.fract_transf_matrix[3][3]   0.00613515 
_atom_sites.fract_transf_vector[1]      0.427611 
_atom_sites.fract_transf_vector[2]      0.230346 
_atom_sites.fract_transf_vector[3]      0.134082 
_atom_sites.solution_primary            ? 
_atom_sites.solution_secondary          ? 
_atom_sites.solution_hydrogens          ? 
_atom_sites.special_details             ? 
# 
loop_
_atom_type.symbol 
C  
MN 
N  
O  
S  
# 
loop_
_atom_site.group_PDB 
_atom_site.id 
_atom_site.type_symbol 
_atom_site.label_atom_id 
_atom_site.label_alt_id 
_atom_site.label_comp_id 
_atom_site.label_asym_id 
_atom_site.label_entity_id 
_atom_site.label_seq_id 
_atom_site.pdbx_PDB_ins_code 
_atom_site.Cartn_x 
_atom_site.Cartn_y 
_atom_site.Cartn_z 
_atom_site.occupancy 
_atom_site.B_iso_or_equiv 
_atom_site.pdbx_formal_charge 
_atom_site.auth_seq_id 
_atom_site.auth_comp_id 
_atom_site.auth_asym_id 
_atom_site.auth_atom_id 
_atom_site.pdbx_PDB_model_num 
ATOM   1    N  N   . LEU A 1 14  ? -2.906  -3.070  -28.463 1.00 141.01 ? -6  LEU A N   1 
ATOM   2    C  CA  . LEU A 1 14  ? -2.371  -2.218  -27.361 1.00 143.38 ? -6  LEU A CA  1 
ATOM   3    C  C   . LEU A 1 14  ? -1.294  -2.980  -26.578 1.00 143.60 ? -6  LEU A C   1 
ATOM   4    O  O   . LEU A 1 14  ? -0.246  -2.371  -26.268 1.00 150.21 ? -6  LEU A O   1 
ATOM   5    C  CB  . LEU A 1 14  ? -3.531  -1.804  -26.448 1.00 138.56 ? -6  LEU A CB  1 
ATOM   6    C  CG  . LEU A 1 14  ? -3.334  -0.499  -25.676 1.00 132.48 ? -6  LEU A CG  1 
ATOM   7    C  CD1 . LEU A 1 14  ? -3.137  0.675   -26.631 1.00 131.05 ? -6  LEU A CD1 1 
ATOM   8    C  CD2 . LEU A 1 14  ? -4.508  -0.240  -24.743 1.00 122.75 ? -6  LEU A CD2 1 
ATOM   9    N  N   . VAL A 1 15  ? -1.547  -4.257  -26.272 1.00 134.38 ? -5  VAL A N   1 
ATOM   10   C  CA  . VAL A 1 15  ? -0.665  -5.102  -25.414 1.00 128.29 ? -5  VAL A CA  1 
ATOM   11   C  C   . VAL A 1 15  ? 0.673   -5.303  -26.124 1.00 123.62 ? -5  VAL A C   1 
ATOM   12   O  O   . VAL A 1 15  ? 0.724   -5.828  -27.231 1.00 132.84 ? -5  VAL A O   1 
ATOM   13   C  CB  . VAL A 1 15  ? -1.350  -6.428  -25.038 1.00 129.02 ? -5  VAL A CB  1 
ATOM   14   C  CG1 . VAL A 1 15  ? -1.520  -7.367  -26.229 1.00 124.62 ? -5  VAL A CG1 1 
ATOM   15   C  CG2 . VAL A 1 15  ? -0.618  -7.110  -23.895 1.00 131.30 ? -5  VAL A CG2 1 
ATOM   16   N  N   . PRO A 1 16  ? 1.793   -4.813  -25.546 1.00 123.85 ? -4  PRO A N   1 
ATOM   17   C  CA  . PRO A 1 16  ? 3.120   -5.000  -26.128 1.00 127.78 ? -4  PRO A CA  1 
ATOM   18   C  C   . PRO A 1 16  ? 3.872   -6.239  -25.621 1.00 130.25 ? -4  PRO A C   1 
ATOM   19   O  O   . PRO A 1 16  ? 3.409   -6.891  -24.702 1.00 147.39 ? -4  PRO A O   1 
ATOM   20   C  CB  . PRO A 1 16  ? 3.854   -3.731  -25.680 1.00 129.66 ? -4  PRO A CB  1 
ATOM   21   C  CG  . PRO A 1 16  ? 3.234   -3.388  -24.335 1.00 129.61 ? -4  PRO A CG  1 
ATOM   22   C  CD  . PRO A 1 16  ? 1.833   -3.972  -24.343 1.00 128.25 ? -4  PRO A CD  1 
ATOM   23   N  N   . ARG A 1 17  ? 5.033   -6.498  -26.233 1.00 125.32 ? -3  ARG A N   1 
ATOM   24   C  CA  . ARG A 1 17  ? 5.938   -7.657  -25.998 1.00 115.04 ? -3  ARG A CA  1 
ATOM   25   C  C   . ARG A 1 17  ? 6.770   -7.441  -24.731 1.00 118.00 ? -3  ARG A C   1 
ATOM   26   O  O   . ARG A 1 17  ? 7.269   -8.437  -24.162 1.00 114.19 ? -3  ARG A O   1 
ATOM   27   C  CB  . ARG A 1 17  ? 6.887   -7.765  -27.192 1.00 110.24 ? -3  ARG A CB  1 
ATOM   28   C  CG  . ARG A 1 17  ? 7.335   -9.171  -27.539 1.00 111.85 ? -3  ARG A CG  1 
ATOM   29   C  CD  . ARG A 1 17  ? 7.643   -9.303  -29.011 1.00 104.46 ? -3  ARG A CD  1 
ATOM   30   N  NE  . ARG A 1 17  ? 6.437   -9.725  -29.699 1.00 104.04 ? -3  ARG A NE  1 
ATOM   31   C  CZ  . ARG A 1 17  ? 6.354   -9.977  -30.995 1.00 102.69 ? -3  ARG A CZ  1 
ATOM   32   N  NH1 . ARG A 1 17  ? 5.202   -10.373 -31.508 1.00 102.17 ? -3  ARG A NH1 1 
ATOM   33   N  NH2 . ARG A 1 17  ? 7.417   -9.834  -31.769 1.00 102.60 ? -3  ARG A NH2 1 
ATOM   34   N  N   . GLY A 1 18  ? 6.946   -6.173  -24.355 1.00 117.12 ? -2  GLY A N   1 
ATOM   35   C  CA  . GLY A 1 18  ? 7.751   -5.741  -23.197 1.00 102.32 ? -2  GLY A CA  1 
ATOM   36   C  C   . GLY A 1 18  ? 7.487   -4.286  -22.878 1.00 96.37  ? -2  GLY A C   1 
ATOM   37   O  O   . GLY A 1 18  ? 6.436   -3.777  -23.308 1.00 106.78 ? -2  GLY A O   1 
ATOM   38   N  N   . SER A 1 19  ? 8.413   -3.644  -22.165 1.00 91.91  ? -1  SER A N   1 
ATOM   39   C  CA  . SER A 1 19  ? 8.333   -2.232  -21.703 1.00 95.43  ? -1  SER A CA  1 
ATOM   40   C  C   . SER A 1 19  ? 9.407   -2.000  -20.638 1.00 99.35  ? -1  SER A C   1 
ATOM   41   O  O   . SER A 1 19  ? 9.612   -2.891  -19.781 1.00 96.45  ? -1  SER A O   1 
ATOM   42   C  CB  . SER A 1 19  ? 6.969   -1.869  -21.156 1.00 100.29 ? -1  SER A CB  1 
ATOM   43   O  OG  . SER A 1 19  ? 6.962   -1.880  -19.732 1.00 102.62 ? -1  SER A OG  1 
ATOM   44   N  N   . HIS A 1 20  ? 10.039  -0.828  -20.676 1.00 101.02 ? 0   HIS A N   1 
ATOM   45   C  CA  . HIS A 1 20  ? 11.079  -0.411  -19.700 1.00 95.20  ? 0   HIS A CA  1 
ATOM   46   C  C   . HIS A 1 20  ? 10.525  -0.512  -18.271 1.00 82.79  ? 0   HIS A C   1 
ATOM   47   O  O   . HIS A 1 20  ? 11.192  -1.116  -17.418 1.00 84.68  ? 0   HIS A O   1 
ATOM   48   C  CB  . HIS A 1 20  ? 11.584  1.005   -20.008 1.00 97.33  ? 0   HIS A CB  1 
ATOM   49   C  CG  . HIS A 1 20  ? 12.136  1.178   -21.381 1.00 93.50  ? 0   HIS A CG  1 
ATOM   50   N  ND1 . HIS A 1 20  ? 12.670  0.127   -22.092 1.00 88.00  ? 0   HIS A ND1 1 
ATOM   51   C  CD2 . HIS A 1 20  ? 12.253  2.275   -22.162 1.00 92.01  ? 0   HIS A CD2 1 
ATOM   52   C  CE1 . HIS A 1 20  ? 13.093  0.572   -23.260 1.00 88.71  ? 0   HIS A CE1 1 
ATOM   53   N  NE2 . HIS A 1 20  ? 12.852  1.883   -23.326 1.00 84.48  ? 0   HIS A NE2 1 
ATOM   54   N  N   . MET A 1 21  ? 9.348   0.052   -18.019 1.00 70.77  ? 1   MET A N   1 
ATOM   55   C  CA  . MET A 1 21  ? 8.772   0.094   -16.656 1.00 74.97  ? 1   MET A CA  1 
ATOM   56   C  C   . MET A 1 21  ? 8.573   -1.339  -16.151 1.00 75.18  ? 1   MET A C   1 
ATOM   57   O  O   . MET A 1 21  ? 8.837   -1.593  -14.967 1.00 73.96  ? 1   MET A O   1 
ATOM   58   C  CB  . MET A 1 21  ? 7.434   0.832   -16.637 1.00 80.56  ? 1   MET A CB  1 
ATOM   59   C  CG  . MET A 1 21  ? 6.860   0.959   -15.244 1.00 86.39  ? 1   MET A CG  1 
ATOM   60   S  SD  . MET A 1 21  ? 8.102   1.593   -14.066 1.00 83.81  ? 1   MET A SD  1 
ATOM   61   C  CE  . MET A 1 21  ? 7.394   3.181   -13.634 1.00 84.00  ? 1   MET A CE  1 
ATOM   62   N  N   . GLU A 1 22  ? 8.148   -2.252  -17.019 1.00 74.07  ? 2   GLU A N   1 
ATOM   63   C  CA  . GLU A 1 22  ? 7.857   -3.644  -16.608 1.00 78.71  ? 2   GLU A CA  1 
ATOM   64   C  C   . GLU A 1 22  ? 9.168   -4.344  -16.237 1.00 72.85  ? 2   GLU A C   1 
ATOM   65   O  O   . GLU A 1 22  ? 9.221   -5.018  -15.189 1.00 70.78  ? 2   GLU A O   1 
ATOM   66   C  CB  . GLU A 1 22  ? 7.129   -4.359  -17.737 1.00 86.99  ? 2   GLU A CB  1 
ATOM   67   C  CG  . GLU A 1 22  ? 6.417   -5.604  -17.281 1.00 89.66  ? 2   GLU A CG  1 
ATOM   68   C  CD  . GLU A 1 22  ? 5.715   -6.304  -18.422 1.00 93.84  ? 2   GLU A CD  1 
ATOM   69   O  OE1 . GLU A 1 22  ? 5.444   -5.638  -19.447 1.00 108.32 ? 2   GLU A OE1 1 
ATOM   70   O  OE2 . GLU A 1 22  ? 5.450   -7.510  -18.286 1.00 97.19  ? 2   GLU A OE2 1 
ATOM   71   N  N   . ASP A 1 23  ? 10.192  -4.188  -17.067 1.00 70.15  ? 3   ASP A N   1 
ATOM   72   C  CA  . ASP A 1 23  ? 11.527  -4.786  -16.813 1.00 71.59  ? 3   ASP A CA  1 
ATOM   73   C  C   . ASP A 1 23  ? 12.030  -4.274  -15.470 1.00 69.99  ? 3   ASP A C   1 
ATOM   74   O  O   . ASP A 1 23  ? 12.550  -5.083  -14.676 1.00 67.29  ? 3   ASP A O   1 
ATOM   75   C  CB  . ASP A 1 23  ? 12.517  -4.460  -17.928 1.00 75.33  ? 3   ASP A CB  1 
ATOM   76   C  CG  . ASP A 1 23  ? 12.138  -5.131  -19.235 1.00 86.32  ? 3   ASP A CG  1 
ATOM   77   O  OD1 . ASP A 1 23  ? 11.156  -5.910  -19.237 1.00 87.33  ? 3   ASP A OD1 1 
ATOM   78   O  OD2 . ASP A 1 23  ? 12.827  -4.874  -20.241 1.00 104.17 ? 3   ASP A OD2 1 
ATOM   79   N  N   . PHE A 1 24  ? 11.851  -2.981  -15.215 1.00 68.99  ? 4   PHE A N   1 
ATOM   80   C  CA  . PHE A 1 24  ? 12.332  -2.349  -13.966 1.00 67.19  ? 4   PHE A CA  1 
ATOM   81   C  C   . PHE A 1 24  ? 11.543  -2.910  -12.781 1.00 65.25  ? 4   PHE A C   1 
ATOM   82   O  O   . PHE A 1 24  ? 12.156  -3.217  -11.745 1.00 67.19  ? 4   PHE A O   1 
ATOM   83   C  CB  . PHE A 1 24  ? 12.231  -0.829  -14.012 1.00 63.59  ? 4   PHE A CB  1 
ATOM   84   C  CG  . PHE A 1 24  ? 12.389  -0.224  -12.646 1.00 66.87  ? 4   PHE A CG  1 
ATOM   85   C  CD1 . PHE A 1 24  ? 13.623  -0.230  -12.015 1.00 65.40  ? 4   PHE A CD1 1 
ATOM   86   C  CD2 . PHE A 1 24  ? 11.293  0.289   -11.967 1.00 63.56  ? 4   PHE A CD2 1 
ATOM   87   C  CE1 . PHE A 1 24  ? 13.759  0.291   -10.739 1.00 67.28  ? 4   PHE A CE1 1 
ATOM   88   C  CE2 . PHE A 1 24  ? 11.433  0.822   -10.695 1.00 60.17  ? 4   PHE A CE2 1 
ATOM   89   C  CZ  . PHE A 1 24  ? 12.671  0.833   -10.092 1.00 62.95  ? 4   PHE A CZ  1 
ATOM   90   N  N   . VAL A 1 25  ? 10.225  -3.038  -12.925 1.00 62.91  ? 5   VAL A N   1 
ATOM   91   C  CA  . VAL A 1 25  ? 9.356   -3.544  -11.827 1.00 65.26  ? 5   VAL A CA  1 
ATOM   92   C  C   . VAL A 1 25  ? 9.786   -4.968  -11.459 1.00 70.63  ? 5   VAL A C   1 
ATOM   93   O  O   . VAL A 1 25  ? 9.814   -5.283  -10.252 1.00 75.42  ? 5   VAL A O   1 
ATOM   94   C  CB  . VAL A 1 25  ? 7.869   -3.473  -12.198 1.00 60.98  ? 5   VAL A CB  1 
ATOM   95   C  CG1 . VAL A 1 25  ? 7.025   -4.312  -11.251 1.00 60.37  ? 5   VAL A CG1 1 
ATOM   96   C  CG2 . VAL A 1 25  ? 7.374   -2.028  -12.219 1.00 63.28  ? 5   VAL A CG2 1 
ATOM   97   N  N   . ARG A 1 26  ? 10.139  -5.793  -12.439 1.00 73.93  ? 6   ARG A N   1 
ATOM   98   C  CA  . ARG A 1 26  ? 10.531  -7.201  -12.161 1.00 75.92  ? 6   ARG A CA  1 
ATOM   99   C  C   . ARG A 1 26  ? 11.939  -7.207  -11.568 1.00 70.44  ? 6   ARG A C   1 
ATOM   100  O  O   . ARG A 1 26  ? 12.213  -8.084  -10.741 1.00 77.76  ? 6   ARG A O   1 
ATOM   101  C  CB  . ARG A 1 26  ? 10.437  -8.092  -13.405 1.00 74.86  ? 6   ARG A CB  1 
ATOM   102  C  CG  . ARG A 1 26  ? 9.120   -7.963  -14.152 1.00 81.75  ? 6   ARG A CG  1 
ATOM   103  C  CD  . ARG A 1 26  ? 8.436   -9.288  -14.457 1.00 82.27  ? 6   ARG A CD  1 
ATOM   104  N  NE  . ARG A 1 26  ? 7.459   -9.155  -15.538 1.00 82.81  ? 6   ARG A NE  1 
ATOM   105  C  CZ  . ARG A 1 26  ? 6.181   -9.558  -15.509 1.00 86.29  ? 6   ARG A CZ  1 
ATOM   106  N  NH1 . ARG A 1 26  ? 5.667   -10.157 -14.447 1.00 92.09  ? 6   ARG A NH1 1 
ATOM   107  N  NH2 . ARG A 1 26  ? 5.418   -9.382  -16.574 1.00 91.40  ? 6   ARG A NH2 1 
ATOM   108  N  N   . GLN A 1 27  ? 12.801  -6.277  -11.976 1.00 71.69  ? 7   GLN A N   1 
ATOM   109  C  CA  . GLN A 1 27  ? 14.195  -6.210  -11.466 1.00 70.69  ? 7   GLN A CA  1 
ATOM   110  C  C   . GLN A 1 27  ? 14.154  -5.770  -10.003 1.00 61.50  ? 7   GLN A C   1 
ATOM   111  O  O   . GLN A 1 27  ? 14.929  -6.277  -9.220  1.00 58.85  ? 7   GLN A O   1 
ATOM   112  C  CB  . GLN A 1 27  ? 15.039  -5.253  -12.312 1.00 78.88  ? 7   GLN A CB  1 
ATOM   113  C  CG  . GLN A 1 27  ? 16.394  -4.881  -11.706 1.00 88.54  ? 7   GLN A CG  1 
ATOM   114  C  CD  . GLN A 1 27  ? 16.512  -3.418  -11.342 1.00 84.60  ? 7   GLN A CD  1 
ATOM   115  O  OE1 . GLN A 1 27  ? 16.195  -2.544  -12.135 1.00 100.71 ? 7   GLN A OE1 1 
ATOM   116  N  NE2 . GLN A 1 27  ? 17.001  -3.122  -10.151 1.00 91.78  ? 7   GLN A NE2 1 
ATOM   117  N  N   . CYS A 1 28  ? 13.251  -4.864  -9.657  1.00 66.08  ? 8   CYS A N   1 
ATOM   118  C  CA  . CYS A 1 28  ? 13.338  -4.036  -8.426  1.00 64.57  ? 8   CYS A CA  1 
ATOM   119  C  C   . CYS A 1 28  ? 12.596  -4.717  -7.269  1.00 59.51  ? 8   CYS A C   1 
ATOM   120  O  O   . CYS A 1 28  ? 13.016  -4.535  -6.136  1.00 68.95  ? 8   CYS A O   1 
ATOM   121  C  CB  . CYS A 1 28  ? 12.812  -2.628  -8.707  1.00 65.39  ? 8   CYS A CB  1 
ATOM   122  S  SG  . CYS A 1 28  ? 12.342  -1.670  -7.244  1.00 72.51  ? 8   CYS A SG  1 
ATOM   123  N  N   . PHE A 1 29  ? 11.520  -5.452  -7.523  1.00 56.40  ? 9   PHE A N   1 
ATOM   124  C  CA  . PHE A 1 29  ? 10.689  -6.038  -6.442  1.00 61.48  ? 9   PHE A CA  1 
ATOM   125  C  C   . PHE A 1 29  ? 10.863  -7.550  -6.382  1.00 61.12  ? 9   PHE A C   1 
ATOM   126  O  O   . PHE A 1 29  ? 11.238  -8.159  -7.379  1.00 57.21  ? 9   PHE A O   1 
ATOM   127  C  CB  . PHE A 1 29  ? 9.228   -5.663  -6.642  1.00 59.67  ? 9   PHE A CB  1 
ATOM   128  C  CG  . PHE A 1 29  ? 8.973   -4.177  -6.551  1.00 62.07  ? 9   PHE A CG  1 
ATOM   129  C  CD1 . PHE A 1 29  ? 9.222   -3.352  -7.636  1.00 61.93  ? 9   PHE A CD1 1 
ATOM   130  C  CD2 . PHE A 1 29  ? 8.470   -3.605  -5.394  1.00 58.05  ? 9   PHE A CD2 1 
ATOM   131  C  CE1 . PHE A 1 29  ? 8.964   -1.997  -7.565  1.00 59.34  ? 9   PHE A CE1 1 
ATOM   132  C  CE2 . PHE A 1 29  ? 8.202   -2.249  -5.328  1.00 62.18  ? 9   PHE A CE2 1 
ATOM   133  C  CZ  . PHE A 1 29  ? 8.452   -1.449  -6.413  1.00 60.62  ? 9   PHE A CZ  1 
ATOM   134  N  N   . ASN A 1 30  ? 10.597  -8.151  -5.228  1.00 64.43  ? 10  ASN A N   1 
ATOM   135  C  CA  . ASN A 1 30  ? 10.729  -9.621  -5.111  1.00 75.25  ? 10  ASN A CA  1 
ATOM   136  C  C   . ASN A 1 30  ? 9.559   -10.247 -5.872  1.00 78.94  ? 10  ASN A C   1 
ATOM   137  O  O   . ASN A 1 30  ? 8.461   -9.697  -5.884  1.00 66.81  ? 10  ASN A O   1 
ATOM   138  C  CB  . ASN A 1 30  ? 10.840  -10.077 -3.659  1.00 82.03  ? 10  ASN A CB  1 
ATOM   139  C  CG  . ASN A 1 30  ? 9.510   -10.480 -3.074  1.00 95.80  ? 10  ASN A CG  1 
ATOM   140  O  OD1 . ASN A 1 30  ? 8.970   -11.533 -3.408  1.00 110.24 ? 10  ASN A OD1 1 
ATOM   141  N  ND2 . ASN A 1 30  ? 8.969   -9.645  -2.206  1.00 111.91 ? 10  ASN A ND2 1 
ATOM   142  N  N   . PRO A 1 31  ? 9.771   -11.411 -6.535  1.00 78.60  ? 11  PRO A N   1 
ATOM   143  C  CA  . PRO A 1 31  ? 8.768   -12.019 -7.413  1.00 71.55  ? 11  PRO A CA  1 
ATOM   144  C  C   . PRO A 1 31  ? 7.379   -12.246 -6.802  1.00 67.73  ? 11  PRO A C   1 
ATOM   145  O  O   . PRO A 1 31  ? 6.402   -12.158 -7.541  1.00 65.66  ? 11  PRO A O   1 
ATOM   146  C  CB  . PRO A 1 31  ? 9.385   -13.380 -7.745  1.00 71.09  ? 11  PRO A CB  1 
ATOM   147  C  CG  . PRO A 1 31  ? 10.867  -13.105 -7.698  1.00 76.26  ? 11  PRO A CG  1 
ATOM   148  C  CD  . PRO A 1 31  ? 11.020  -12.189 -6.503  1.00 78.70  ? 11  PRO A CD  1 
ATOM   149  N  N   . MET A 1 32  ? 7.314   -12.502 -5.495  1.00 60.88  ? 12  MET A N   1 
ATOM   150  C  CA  . MET A 1 32  ? 6.051   -12.864 -4.809  1.00 71.31  ? 12  MET A CA  1 
ATOM   151  C  C   . MET A 1 32  ? 5.078   -11.687 -4.881  1.00 77.91  ? 12  MET A C   1 
ATOM   152  O  O   . MET A 1 32  ? 3.925   -11.885 -5.337  1.00 85.53  ? 12  MET A O   1 
ATOM   153  C  CB  . MET A 1 32  ? 6.284   -13.214 -3.339  1.00 83.86  ? 12  MET A CB  1 
ATOM   154  C  CG  . MET A 1 32  ? 5.023   -13.691 -2.635  1.00 94.52  ? 12  MET A CG  1 
ATOM   155  S  SD  . MET A 1 32  ? 5.142   -13.595 -0.836  1.00 110.52 ? 12  MET A SD  1 
ATOM   156  C  CE  . MET A 1 32  ? 4.986   -11.832 -0.592  1.00 104.34 ? 12  MET A CE  1 
ATOM   157  N  N   . ILE A 1 33  ? 5.525   -10.506 -4.449  1.00 75.14  ? 13  ILE A N   1 
ATOM   158  C  CA  . ILE A 1 33  ? 4.673   -9.286  -4.455  1.00 72.56  ? 13  ILE A CA  1 
ATOM   159  C  C   . ILE A 1 33  ? 4.388   -8.895  -5.911  1.00 67.49  ? 13  ILE A C   1 
ATOM   160  O  O   . ILE A 1 33  ? 3.335   -8.281  -6.160  1.00 70.07  ? 13  ILE A O   1 
ATOM   161  C  CB  . ILE A 1 33  ? 5.324   -8.155  -3.641  1.00 74.08  ? 13  ILE A CB  1 
ATOM   162  C  CG1 . ILE A 1 33  ? 6.567   -7.595  -4.311  1.00 73.31  ? 13  ILE A CG1 1 
ATOM   163  C  CG2 . ILE A 1 33  ? 5.627   -8.604  -2.229  1.00 77.45  ? 13  ILE A CG2 1 
ATOM   164  C  CD1 . ILE A 1 33  ? 6.317   -6.245  -4.900  1.00 78.50  ? 13  ILE A CD1 1 
ATOM   165  N  N   . VAL A 1 34  ? 5.263   -9.278  -6.841  1.00 59.43  ? 14  VAL A N   1 
ATOM   166  C  CA  . VAL A 1 34  ? 5.039   -9.017  -8.289  1.00 58.92  ? 14  VAL A CA  1 
ATOM   167  C  C   . VAL A 1 34  ? 3.809   -9.816  -8.736  1.00 62.13  ? 14  VAL A C   1 
ATOM   168  O  O   . VAL A 1 34  ? 2.912   -9.230  -9.367  1.00 66.05  ? 14  VAL A O   1 
ATOM   169  C  CB  . VAL A 1 34  ? 6.284   -9.359  -9.124  1.00 62.79  ? 14  VAL A CB  1 
ATOM   170  C  CG1 . VAL A 1 34  ? 5.972   -9.342  -10.612 1.00 63.36  ? 14  VAL A CG1 1 
ATOM   171  C  CG2 . VAL A 1 34  ? 7.448   -8.433  -8.803  1.00 65.02  ? 14  VAL A CG2 1 
ATOM   172  N  N   . GLU A 1 35  ? 3.756   -11.107 -8.416  1.00 61.64  ? 15  GLU A N   1 
ATOM   173  C  CA  . GLU A 1 35  ? 2.619   -11.968 -8.821  1.00 64.69  ? 15  GLU A CA  1 
ATOM   174  C  C   . GLU A 1 35  ? 1.363   -11.413 -8.148  1.00 63.42  ? 15  GLU A C   1 
ATOM   175  O  O   . GLU A 1 35  ? 0.321   -11.288 -8.833  1.00 65.61  ? 15  GLU A O   1 
ATOM   176  C  CB  . GLU A 1 35  ? 2.836   -13.427 -8.430  1.00 72.13  ? 15  GLU A CB  1 
ATOM   177  C  CG  . GLU A 1 35  ? 4.090   -14.055 -9.015  1.00 83.33  ? 15  GLU A CG  1 
ATOM   178  C  CD  . GLU A 1 35  ? 4.518   -15.323 -8.286  1.00 93.56  ? 15  GLU A CD  1 
ATOM   179  O  OE1 . GLU A 1 35  ? 3.645   -15.956 -7.656  1.00 100.13 ? 15  GLU A OE1 1 
ATOM   180  O  OE2 . GLU A 1 35  ? 5.722   -15.671 -8.330  1.00 97.13  ? 15  GLU A OE2 1 
ATOM   181  N  N   . LEU A 1 36  ? 1.463   -11.075 -6.862  1.00 61.25  ? 16  LEU A N   1 
ATOM   182  C  CA  . LEU A 1 36  ? 0.304   -10.580 -6.086  1.00 61.44  ? 16  LEU A CA  1 
ATOM   183  C  C   . LEU A 1 36  ? -0.252  -9.310  -6.738  1.00 65.88  ? 16  LEU A C   1 
ATOM   184  O  O   . LEU A 1 36  ? -1.494  -9.188  -6.802  1.00 64.97  ? 16  LEU A O   1 
ATOM   185  C  CB  . LEU A 1 36  ? 0.710   -10.338 -4.637  1.00 59.58  ? 16  LEU A CB  1 
ATOM   186  C  CG  . LEU A 1 36  ? 0.826   -11.607 -3.799  1.00 63.49  ? 16  LEU A CG  1 
ATOM   187  C  CD1 . LEU A 1 36  ? 0.968   -11.278 -2.322  1.00 67.12  ? 16  LEU A CD1 1 
ATOM   188  C  CD2 . LEU A 1 36  ? -0.370  -12.512 -4.016  1.00 65.78  ? 16  LEU A CD2 1 
ATOM   189  N  N   . ALA A 1 37  ? 0.621   -8.436  -7.240  1.00 60.91  ? 17  ALA A N   1 
ATOM   190  C  CA  . ALA A 1 37  ? 0.216   -7.146  -7.849  1.00 63.99  ? 17  ALA A CA  1 
ATOM   191  C  C   . ALA A 1 37  ? -0.440  -7.415  -9.203  1.00 62.81  ? 17  ALA A C   1 
ATOM   192  O  O   . ALA A 1 37  ? -1.504  -6.831  -9.471  1.00 57.96  ? 17  ALA A O   1 
ATOM   193  C  CB  . ALA A 1 37  ? 1.403   -6.218  -7.982  1.00 65.85  ? 17  ALA A CB  1 
ATOM   194  N  N   . GLU A 1 38  ? 0.180   -8.255  -10.033 1.00 70.90  ? 18  GLU A N   1 
ATOM   195  C  CA  . GLU A 1 38  ? -0.419  -8.686  -11.326 1.00 75.92  ? 18  GLU A CA  1 
ATOM   196  C  C   . GLU A 1 38  ? -1.859  -9.146  -11.054 1.00 76.02  ? 18  GLU A C   1 
ATOM   197  O  O   . GLU A 1 38  ? -2.759  -8.770  -11.826 1.00 71.13  ? 18  GLU A O   1 
ATOM   198  C  CB  . GLU A 1 38  ? 0.359   -9.839  -11.957 1.00 72.70  ? 18  GLU A CB  1 
ATOM   199  C  CG  . GLU A 1 38  ? 1.774   -9.508  -12.369 1.00 76.43  ? 18  GLU A CG  1 
ATOM   200  C  CD  . GLU A 1 38  ? 2.530   -10.749 -12.820 1.00 93.69  ? 18  GLU A CD  1 
ATOM   201  O  OE1 . GLU A 1 38  ? 2.494   -11.778 -12.086 1.00 118.83 ? 18  GLU A OE1 1 
ATOM   202  O  OE2 . GLU A 1 38  ? 3.118   -10.713 -13.924 1.00 88.61  ? 18  GLU A OE2 1 
ATOM   203  N  N   . LYS A 1 39  ? -2.060  -9.903  -9.970  1.00 70.06  ? 19  LYS A N   1 
ATOM   204  C  CA  . LYS A 1 39  ? -3.361  -10.521 -9.632  1.00 78.89  ? 19  LYS A CA  1 
ATOM   205  C  C   . LYS A 1 39  ? -4.339  -9.447  -9.146  1.00 77.04  ? 19  LYS A C   1 
ATOM   206  O  O   . LYS A 1 39  ? -5.486  -9.435  -9.636  1.00 95.08  ? 19  LYS A O   1 
ATOM   207  C  CB  . LYS A 1 39  ? -3.171  -11.640 -8.605  1.00 93.49  ? 19  LYS A CB  1 
ATOM   208  C  CG  . LYS A 1 39  ? -2.421  -12.866 -9.106  1.00 106.39 ? 19  LYS A CG  1 
ATOM   209  C  CD  . LYS A 1 39  ? -2.947  -13.449 -10.391 1.00 127.46 ? 19  LYS A CD  1 
ATOM   210  C  CE  . LYS A 1 39  ? -4.266  -14.171 -10.215 1.00 148.61 ? 19  LYS A CE  1 
ATOM   211  N  NZ  . LYS A 1 39  ? -4.446  -15.239 -11.227 1.00 153.91 ? 19  LYS A NZ  1 
ATOM   212  N  N   . ALA A 1 40  ? -3.935  -8.574  -8.224  1.00 65.68  ? 20  ALA A N   1 
ATOM   213  C  CA  . ALA A 1 40  ? -4.794  -7.465  -7.746  1.00 63.38  ? 20  ALA A CA  1 
ATOM   214  C  C   . ALA A 1 40  ? -5.289  -6.656  -8.951  1.00 65.46  ? 20  ALA A C   1 
ATOM   215  O  O   . ALA A 1 40  ? -6.486  -6.305  -8.995  1.00 60.13  ? 20  ALA A O   1 
ATOM   216  C  CB  . ALA A 1 40  ? -4.047  -6.602  -6.766  1.00 61.39  ? 20  ALA A CB  1 
ATOM   217  N  N   . MET A 1 41  ? -4.400  -6.384  -9.903  1.00 66.37  ? 21  MET A N   1 
ATOM   218  C  CA  . MET A 1 41  ? -4.717  -5.542  -11.076 1.00 72.14  ? 21  MET A CA  1 
ATOM   219  C  C   . MET A 1 41  ? -5.688  -6.288  -11.992 1.00 82.92  ? 21  MET A C   1 
ATOM   220  O  O   . MET A 1 41  ? -6.728  -5.694  -12.349 1.00 98.22  ? 21  MET A O   1 
ATOM   221  C  CB  . MET A 1 41  ? -3.451  -5.159  -11.834 1.00 72.78  ? 21  MET A CB  1 
ATOM   222  C  CG  . MET A 1 41  ? -2.709  -4.017  -11.163 1.00 75.40  ? 21  MET A CG  1 
ATOM   223  S  SD  . MET A 1 41  ? -1.246  -3.496  -12.105 1.00 82.08  ? 21  MET A SD  1 
ATOM   224  C  CE  . MET A 1 41  ? -2.020  -2.431  -13.319 1.00 78.79  ? 21  MET A CE  1 
ATOM   225  N  N   . LYS A 1 42  ? -5.389  -7.536  -12.346 1.00 82.75  ? 22  LYS A N   1 
ATOM   226  C  CA  . LYS A 1 42  ? -6.224  -8.299  -13.306 1.00 76.69  ? 22  LYS A CA  1 
ATOM   227  C  C   . LYS A 1 42  ? -7.605  -8.531  -12.700 1.00 80.43  ? 22  LYS A C   1 
ATOM   228  O  O   . LYS A 1 42  ? -8.564  -8.533  -13.458 1.00 84.54  ? 22  LYS A O   1 
ATOM   229  C  CB  . LYS A 1 42  ? -5.539  -9.604  -13.699 1.00 79.35  ? 22  LYS A CB  1 
ATOM   230  C  CG  . LYS A 1 42  ? -4.456  -9.395  -14.739 1.00 82.69  ? 22  LYS A CG  1 
ATOM   231  C  CD  . LYS A 1 42  ? -3.628  -10.605 -15.043 1.00 86.95  ? 22  LYS A CD  1 
ATOM   232  C  CE  . LYS A 1 42  ? -2.737  -10.343 -16.239 1.00 94.48  ? 22  LYS A CE  1 
ATOM   233  N  NZ  . LYS A 1 42  ? -1.557  -11.235 -16.252 1.00 100.44 ? 22  LYS A NZ  1 
ATOM   234  N  N   . GLU A 1 43  ? -7.697  -8.693  -11.381 1.00 86.47  ? 23  GLU A N   1 
ATOM   235  C  CA  . GLU A 1 43  ? -8.984  -8.880  -10.654 1.00 91.29  ? 23  GLU A CA  1 
ATOM   236  C  C   . GLU A 1 43  ? -9.885  -7.650  -10.847 1.00 97.26  ? 23  GLU A C   1 
ATOM   237  O  O   . GLU A 1 43  ? -11.109 -7.797  -10.727 1.00 107.95 ? 23  GLU A O   1 
ATOM   238  C  CB  . GLU A 1 43  ? -8.702  -9.155  -9.177  1.00 96.16  ? 23  GLU A CB  1 
ATOM   239  C  CG  . GLU A 1 43  ? -9.932  -9.177  -8.284  1.00 108.10 ? 23  GLU A CG  1 
ATOM   240  C  CD  . GLU A 1 43  ? -9.674  -9.806  -6.924  1.00 119.75 ? 23  GLU A CD  1 
ATOM   241  O  OE1 . GLU A 1 43  ? -8.510  -10.195 -6.675  1.00 136.44 ? 23  GLU A OE1 1 
ATOM   242  O  OE2 . GLU A 1 43  ? -10.621 -9.911  -6.113  1.00 112.32 ? 23  GLU A OE2 1 
ATOM   243  N  N   . TYR A 1 44  ? -9.321  -6.477  -11.133 1.00 98.24  ? 24  TYR A N   1 
ATOM   244  C  CA  . TYR A 1 44  ? -10.105 -5.224  -11.304 1.00 101.08 ? 24  TYR A CA  1 
ATOM   245  C  C   . TYR A 1 44  ? -10.080 -4.747  -12.757 1.00 96.47  ? 24  TYR A C   1 
ATOM   246  O  O   . TYR A 1 44  ? -10.730 -3.725  -13.036 1.00 98.57  ? 24  TYR A O   1 
ATOM   247  C  CB  . TYR A 1 44  ? -9.614  -4.148  -10.334 1.00 102.77 ? 24  TYR A CB  1 
ATOM   248  C  CG  . TYR A 1 44  ? -10.040 -4.407  -8.915  1.00 100.66 ? 24  TYR A CG  1 
ATOM   249  C  CD1 . TYR A 1 44  ? -11.272 -3.982  -8.450  1.00 92.50  ? 24  TYR A CD1 1 
ATOM   250  C  CD2 . TYR A 1 44  ? -9.225  -5.119  -8.048  1.00 97.67  ? 24  TYR A CD2 1 
ATOM   251  C  CE1 . TYR A 1 44  ? -11.675 -4.241  -7.151  1.00 88.51  ? 24  TYR A CE1 1 
ATOM   252  C  CE2 . TYR A 1 44  ? -9.605  -5.373  -6.744  1.00 91.67  ? 24  TYR A CE2 1 
ATOM   253  C  CZ  . TYR A 1 44  ? -10.834 -4.931  -6.293  1.00 89.01  ? 24  TYR A CZ  1 
ATOM   254  O  OH  . TYR A 1 44  ? -11.223 -5.191  -5.008  1.00 81.18  ? 24  TYR A OH  1 
ATOM   255  N  N   . GLY A 1 45  ? -9.343  -5.430  -13.638 1.00 87.70  ? 25  GLY A N   1 
ATOM   256  C  CA  . GLY A 1 45  ? -9.542  -5.351  -15.097 1.00 87.43  ? 25  GLY A CA  1 
ATOM   257  C  C   . GLY A 1 45  ? -8.502  -4.511  -15.820 1.00 96.75  ? 25  GLY A C   1 
ATOM   258  O  O   . GLY A 1 45  ? -8.755  -4.176  -16.991 1.00 103.58 ? 25  GLY A O   1 
ATOM   259  N  N   . GLU A 1 46  ? -7.373  -4.175  -15.190 1.00 92.29  ? 26  GLU A N   1 
ATOM   260  C  CA  . GLU A 1 46  ? -6.267  -3.504  -15.922 1.00 90.63  ? 26  GLU A CA  1 
ATOM   261  C  C   . GLU A 1 46  ? -5.141  -4.514  -16.147 1.00 81.83  ? 26  GLU A C   1 
ATOM   262  O  O   . GLU A 1 46  ? -4.893  -5.338  -15.263 1.00 91.75  ? 26  GLU A O   1 
ATOM   263  C  CB  . GLU A 1 46  ? -5.787  -2.213  -15.248 1.00 101.04 ? 26  GLU A CB  1 
ATOM   264  C  CG  . GLU A 1 46  ? -5.960  -2.155  -13.744 1.00 107.69 ? 26  GLU A CG  1 
ATOM   265  C  CD  . GLU A 1 46  ? -5.840  -0.738  -13.201 1.00 108.56 ? 26  GLU A CD  1 
ATOM   266  O  OE1 . GLU A 1 46  ? -6.373  -0.488  -12.101 1.00 99.92  ? 26  GLU A OE1 1 
ATOM   267  O  OE2 . GLU A 1 46  ? -5.227  0.116   -13.893 1.00 112.00 ? 26  GLU A OE2 1 
ATOM   268  N  N   . ASP A 1 47  ? -4.486  -4.432  -17.304 1.00 82.99  ? 27  ASP A N   1 
ATOM   269  C  CA  . ASP A 1 47  ? -3.381  -5.332  -17.713 1.00 81.49  ? 27  ASP A CA  1 
ATOM   270  C  C   . ASP A 1 47  ? -2.068  -4.759  -17.200 1.00 80.75  ? 27  ASP A C   1 
ATOM   271  O  O   . ASP A 1 47  ? -1.648  -3.688  -17.630 1.00 83.30  ? 27  ASP A O   1 
ATOM   272  C  CB  . ASP A 1 47  ? -3.318  -5.497  -19.230 1.00 88.82  ? 27  ASP A CB  1 
ATOM   273  C  CG  . ASP A 1 47  ? -2.413  -6.627  -19.692 1.00 93.64  ? 27  ASP A CG  1 
ATOM   274  O  OD1 . ASP A 1 47  ? -1.642  -7.144  -18.849 1.00 97.48  ? 27  ASP A OD1 1 
ATOM   275  O  OD2 . ASP A 1 47  ? -2.497  -6.989  -20.886 1.00 100.28 ? 27  ASP A OD2 1 
ATOM   276  N  N   . PRO A 1 48  ? -1.375  -5.473  -16.288 1.00 75.07  ? 28  PRO A N   1 
ATOM   277  C  CA  . PRO A 1 48  ? -0.063  -5.049  -15.807 1.00 77.59  ? 28  PRO A CA  1 
ATOM   278  C  C   . PRO A 1 48  ? 0.908   -4.540  -16.886 1.00 77.78  ? 28  PRO A C   1 
ATOM   279  O  O   . PRO A 1 48  ? 1.673   -3.643  -16.580 1.00 89.82  ? 28  PRO A O   1 
ATOM   280  C  CB  . PRO A 1 48  ? 0.501   -6.342  -15.196 1.00 77.25  ? 28  PRO A CB  1 
ATOM   281  C  CG  . PRO A 1 48  ? -0.719  -7.097  -14.709 1.00 75.08  ? 28  PRO A CG  1 
ATOM   282  C  CD  . PRO A 1 48  ? -1.823  -6.732  -15.674 1.00 72.82  ? 28  PRO A CD  1 
ATOM   283  N  N   . LYS A 1 49  ? 0.871   -5.102  -18.097 1.00 76.95  ? 29  LYS A N   1 
ATOM   284  C  CA  . LYS A 1 49  ? 1.852   -4.780  -19.173 1.00 82.99  ? 29  LYS A CA  1 
ATOM   285  C  C   . LYS A 1 49  ? 1.442   -3.526  -19.952 1.00 81.44  ? 29  LYS A C   1 
ATOM   286  O  O   . LYS A 1 49  ? 2.254   -3.066  -20.782 1.00 75.49  ? 29  LYS A O   1 
ATOM   287  C  CB  . LYS A 1 49  ? 2.009   -5.965  -20.122 1.00 80.17  ? 29  LYS A CB  1 
ATOM   288  C  CG  . LYS A 1 49  ? 2.416   -7.251  -19.426 1.00 87.75  ? 29  LYS A CG  1 
ATOM   289  C  CD  . LYS A 1 49  ? 2.482   -8.435  -20.351 1.00 95.94  ? 29  LYS A CD  1 
ATOM   290  C  CE  . LYS A 1 49  ? 1.096   -8.954  -20.675 1.00 110.01 ? 29  LYS A CE  1 
ATOM   291  N  NZ  . LYS A 1 49  ? 1.085   -10.368 -21.121 1.00 120.76 ? 29  LYS A NZ  1 
ATOM   292  N  N   . ILE A 1 50  ? 0.242   -2.992  -19.720 1.00 78.34  ? 30  ILE A N   1 
ATOM   293  C  CA  . ILE A 1 50  ? -0.203  -1.744  -20.396 1.00 82.77  ? 30  ILE A CA  1 
ATOM   294  C  C   . ILE A 1 50  ? -0.104  -0.608  -19.382 1.00 81.96  ? 30  ILE A C   1 
ATOM   295  O  O   . ILE A 1 50  ? 0.718   0.293   -19.590 1.00 81.00  ? 30  ILE A O   1 
ATOM   296  C  CB  . ILE A 1 50  ? -1.621  -1.888  -20.977 1.00 84.36  ? 30  ILE A CB  1 
ATOM   297  C  CG1 . ILE A 1 50  ? -1.789  -3.177  -21.777 1.00 87.14  ? 30  ILE A CG1 1 
ATOM   298  C  CG2 . ILE A 1 50  ? -1.968  -0.677  -21.816 1.00 89.58  ? 30  ILE A CG2 1 
ATOM   299  C  CD1 . ILE A 1 50  ? -3.230  -3.499  -22.099 1.00 85.73  ? 30  ILE A CD1 1 
ATOM   300  N  N   . GLU A 1 51  ? -0.932  -0.645  -18.339 1.00 77.23  ? 31  GLU A N   1 
ATOM   301  C  CA  . GLU A 1 51  ? -0.916  0.367   -17.258 1.00 74.88  ? 31  GLU A CA  1 
ATOM   302  C  C   . GLU A 1 51  ? 0.280   0.023   -16.363 1.00 71.97  ? 31  GLU A C   1 
ATOM   303  O  O   . GLU A 1 51  ? 0.050   -0.535  -15.297 1.00 66.20  ? 31  GLU A O   1 
ATOM   304  C  CB  . GLU A 1 51  ? -2.277  0.370   -16.547 1.00 74.43  ? 31  GLU A CB  1 
ATOM   305  N  N   . THR A 1 52  ? 1.507   0.294   -16.815 1.00 69.87  ? 32  THR A N   1 
ATOM   306  C  CA  . THR A 1 52  ? 2.759   -0.139  -16.141 1.00 65.37  ? 32  THR A CA  1 
ATOM   307  C  C   . THR A 1 52  ? 3.047   0.756   -14.933 1.00 72.92  ? 32  THR A C   1 
ATOM   308  O  O   . THR A 1 52  ? 3.628   0.257   -13.958 1.00 84.23  ? 32  THR A O   1 
ATOM   309  C  CB  . THR A 1 52  ? 3.944   -0.140  -17.107 1.00 68.21  ? 32  THR A CB  1 
ATOM   310  O  OG1 . THR A 1 52  ? 4.310   1.210   -17.397 1.00 71.20  ? 32  THR A OG1 1 
ATOM   311  C  CG2 . THR A 1 52  ? 3.632   -0.895  -18.379 1.00 70.76  ? 32  THR A CG2 1 
ATOM   312  N  N   . ASN A 1 53  ? 2.681   2.035   -14.993 1.00 73.72  ? 33  ASN A N   1 
ATOM   313  C  CA  . ASN A 1 53  ? 2.865   2.964   -13.849 1.00 72.10  ? 33  ASN A CA  1 
ATOM   314  C  C   . ASN A 1 53  ? 1.993   2.479   -12.685 1.00 70.01  ? 33  ASN A C   1 
ATOM   315  O  O   . ASN A 1 53  ? 2.503   2.438   -11.550 1.00 77.44  ? 33  ASN A O   1 
ATOM   316  C  CB  . ASN A 1 53  ? 2.594   4.422   -14.234 1.00 81.09  ? 33  ASN A CB  1 
ATOM   317  C  CG  . ASN A 1 53  ? 3.725   5.057   -15.028 1.00 80.68  ? 33  ASN A CG  1 
ATOM   318  O  OD1 . ASN A 1 53  ? 4.903   4.897   -14.704 1.00 69.79  ? 33  ASN A OD1 1 
ATOM   319  N  ND2 . ASN A 1 53  ? 3.383   5.809   -16.063 1.00 79.21  ? 33  ASN A ND2 1 
ATOM   320  N  N   . LYS A 1 54  ? 0.750   2.073   -12.955 1.00 65.07  ? 34  LYS A N   1 
ATOM   321  C  CA  . LYS A 1 54  ? -0.172  1.541   -11.911 1.00 68.75  ? 34  LYS A CA  1 
ATOM   322  C  C   . LYS A 1 54  ? 0.358   0.191   -11.396 1.00 63.74  ? 34  LYS A C   1 
ATOM   323  O  O   . LYS A 1 54  ? 0.073   -0.178  -10.252 1.00 63.74  ? 34  LYS A O   1 
ATOM   324  C  CB  . LYS A 1 54  ? -1.592  1.400   -12.470 1.00 67.92  ? 34  LYS A CB  1 
ATOM   325  C  CG  . LYS A 1 54  ? -2.162  2.660   -13.109 1.00 75.52  ? 34  LYS A CG  1 
ATOM   326  N  N   . PHE A 1 55  ? 1.073   -0.541  -12.241 1.00 57.68  ? 35  PHE A N   1 
ATOM   327  C  CA  . PHE A 1 55  ? 1.787   -1.787  -11.871 1.00 63.13  ? 35  PHE A CA  1 
ATOM   328  C  C   . PHE A 1 55  ? 2.860   -1.491  -10.804 1.00 65.81  ? 35  PHE A C   1 
ATOM   329  O  O   . PHE A 1 55  ? 2.863   -2.104  -9.720  1.00 57.88  ? 35  PHE A O   1 
ATOM   330  C  CB  . PHE A 1 55  ? 2.368   -2.417  -13.140 1.00 61.81  ? 35  PHE A CB  1 
ATOM   331  C  CG  . PHE A 1 55  ? 2.935   -3.794  -12.962 1.00 56.77  ? 35  PHE A CG  1 
ATOM   332  C  CD1 . PHE A 1 55  ? 2.521   -4.606  -11.918 1.00 61.46  ? 35  PHE A CD1 1 
ATOM   333  C  CD2 . PHE A 1 55  ? 3.866   -4.277  -13.863 1.00 55.28  ? 35  PHE A CD2 1 
ATOM   334  C  CE1 . PHE A 1 55  ? 3.051   -5.879  -11.768 1.00 70.55  ? 35  PHE A CE1 1 
ATOM   335  C  CE2 . PHE A 1 55  ? 4.395   -5.548  -13.713 1.00 62.88  ? 35  PHE A CE2 1 
ATOM   336  C  CZ  . PHE A 1 55  ? 3.984   -6.350  -12.669 1.00 67.83  ? 35  PHE A CZ  1 
ATOM   337  N  N   . ALA A 1 56  ? 3.750   -0.540  -11.088 1.00 65.77  ? 36  ALA A N   1 
ATOM   338  C  CA  . ALA A 1 56  ? 4.812   -0.104  -10.154 1.00 60.43  ? 36  ALA A CA  1 
ATOM   339  C  C   . ALA A 1 56  ? 4.164   0.406   -8.862  1.00 58.58  ? 36  ALA A C   1 
ATOM   340  O  O   . ALA A 1 56  ? 4.663   0.104   -7.778  1.00 62.99  ? 36  ALA A O   1 
ATOM   341  C  CB  . ALA A 1 56  ? 5.658   0.949   -10.807 1.00 64.65  ? 36  ALA A CB  1 
ATOM   342  N  N   . ALA A 1 57  ? 3.048   1.115   -8.968  1.00 62.05  ? 37  ALA A N   1 
ATOM   343  C  CA  . ALA A 1 57  ? 2.341   1.677   -7.798  1.00 59.15  ? 37  ALA A CA  1 
ATOM   344  C  C   . ALA A 1 57  ? 1.816   0.535   -6.927  1.00 57.19  ? 37  ALA A C   1 
ATOM   345  O  O   . ALA A 1 57  ? 1.974   0.597   -5.684  1.00 55.33  ? 37  ALA A O   1 
ATOM   346  C  CB  . ALA A 1 57  ? 1.227   2.585   -8.253  1.00 61.88  ? 37  ALA A CB  1 
ATOM   347  N  N   . THR A 1 58  ? 1.207   -0.478  -7.547  1.00 54.88  ? 38  THR A N   1 
ATOM   348  C  CA  . THR A 1 58  ? 0.592   -1.603  -6.804  1.00 57.36  ? 38  THR A CA  1 
ATOM   349  C  C   . THR A 1 58  ? 1.698   -2.377  -6.084  1.00 60.85  ? 38  THR A C   1 
ATOM   350  O  O   . THR A 1 58  ? 1.503   -2.746  -4.903  1.00 55.64  ? 38  THR A O   1 
ATOM   351  C  CB  . THR A 1 58  ? -0.208  -2.517  -7.728  1.00 60.67  ? 38  THR A CB  1 
ATOM   352  O  OG1 . THR A 1 58  ? -0.819  -1.690  -8.710  1.00 67.13  ? 38  THR A OG1 1 
ATOM   353  C  CG2 . THR A 1 58  ? -1.265  -3.291  -6.976  1.00 69.98  ? 38  THR A CG2 1 
ATOM   354  N  N   . CYS A 1 59  ? 2.839   -2.584  -6.752  1.00 61.50  ? 39  CYS A N   1 
ATOM   355  C  CA  . CYS A 1 59  ? 3.993   -3.310  -6.162  1.00 62.51  ? 39  CYS A CA  1 
ATOM   356  C  C   . CYS A 1 59  ? 4.548   -2.535  -4.960  1.00 66.91  ? 39  CYS A C   1 
ATOM   357  O  O   . CYS A 1 59  ? 4.793   -3.167  -3.896  1.00 67.09  ? 39  CYS A O   1 
ATOM   358  C  CB  . CYS A 1 59  ? 5.093   -3.541  -7.184  1.00 61.32  ? 39  CYS A CB  1 
ATOM   359  S  SG  . CYS A 1 59  ? 4.572   -4.598  -8.548  1.00 70.59  ? 39  CYS A SG  1 
ATOM   360  N  N   . THR A 1 60  ? 4.718   -1.216  -5.097  1.00 57.57  ? 40  THR A N   1 
ATOM   361  C  CA  . THR A 1 60  ? 5.250   -0.371  -4.004  1.00 57.43  ? 40  THR A CA  1 
ATOM   362  C  C   . THR A 1 60  ? 4.271   -0.452  -2.836  1.00 53.88  ? 40  THR A C   1 
ATOM   363  O  O   . THR A 1 60  ? 4.732   -0.590  -1.679  1.00 55.85  ? 40  THR A O   1 
ATOM   364  C  CB  . THR A 1 60  ? 5.510   1.054   -4.481  1.00 57.45  ? 40  THR A CB  1 
ATOM   365  O  OG1 . THR A 1 60  ? 4.455   1.358   -5.383  1.00 78.66  ? 40  THR A OG1 1 
ATOM   366  C  CG2 . THR A 1 60  ? 6.812   1.208   -5.230  1.00 57.90  ? 40  THR A CG2 1 
ATOM   367  N  N   . HIS A 1 61  ? 2.977   -0.383  -3.122  1.00 46.68  ? 41  HIS A N   1 
ATOM   368  C  CA  . HIS A 1 61  ? 1.948   -0.308  -2.060  1.00 52.01  ? 41  HIS A CA  1 
ATOM   369  C  C   . HIS A 1 61  ? 1.967   -1.603  -1.257  1.00 52.45  ? 41  HIS A C   1 
ATOM   370  O  O   . HIS A 1 61  ? 1.935   -1.521  -0.007  1.00 51.20  ? 41  HIS A O   1 
ATOM   371  C  CB  . HIS A 1 61  ? 0.557   0.005   -2.626  1.00 49.75  ? 41  HIS A CB  1 
ATOM   372  C  CG  . HIS A 1 61  ? -0.505  -0.012  -1.584  1.00 44.05  ? 41  HIS A CG  1 
ATOM   373  N  ND1 . HIS A 1 61  ? -1.439  -1.017  -1.510  1.00 55.20  ? 41  HIS A ND1 1 
ATOM   374  C  CD2 . HIS A 1 61  ? -0.791  0.824   -0.570  1.00 44.60  ? 41  HIS A CD2 1 
ATOM   375  C  CE1 . HIS A 1 61  ? -2.255  -0.799  -0.486  1.00 48.83  ? 41  HIS A CE1 1 
ATOM   376  N  NE2 . HIS A 1 61  ? -1.886  0.317   0.096   1.00 46.11  ? 41  HIS A NE2 1 
ATOM   377  N  N   . LEU A 1 62  ? 2.037   -2.735  -1.946  1.00 59.58  ? 42  LEU A N   1 
ATOM   378  C  CA  . LEU A 1 62  ? 2.043   -4.066  -1.294  1.00 71.70  ? 42  LEU A CA  1 
ATOM   379  C  C   . LEU A 1 62  ? 3.320   -4.249  -0.478  1.00 58.86  ? 42  LEU A C   1 
ATOM   380  O  O   . LEU A 1 62  ? 3.234   -4.746  0.628   1.00 54.58  ? 42  LEU A O   1 
ATOM   381  C  CB  . LEU A 1 62  ? 1.949   -5.130  -2.385  1.00 30.00  ? 42  LEU A CB  1 
ATOM   382  C  CG  . LEU A 1 62  ? 0.595   -5.815  -2.505  1.00 30.00  ? 42  LEU A CG  1 
ATOM   383  C  CD1 . LEU A 1 62  ? 0.701   -7.026  -3.396  1.00 30.00  ? 42  LEU A CD1 1 
ATOM   384  C  CD2 . LEU A 1 62  ? 0.077   -6.209  -1.140  1.00 30.00  ? 42  LEU A CD2 1 
ATOM   385  N  N   . GLU A 1 63  ? 4.459   -3.861  -1.031  1.00 56.32  ? 43  GLU A N   1 
ATOM   386  C  CA  . GLU A 1 63  ? 5.750   -3.998  -0.309  1.00 57.59  ? 43  GLU A CA  1 
ATOM   387  C  C   . GLU A 1 63  ? 5.686   -3.178  0.975   1.00 60.81  ? 43  GLU A C   1 
ATOM   388  O  O   . GLU A 1 63  ? 6.134   -3.676  2.024   1.00 72.37  ? 43  GLU A O   1 
ATOM   389  C  CB  . GLU A 1 63  ? 6.949   -3.546  -1.131  1.00 58.89  ? 43  GLU A CB  1 
ATOM   390  C  CG  . GLU A 1 63  ? 8.227   -3.551  -0.318  1.00 62.00  ? 43  GLU A CG  1 
ATOM   391  C  CD  . GLU A 1 63  ? 9.500   -3.497  -1.144  1.00 73.97  ? 43  GLU A CD  1 
ATOM   392  O  OE1 . GLU A 1 63  ? 9.415   -3.131  -2.342  1.00 80.77  ? 43  GLU A OE1 1 
ATOM   393  O  OE2 . GLU A 1 63  ? 10.577  -3.819  -0.593  1.00 76.40  ? 43  GLU A OE2 1 
ATOM   394  N  N   . VAL A 1 64  ? 5.148   -1.967  0.898   1.00 56.92  ? 44  VAL A N   1 
ATOM   395  C  CA  . VAL A 1 64  ? 5.026   -1.103  2.102   1.00 54.87  ? 44  VAL A CA  1 
ATOM   396  C  C   . VAL A 1 64  ? 4.102   -1.809  3.099   1.00 55.40  ? 44  VAL A C   1 
ATOM   397  O  O   . VAL A 1 64  ? 4.433   -1.836  4.284   1.00 55.56  ? 44  VAL A O   1 
ATOM   398  C  CB  . VAL A 1 64  ? 4.544   0.318   1.751   1.00 55.55  ? 44  VAL A CB  1 
ATOM   399  C  CG1 . VAL A 1 64  ? 4.065   1.059   2.985   1.00 49.68  ? 44  VAL A CG1 1 
ATOM   400  C  CG2 . VAL A 1 64  ? 5.627   1.117   1.034   1.00 55.66  ? 44  VAL A CG2 1 
ATOM   401  N  N   . CYS A 1 65  ? 2.981   -2.368  2.643   1.00 59.03  ? 45  CYS A N   1 
ATOM   402  C  CA  . CYS A 1 65  ? 2.017   -3.079  3.528   1.00 57.54  ? 45  CYS A CA  1 
ATOM   403  C  C   . CYS A 1 65  ? 2.747   -4.226  4.246   1.00 51.49  ? 45  CYS A C   1 
ATOM   404  O  O   . CYS A 1 65  ? 2.567   -4.421  5.459   1.00 47.32  ? 45  CYS A O   1 
ATOM   405  C  CB  . CYS A 1 65  ? 0.825   -3.607  2.741   1.00 63.42  ? 45  CYS A CB  1 
ATOM   406  S  SG  . CYS A 1 65  ? -0.327  -2.314  2.213   1.00 67.68  ? 45  CYS A SG  1 
ATOM   407  N  N   . PHE A 1 66  ? 3.584   -4.956  3.528   1.00 49.35  ? 46  PHE A N   1 
ATOM   408  C  CA  . PHE A 1 66  ? 4.309   -6.113  4.107   1.00 54.33  ? 46  PHE A CA  1 
ATOM   409  C  C   . PHE A 1 66  ? 5.348   -5.647  5.126   1.00 48.63  ? 46  PHE A C   1 
ATOM   410  O  O   . PHE A 1 66  ? 5.421   -6.200  6.219   1.00 41.53  ? 46  PHE A O   1 
ATOM   411  C  CB  . PHE A 1 66  ? 4.899   -6.985  3.000   1.00 57.65  ? 46  PHE A CB  1 
ATOM   412  C  CG  . PHE A 1 66  ? 3.867   -7.730  2.198   1.00 55.85  ? 46  PHE A CG  1 
ATOM   413  C  CD1 . PHE A 1 66  ? 2.645   -8.080  2.748   1.00 57.10  ? 46  PHE A CD1 1 
ATOM   414  C  CD2 . PHE A 1 66  ? 4.119   -8.072  0.884   1.00 58.20  ? 46  PHE A CD2 1 
ATOM   415  C  CE1 . PHE A 1 66  ? 1.684   -8.728  1.996   1.00 55.78  ? 46  PHE A CE1 1 
ATOM   416  C  CE2 . PHE A 1 66  ? 3.162   -8.744  0.143   1.00 64.02  ? 46  PHE A CE2 1 
ATOM   417  C  CZ  . PHE A 1 66  ? 1.949   -9.070  0.701   1.00 57.29  ? 46  PHE A CZ  1 
ATOM   418  N  N   . MET A 1 67  ? 6.121   -4.622  4.801   1.00 53.98  ? 47  MET A N   1 
ATOM   419  C  CA  . MET A 1 67  ? 7.105   -4.066  5.773   1.00 50.07  ? 47  MET A CA  1 
ATOM   420  C  C   . MET A 1 67  ? 6.359   -3.564  7.007   1.00 45.26  ? 47  MET A C   1 
ATOM   421  O  O   . MET A 1 67  ? 6.837   -3.763  8.108   1.00 47.11  ? 47  MET A O   1 
ATOM   422  C  CB  . MET A 1 67  ? 7.888   -2.916  5.152   1.00 50.15  ? 47  MET A CB  1 
ATOM   423  C  CG  . MET A 1 67  ? 8.608   -3.321  3.902   1.00 55.28  ? 47  MET A CG  1 
ATOM   424  S  SD  . MET A 1 67  ? 9.431   -1.908  3.168   1.00 67.73  ? 47  MET A SD  1 
ATOM   425  C  CE  . MET A 1 67  ? 10.782  -1.712  4.332   1.00 60.30  ? 47  MET A CE  1 
ATOM   426  N  N   . TYR A 1 68  ? 5.217   -2.920  6.820   1.00 45.36  ? 48  TYR A N   1 
ATOM   427  C  CA  . TYR A 1 68  ? 4.415   -2.395  7.944   1.00 47.41  ? 48  TYR A CA  1 
ATOM   428  C  C   . TYR A 1 68  ? 4.020   -3.562  8.844   1.00 48.97  ? 48  TYR A C   1 
ATOM   429  O  O   . TYR A 1 68  ? 4.295   -3.514  10.042  1.00 43.91  ? 48  TYR A O   1 
ATOM   430  C  CB  . TYR A 1 68  ? 3.196   -1.638  7.430   1.00 49.46  ? 48  TYR A CB  1 
ATOM   431  C  CG  . TYR A 1 68  ? 2.670   -0.582  8.365   1.00 49.43  ? 48  TYR A CG  1 
ATOM   432  C  CD1 . TYR A 1 68  ? 1.891   -0.914  9.457   1.00 50.58  ? 48  TYR A CD1 1 
ATOM   433  C  CD2 . TYR A 1 68  ? 2.920   0.761   8.135   1.00 55.91  ? 48  TYR A CD2 1 
ATOM   434  C  CE1 . TYR A 1 68  ? 1.369   0.058   10.296  1.00 56.04  ? 48  TYR A CE1 1 
ATOM   435  C  CE2 . TYR A 1 68  ? 2.404   1.750   8.960   1.00 56.33  ? 48  TYR A CE2 1 
ATOM   436  C  CZ  . TYR A 1 68  ? 1.618   1.398   10.043  1.00 56.90  ? 48  TYR A CZ  1 
ATOM   437  O  OH  . TYR A 1 68  ? 1.122   2.351   10.886  1.00 59.84  ? 48  TYR A OH  1 
ATOM   438  N  N   . SER A 1 69  ? 3.405   -4.601  8.288   1.00 59.38  ? 49  SER A N   1 
ATOM   439  C  CA  . SER A 1 69  ? 2.987   -5.792  9.075   1.00 61.84  ? 49  SER A CA  1 
ATOM   440  C  C   . SER A 1 69  ? 4.208   -6.421  9.744   1.00 60.16  ? 49  SER A C   1 
ATOM   441  O  O   . SER A 1 69  ? 4.052   -6.924  10.857  1.00 67.41  ? 49  SER A O   1 
ATOM   442  C  CB  . SER A 1 69  ? 2.281   -6.789  8.243   1.00 64.99  ? 49  SER A CB  1 
ATOM   443  O  OG  . SER A 1 69  ? 3.209   -7.413  7.385   1.00 68.31  ? 49  SER A OG  1 
ATOM   444  N  N   . ASP A 1 70  ? 5.381   -6.346  9.114   1.00 66.07  ? 50  ASP A N   1 
ATOM   445  C  CA  . ASP A 1 70  ? 6.651   -6.921  9.650   1.00 76.19  ? 50  ASP A CA  1 
ATOM   446  C  C   . ASP A 1 70  ? 7.190   -6.042  10.785  1.00 73.60  ? 50  ASP A C   1 
ATOM   447  O  O   . ASP A 1 70  ? 8.007   -6.541  11.577  1.00 83.11  ? 50  ASP A O   1 
ATOM   448  C  CB  . ASP A 1 70  ? 7.709   -7.118  8.549   1.00 82.62  ? 50  ASP A CB  1 
ATOM   449  C  CG  . ASP A 1 70  ? 8.974   -7.841  9.009   1.00 88.34  ? 50  ASP A CG  1 
ATOM   450  O  OD1 . ASP A 1 70  ? 8.878   -8.649  9.958   1.00 80.35  ? 50  ASP A OD1 1 
ATOM   451  O  OD2 . ASP A 1 70  ? 10.064  -7.573  8.440   1.00 84.62  ? 50  ASP A OD2 1 
ATOM   452  N  N   . GLY A 1 71  ? 6.767   -4.780  10.862  1.00 78.98  ? 51  GLY A N   1 
ATOM   453  C  CA  . GLY A 1 71  ? 7.314   -3.790  11.814  1.00 74.34  ? 51  GLY A CA  1 
ATOM   454  C  C   . GLY A 1 71  ? 6.882   -4.044  13.248  1.00 69.53  ? 51  GLY A C   1 
ATOM   455  O  O   . GLY A 1 71  ? 7.532   -3.515  14.134  1.00 75.63  ? 51  GLY A O   1 
ATOM   456  N  N   . GLY A 1 72  ? 5.802   -4.791  13.483  1.00 69.98  ? 52  GLY A N   1 
ATOM   457  C  CA  . GLY A 1 72  ? 5.231   -4.957  14.833  1.00 73.48  ? 52  GLY A CA  1 
ATOM   458  C  C   . GLY A 1 72  ? 5.736   -6.203  15.540  1.00 80.53  ? 52  GLY A C   1 
ATOM   459  O  O   . GLY A 1 72  ? 6.750   -6.794  15.111  1.00 72.40  ? 52  GLY A O   1 
ATOM   460  N  N   . SER A 1 73  ? 5.014   -6.583  16.596  1.00 90.48  ? 53  SER A N   1 
ATOM   461  C  CA  . SER A 1 73  ? 5.249   -7.761  17.472  1.00 88.24  ? 53  SER A CA  1 
ATOM   462  C  C   . SER A 1 73  ? 4.685   -9.041  16.830  1.00 94.66  ? 53  SER A C   1 
ATOM   463  O  O   . SER A 1 73  ? 3.538   -9.008  16.363  1.00 99.44  ? 53  SER A O   1 
ATOM   464  C  CB  . SER A 1 73  ? 4.620   -7.490  18.818  1.00 87.73  ? 53  SER A CB  1 
ATOM   465  O  OG  . SER A 1 73  ? 4.472   -6.083  19.045  1.00 87.19  ? 53  SER A OG  1 
ATOM   466  N  N   . LYS A 1 74  ? 5.470   -10.125 16.812  1.00 107.67 ? 73  LYS A N   1 
ATOM   467  C  CA  . LYS A 1 74  ? 5.058   -11.506 16.412  1.00 105.19 ? 73  LYS A CA  1 
ATOM   468  C  C   . LYS A 1 74  ? 3.931   -11.482 15.361  1.00 106.56 ? 73  LYS A C   1 
ATOM   469  O  O   . LYS A 1 74  ? 4.258   -11.514 14.149  1.00 102.83 ? 73  LYS A O   1 
ATOM   470  C  CB  . LYS A 1 74  ? 4.628   -12.298 17.651  1.00 104.65 ? 73  LYS A CB  1 
ATOM   471  N  N   . HIS A 1 75  ? 2.662   -11.463 15.798  1.00 93.86  ? 74  HIS A N   1 
ATOM   472  C  CA  . HIS A 1 75  ? 1.456   -11.531 14.927  1.00 95.13  ? 74  HIS A CA  1 
ATOM   473  C  C   . HIS A 1 75  ? 0.505   -10.389 15.281  1.00 90.40  ? 74  HIS A C   1 
ATOM   474  O  O   . HIS A 1 75  ? -0.707  -10.626 15.407  1.00 83.75  ? 74  HIS A O   1 
ATOM   475  C  CB  . HIS A 1 75  ? 0.770   -12.893 15.066  1.00 103.67 ? 74  HIS A CB  1 
ATOM   476  C  CG  . HIS A 1 75  ? 1.525   -14.003 14.422  1.00 112.24 ? 74  HIS A CG  1 
ATOM   477  N  ND1 . HIS A 1 75  ? 2.431   -14.785 15.119  1.00 118.90 ? 74  HIS A ND1 1 
ATOM   478  C  CD2 . HIS A 1 75  ? 1.512   -14.470 13.154  1.00 117.03 ? 74  HIS A CD2 1 
ATOM   479  C  CE1 . HIS A 1 75  ? 2.948   -15.682 14.305  1.00 124.12 ? 74  HIS A CE1 1 
ATOM   480  N  NE2 . HIS A 1 75  ? 2.398   -15.511 13.091  1.00 121.13 ? 74  HIS A NE2 1 
ATOM   481  N  N   . ARG A 1 76  ? 1.070   -9.206  15.496  1.00 84.85  ? 75  ARG A N   1 
ATOM   482  C  CA  . ARG A 1 76  ? 0.318   -7.998  15.907  1.00 82.34  ? 75  ARG A CA  1 
ATOM   483  C  C   . ARG A 1 76  ? -0.698  -7.610  14.836  1.00 72.85  ? 75  ARG A C   1 
ATOM   484  O  O   . ARG A 1 76  ? -1.757  -7.121  15.192  1.00 64.25  ? 75  ARG A O   1 
ATOM   485  C  CB  . ARG A 1 76  ? 1.331   -6.871  16.109  1.00 89.43  ? 75  ARG A CB  1 
ATOM   486  C  CG  . ARG A 1 76  ? 0.759   -5.606  16.717  1.00 93.91  ? 75  ARG A CG  1 
ATOM   487  C  CD  . ARG A 1 76  ? 0.749   -4.517  15.678  1.00 99.62  ? 75  ARG A CD  1 
ATOM   488  N  NE  . ARG A 1 76  ? 1.282   -3.276  16.203  1.00 107.66 ? 75  ARG A NE  1 
ATOM   489  C  CZ  . ARG A 1 76  ? 0.638   -2.498  17.053  1.00 109.74 ? 75  ARG A CZ  1 
ATOM   490  N  NH1 . ARG A 1 76  ? -0.556  -2.850  17.487  1.00 108.81 ? 75  ARG A NH1 1 
ATOM   491  N  NH2 . ARG A 1 76  ? 1.195   -1.380  17.470  1.00 105.08 ? 75  ARG A NH2 1 
ATOM   492  N  N   . PHE A 1 77  ? -0.361  -7.846  13.574  1.00 67.79  ? 76  PHE A N   1 
ATOM   493  C  CA  . PHE A 1 77  ? -1.215  -7.466  12.424  1.00 68.79  ? 76  PHE A CA  1 
ATOM   494  C  C   . PHE A 1 77  ? -1.842  -8.702  11.768  1.00 70.64  ? 76  PHE A C   1 
ATOM   495  O  O   . PHE A 1 77  ? -1.250  -9.790  11.783  1.00 74.83  ? 76  PHE A O   1 
ATOM   496  C  CB  . PHE A 1 77  ? -0.395  -6.706  11.384  1.00 67.16  ? 76  PHE A CB  1 
ATOM   497  C  CG  . PHE A 1 77  ? 0.170   -5.393  11.860  1.00 72.70  ? 76  PHE A CG  1 
ATOM   498  C  CD1 . PHE A 1 77  ? -0.637  -4.273  11.996  1.00 75.64  ? 76  PHE A CD1 1 
ATOM   499  C  CD2 . PHE A 1 77  ? 1.521   -5.258  12.131  1.00 73.00  ? 76  PHE A CD2 1 
ATOM   500  C  CE1 . PHE A 1 77  ? -0.112  -3.063  12.420  1.00 71.49  ? 76  PHE A CE1 1 
ATOM   501  C  CE2 . PHE A 1 77  ? 2.046   -4.046  12.548  1.00 67.73  ? 76  PHE A CE2 1 
ATOM   502  C  CZ  . PHE A 1 77  ? 1.227   -2.954  12.700  1.00 71.30  ? 76  PHE A CZ  1 
ATOM   503  N  N   . GLU A 1 78  ? -3.022  -8.519  11.176  1.00 66.12  ? 77  GLU A N   1 
ATOM   504  C  CA  . GLU A 1 78  ? -3.553  -9.408  10.118  1.00 66.08  ? 77  GLU A CA  1 
ATOM   505  C  C   . GLU A 1 78  ? -3.478  -8.656  8.794   1.00 63.88  ? 77  GLU A C   1 
ATOM   506  O  O   . GLU A 1 78  ? -3.923  -7.497  8.738   1.00 71.00  ? 77  GLU A O   1 
ATOM   507  C  CB  . GLU A 1 78  ? -4.988  -9.850  10.389  1.00 68.91  ? 77  GLU A CB  1 
ATOM   508  C  CG  . GLU A 1 78  ? -5.412  -11.013 9.501   1.00 76.13  ? 77  GLU A CG  1 
ATOM   509  C  CD  . GLU A 1 78  ? -5.468  -12.405 10.142  1.00 86.63  ? 77  GLU A CD  1 
ATOM   510  O  OE1 . GLU A 1 78  ? -5.446  -12.502 11.395  1.00 82.23  ? 77  GLU A OE1 1 
ATOM   511  O  OE2 . GLU A 1 78  ? -5.570  -13.408 9.388   1.00 85.25  ? 77  GLU A OE2 1 
ATOM   512  N  N   . ILE A 1 79  ? -2.916  -9.292  7.777   1.00 61.52  ? 78  ILE A N   1 
ATOM   513  C  CA  . ILE A 1 79  ? -2.745  -8.668  6.442   1.00 62.94  ? 78  ILE A CA  1 
ATOM   514  C  C   . ILE A 1 79  ? -4.039  -8.859  5.647   1.00 66.83  ? 78  ILE A C   1 
ATOM   515  O  O   . ILE A 1 79  ? -4.427  -9.992  5.395   1.00 81.60  ? 78  ILE A O   1 
ATOM   516  C  CB  . ILE A 1 79  ? -1.513  -9.240  5.732   1.00 68.33  ? 78  ILE A CB  1 
ATOM   517  C  CG1 . ILE A 1 79  ? -0.257  -9.007  6.584   1.00 75.59  ? 78  ILE A CG1 1 
ATOM   518  C  CG2 . ILE A 1 79  ? -1.393  -8.653  4.325   1.00 64.79  ? 78  ILE A CG2 1 
ATOM   519  C  CD1 . ILE A 1 79  ? 0.708   -10.171 6.630   1.00 72.99  ? 78  ILE A CD1 1 
ATOM   520  N  N   . ILE A 1 80  ? -4.674  -7.763  5.255   1.00 72.87  ? 79  ILE A N   1 
ATOM   521  C  CA  . ILE A 1 80  ? -5.929  -7.773  4.453   1.00 60.72  ? 79  ILE A CA  1 
ATOM   522  C  C   . ILE A 1 80  ? -5.558  -7.557  2.991   1.00 55.15  ? 79  ILE A C   1 
ATOM   523  O  O   . ILE A 1 80  ? -6.213  -8.154  2.145   1.00 62.41  ? 79  ILE A O   1 
ATOM   524  C  CB  . ILE A 1 80  ? -6.900  -6.704  4.976   1.00 64.70  ? 79  ILE A CB  1 
ATOM   525  C  CG1 . ILE A 1 80  ? -7.037  -6.774  6.501   1.00 63.53  ? 79  ILE A CG1 1 
ATOM   526  C  CG2 . ILE A 1 80  ? -8.245  -6.801  4.262   1.00 67.75  ? 79  ILE A CG2 1 
ATOM   527  C  CD1 . ILE A 1 80  ? -7.532  -8.112  7.017   1.00 65.94  ? 79  ILE A CD1 1 
ATOM   528  N  N   . GLU A 1 81  ? -4.558  -6.726  2.705   1.00 51.07  ? 80  GLU A N   1 
ATOM   529  C  CA  . GLU A 1 81  ? -4.150  -6.438  1.307   1.00 52.72  ? 80  GLU A CA  1 
ATOM   530  C  C   . GLU A 1 81  ? -3.407  -7.664  0.784   1.00 50.84  ? 80  GLU A C   1 
ATOM   531  O  O   . GLU A 1 81  ? -2.744  -8.329  1.601   1.00 45.70  ? 80  GLU A O   1 
ATOM   532  C  CB  . GLU A 1 81  ? -3.272  -5.182  1.229   1.00 56.52  ? 80  GLU A CB  1 
ATOM   533  C  CG  . GLU A 1 81  ? -2.984  -4.692  -0.184  1.00 54.99  ? 80  GLU A CG  1 
ATOM   534  C  CD  . GLU A 1 81  ? -4.217  -4.185  -0.902  1.00 64.23  ? 80  GLU A CD  1 
ATOM   535  O  OE1 . GLU A 1 81  ? -4.556  -2.981  -0.746  1.00 66.59  ? 80  GLU A OE1 1 
ATOM   536  O  OE2 . GLU A 1 81  ? -4.864  -5.012  -1.591  1.00 73.87  ? 80  GLU A OE2 1 
ATOM   537  N  N   . GLY A 1 82  ? -3.486  -7.899  -0.531  1.00 54.00  ? 81  GLY A N   1 
ATOM   538  C  CA  . GLY A 1 82  ? -2.737  -8.948  -1.255  1.00 54.38  ? 81  GLY A CA  1 
ATOM   539  C  C   . GLY A 1 82  ? -3.547  -10.228 -1.393  1.00 61.08  ? 81  GLY A C   1 
ATOM   540  O  O   . GLY A 1 82  ? -3.148  -11.099 -2.175  1.00 62.90  ? 81  GLY A O   1 
ATOM   541  N  N   . ARG A 1 83  ? -4.668  -10.340 -0.678  1.00 65.21  ? 82  ARG A N   1 
ATOM   542  C  CA  . ARG A 1 83  ? -5.648  -11.438 -0.857  1.00 62.81  ? 82  ARG A CA  1 
ATOM   543  C  C   . ARG A 1 83  ? -6.638  -11.045 -1.954  1.00 69.11  ? 82  ARG A C   1 
ATOM   544  O  O   . ARG A 1 83  ? -6.710  -9.858  -2.318  1.00 74.43  ? 82  ARG A O   1 
ATOM   545  C  CB  . ARG A 1 83  ? -6.421  -11.723 0.430   1.00 61.68  ? 82  ARG A CB  1 
ATOM   546  C  CG  . ARG A 1 83  ? -5.570  -11.741 1.689   1.00 63.00  ? 82  ARG A CG  1 
ATOM   547  C  CD  . ARG A 1 83  ? -6.485  -11.827 2.891   1.00 64.47  ? 82  ARG A CD  1 
ATOM   548  N  NE  . ARG A 1 83  ? -5.789  -12.135 4.133   1.00 64.09  ? 82  ARG A NE  1 
ATOM   549  C  CZ  . ARG A 1 83  ? -5.593  -13.354 4.625   1.00 67.87  ? 82  ARG A CZ  1 
ATOM   550  N  NH1 . ARG A 1 83  ? -6.015  -14.427 3.973   1.00 71.23  ? 82  ARG A NH1 1 
ATOM   551  N  NH2 . ARG A 1 83  ? -4.964  -13.491 5.780   1.00 71.83  ? 82  ARG A NH2 1 
ATOM   552  N  N   . ASP A 1 84  ? -7.390  -12.021 -2.456  1.00 80.02  ? 83  ASP A N   1 
ATOM   553  C  CA  . ASP A 1 84  ? -8.519  -11.768 -3.379  1.00 77.92  ? 83  ASP A CA  1 
ATOM   554  C  C   . ASP A 1 84  ? -9.606  -11.034 -2.583  1.00 74.81  ? 83  ASP A C   1 
ATOM   555  O  O   . ASP A 1 84  ? -9.709  -11.229 -1.343  1.00 72.00  ? 83  ASP A O   1 
ATOM   556  C  CB  . ASP A 1 84  ? -8.969  -13.069 -4.044  1.00 89.58  ? 83  ASP A CB  1 
ATOM   557  C  CG  . ASP A 1 84  ? -9.932  -13.914 -3.224  1.00 97.07  ? 83  ASP A CG  1 
ATOM   558  O  OD1 . ASP A 1 84  ? -10.041 -13.690 -2.003  1.00 93.90  ? 83  ASP A OD1 1 
ATOM   559  O  OD2 . ASP A 1 84  ? -10.574 -14.793 -3.821  1.00 116.02 ? 83  ASP A OD2 1 
ATOM   560  N  N   . ARG A 1 85  ? -10.388 -10.211 -3.274  1.00 76.17  ? 84  ARG A N   1 
ATOM   561  C  CA  . ARG A 1 85  ? -11.404 -9.324  -2.654  1.00 78.63  ? 84  ARG A CA  1 
ATOM   562  C  C   . ARG A 1 85  ? -12.344 -10.156 -1.762  1.00 77.39  ? 84  ARG A C   1 
ATOM   563  O  O   . ARG A 1 85  ? -12.741 -9.648  -0.701  1.00 71.90  ? 84  ARG A O   1 
ATOM   564  C  CB  . ARG A 1 85  ? -12.139 -8.566  -3.764  1.00 89.90  ? 84  ARG A CB  1 
ATOM   565  C  CG  . ARG A 1 85  ? -13.379 -7.799  -3.317  1.00 101.00 ? 84  ARG A CG  1 
ATOM   566  C  CD  . ARG A 1 85  ? -13.951 -6.883  -4.392  1.00 105.46 ? 84  ARG A CD  1 
ATOM   567  N  NE  . ARG A 1 85  ? -13.440 -7.165  -5.733  1.00 115.10 ? 84  ARG A NE  1 
ATOM   568  C  CZ  . ARG A 1 85  ? -13.773 -8.221  -6.484  1.00 119.08 ? 84  ARG A CZ  1 
ATOM   569  N  NH1 . ARG A 1 85  ? -14.623 -9.137  -6.042  1.00 117.53 ? 84  ARG A NH1 1 
ATOM   570  N  NH2 . ARG A 1 85  ? -13.230 -8.359  -7.683  1.00 118.47 ? 84  ARG A NH2 1 
ATOM   571  N  N   . ILE A 1 86  ? -12.676 -11.388 -2.149  1.00 71.88  ? 85  ILE A N   1 
ATOM   572  C  CA  . ILE A 1 86  ? -13.791 -12.139 -1.503  1.00 71.78  ? 85  ILE A CA  1 
ATOM   573  C  C   . ILE A 1 86  ? -13.260 -12.668 -0.180  1.00 64.72  ? 85  ILE A C   1 
ATOM   574  O  O   . ILE A 1 86  ? -13.932 -12.503 0.842   1.00 59.26  ? 85  ILE A O   1 
ATOM   575  C  CB  . ILE A 1 86  ? -14.347 -13.240 -2.426  1.00 76.15  ? 85  ILE A CB  1 
ATOM   576  C  CG1 . ILE A 1 86  ? -14.744 -12.670 -3.793  1.00 80.29  ? 85  ILE A CG1 1 
ATOM   577  C  CG2 . ILE A 1 86  ? -15.516 -13.937 -1.747  1.00 71.08  ? 85  ILE A CG2 1 
ATOM   578  C  CD1 . ILE A 1 86  ? -13.629 -12.618 -4.818  1.00 82.91  ? 85  ILE A CD1 1 
ATOM   579  N  N   . MET A 1 87  ? -12.049 -13.209 -0.222  1.00 70.67  ? 86  MET A N   1 
ATOM   580  C  CA  . MET A 1 87  ? -11.337 -13.736 0.960   1.00 68.38  ? 86  MET A CA  1 
ATOM   581  C  C   . MET A 1 87  ? -11.000 -12.556 1.857   1.00 63.98  ? 86  MET A C   1 
ATOM   582  O  O   . MET A 1 87  ? -11.126 -12.673 3.071   1.00 58.88  ? 86  MET A O   1 
ATOM   583  C  CB  . MET A 1 87  ? -10.044 -14.429 0.534   1.00 81.72  ? 86  MET A CB  1 
ATOM   584  C  CG  . MET A 1 87  ? -9.339  -15.139 1.657   1.00 89.96  ? 86  MET A CG  1 
ATOM   585  S  SD  . MET A 1 87  ? -10.451 -16.251 2.551   1.00 89.07  ? 86  MET A SD  1 
ATOM   586  C  CE  . MET A 1 87  ? -9.316  -16.944 3.750   1.00 88.38  ? 86  MET A CE  1 
ATOM   587  N  N   . ALA A 1 88  ? -10.562 -11.462 1.246   1.00 68.69  ? 87  ALA A N   1 
ATOM   588  C  CA  . ALA A 1 88  ? -10.306 -10.190 1.950   1.00 76.44  ? 87  ALA A CA  1 
ATOM   589  C  C   . ALA A 1 88  ? -11.519 -9.867  2.837   1.00 76.98  ? 87  ALA A C   1 
ATOM   590  O  O   . ALA A 1 88  ? -11.356 -9.772  4.072   1.00 69.61  ? 87  ALA A O   1 
ATOM   591  C  CB  . ALA A 1 88  ? -10.029 -9.103  0.944   1.00 78.83  ? 87  ALA A CB  1 
ATOM   592  N  N   . TRP A 1 89  ? -12.707 -9.757  2.235   1.00 71.36  ? 88  TRP A N   1 
ATOM   593  C  CA  . TRP A 1 89  ? -13.959 -9.413  2.962   1.00 72.59  ? 88  TRP A CA  1 
ATOM   594  C  C   . TRP A 1 89  ? -14.277 -10.509 3.979   1.00 65.01  ? 88  TRP A C   1 
ATOM   595  O  O   . TRP A 1 89  ? -14.802 -10.195 5.050   1.00 58.78  ? 88  TRP A O   1 
ATOM   596  C  CB  . TRP A 1 89  ? -15.117 -9.163  1.983   1.00 76.36  ? 88  TRP A CB  1 
ATOM   597  C  CG  . TRP A 1 89  ? -15.079 -7.787  1.384   1.00 73.47  ? 88  TRP A CG  1 
ATOM   598  C  CD1 . TRP A 1 89  ? -14.803 -7.444  0.089   1.00 67.65  ? 88  TRP A CD1 1 
ATOM   599  C  CD2 . TRP A 1 89  ? -15.274 -6.550  2.091   1.00 68.83  ? 88  TRP A CD2 1 
ATOM   600  N  NE1 . TRP A 1 89  ? -14.824 -6.085  -0.058  1.00 68.88  ? 88  TRP A NE1 1 
ATOM   601  C  CE2 . TRP A 1 89  ? -15.121 -5.509  1.152   1.00 71.20  ? 88  TRP A CE2 1 
ATOM   602  C  CE3 . TRP A 1 89  ? -15.570 -6.228  3.419   1.00 73.69  ? 88  TRP A CE3 1 
ATOM   603  C  CZ2 . TRP A 1 89  ? -15.256 -4.165  1.506   1.00 69.29  ? 88  TRP A CZ2 1 
ATOM   604  C  CZ3 . TRP A 1 89  ? -15.709 -4.904  3.767   1.00 77.11  ? 88  TRP A CZ3 1 
ATOM   605  C  CH2 . TRP A 1 89  ? -15.545 -3.885  2.823   1.00 74.03  ? 88  TRP A CH2 1 
ATOM   606  N  N   . THR A 1 90  ? -13.954 -11.755 3.651   1.00 59.29  ? 89  THR A N   1 
ATOM   607  C  CA  . THR A 1 90  ? -14.194 -12.892 4.566   1.00 60.40  ? 89  THR A CA  1 
ATOM   608  C  C   . THR A 1 90  ? -13.423 -12.651 5.867   1.00 64.86  ? 89  THR A C   1 
ATOM   609  O  O   . THR A 1 90  ? -14.029 -12.768 6.954   1.00 64.38  ? 89  THR A O   1 
ATOM   610  C  CB  . THR A 1 90  ? -13.813 -14.209 3.895   1.00 62.21  ? 89  THR A CB  1 
ATOM   611  O  OG1 . THR A 1 90  ? -14.401 -14.191 2.593   1.00 56.57  ? 89  THR A OG1 1 
ATOM   612  C  CG2 . THR A 1 90  ? -14.255 -15.415 4.693   1.00 62.46  ? 89  THR A CG2 1 
ATOM   613  N  N   . VAL A 1 91  ? -12.145 -12.295 5.752   1.00 63.79  ? 90  VAL A N   1 
ATOM   614  C  CA  . VAL A 1 91  ? -11.276 -12.019 6.932   1.00 65.64  ? 90  VAL A CA  1 
ATOM   615  C  C   . VAL A 1 91  ? -11.796 -10.774 7.660   1.00 65.34  ? 90  VAL A C   1 
ATOM   616  O  O   . VAL A 1 91  ? -11.805 -10.812 8.900   1.00 66.92  ? 90  VAL A O   1 
ATOM   617  C  CB  . VAL A 1 91  ? -9.795  -11.871 6.535   1.00 68.31  ? 90  VAL A CB  1 
ATOM   618  C  CG1 . VAL A 1 91  ? -8.912  -11.719 7.759   1.00 64.64  ? 90  VAL A CG1 1 
ATOM   619  C  CG2 . VAL A 1 91  ? -9.336  -13.046 5.690   1.00 70.06  ? 90  VAL A CG2 1 
ATOM   620  N  N   . VAL A 1 92  ? -12.231 -9.736  6.934   1.00 67.58  ? 91  VAL A N   1 
ATOM   621  C  CA  . VAL A 1 92  ? -12.820 -8.502  7.546   1.00 67.89  ? 91  VAL A CA  1 
ATOM   622  C  C   . VAL A 1 92  ? -14.024 -8.904  8.415   1.00 63.56  ? 91  VAL A C   1 
ATOM   623  O  O   . VAL A 1 92  ? -14.122 -8.457  9.573   1.00 60.48  ? 91  VAL A O   1 
ATOM   624  C  CB  . VAL A 1 92  ? -13.223 -7.451  6.495   1.00 70.43  ? 91  VAL A CB  1 
ATOM   625  C  CG1 . VAL A 1 92  ? -13.635 -6.152  7.163   1.00 72.03  ? 91  VAL A CG1 1 
ATOM   626  C  CG2 . VAL A 1 92  ? -12.105 -7.187  5.499   1.00 75.72  ? 91  VAL A CG2 1 
ATOM   627  N  N   . ASN A 1 93  ? -14.901 -9.759  7.899   1.00 58.86  ? 92  ASN A N   1 
ATOM   628  C  CA  . ASN A 1 93  ? -16.106 -10.196 8.647   1.00 61.52  ? 92  ASN A CA  1 
ATOM   629  C  C   . ASN A 1 93  ? -15.651 -10.993 9.864   1.00 59.30  ? 92  ASN A C   1 
ATOM   630  O  O   . ASN A 1 93  ? -16.202 -10.798 10.953  1.00 59.44  ? 92  ASN A O   1 
ATOM   631  C  CB  . ASN A 1 93  ? -17.083 -10.983 7.776   1.00 61.32  ? 92  ASN A CB  1 
ATOM   632  C  CG  . ASN A 1 93  ? -17.457 -10.218 6.525   1.00 63.59  ? 92  ASN A CG  1 
ATOM   633  O  OD1 . ASN A 1 93  ? -17.043 -9.077  6.360   1.00 71.09  ? 92  ASN A OD1 1 
ATOM   634  N  ND2 . ASN A 1 93  ? -18.190 -10.839 5.616   1.00 64.98  ? 92  ASN A ND2 1 
ATOM   635  N  N   . SER A 1 94  ? -14.665 -11.863 9.700   1.00 60.98  ? 93  SER A N   1 
ATOM   636  C  CA  . SER A 1 94  ? -14.187 -12.718 10.814  1.00 61.39  ? 93  SER A CA  1 
ATOM   637  C  C   . SER A 1 94  ? -13.648 -11.820 11.925  1.00 60.25  ? 93  SER A C   1 
ATOM   638  O  O   . SER A 1 94  ? -13.937 -12.102 13.105  1.00 56.15  ? 93  SER A O   1 
ATOM   639  C  CB  . SER A 1 94  ? -13.172 -13.701 10.342  1.00 65.13  ? 93  SER A CB  1 
ATOM   640  O  OG  . SER A 1 94  ? -13.536 -14.209 9.072   1.00 73.90  ? 93  SER A OG  1 
ATOM   641  N  N   . ILE A 1 95  ? -12.939 -10.750 11.564  1.00 62.44  ? 94  ILE A N   1 
ATOM   642  C  CA  . ILE A 1 95  ? -12.332 -9.819  12.561  1.00 70.83  ? 94  ILE A CA  1 
ATOM   643  C  C   . ILE A 1 95  ? -13.456 -9.059  13.277  1.00 70.85  ? 94  ILE A C   1 
ATOM   644  O  O   . ILE A 1 95  ? -13.438 -8.990  14.517  1.00 64.81  ? 94  ILE A O   1 
ATOM   645  C  CB  . ILE A 1 95  ? -11.302 -8.864  11.922  1.00 76.08  ? 94  ILE A CB  1 
ATOM   646  C  CG1 . ILE A 1 95  ? -10.213 -9.607  11.141  1.00 77.96  ? 94  ILE A CG1 1 
ATOM   647  C  CG2 . ILE A 1 95  ? -10.685 -7.979  12.991  1.00 78.27  ? 94  ILE A CG2 1 
ATOM   648  C  CD1 . ILE A 1 95  ? -9.315  -8.697  10.337  1.00 81.53  ? 94  ILE A CD1 1 
ATOM   649  N  N   . CYS A 1 96  ? -14.418 -8.522  12.528  1.00 73.31  ? 95  CYS A N   1 
ATOM   650  C  CA  . CYS A 1 96  ? -15.506 -7.691  13.098  1.00 73.82  ? 95  CYS A CA  1 
ATOM   651  C  C   . CYS A 1 96  ? -16.296 -8.543  14.086  1.00 72.57  ? 95  CYS A C   1 
ATOM   652  O  O   . CYS A 1 96  ? -16.399 -8.130  15.261  1.00 75.36  ? 95  CYS A O   1 
ATOM   653  C  CB  . CYS A 1 96  ? -16.403 -7.120  12.011  1.00 70.49  ? 95  CYS A CB  1 
ATOM   654  S  SG  . CYS A 1 96  ? -15.491 -5.958  10.970  1.00 81.59  ? 95  CYS A SG  1 
ATOM   655  N  N   . ASN A 1 97  ? -16.727 -9.727  13.647  1.00 78.61  ? 96  ASN A N   1 
ATOM   656  C  CA  . ASN A 1 97  ? -17.668 -10.600 14.394  1.00 83.47  ? 96  ASN A CA  1 
ATOM   657  C  C   . ASN A 1 97  ? -16.932 -11.310 15.524  1.00 80.22  ? 96  ASN A C   1 
ATOM   658  O  O   . ASN A 1 97  ? -17.543 -12.214 16.108  1.00 100.06 ? 96  ASN A O   1 
ATOM   659  C  CB  . ASN A 1 97  ? -18.370 -11.591 13.463  1.00 94.30  ? 96  ASN A CB  1 
ATOM   660  C  CG  . ASN A 1 97  ? -19.102 -10.886 12.339  1.00 110.46 ? 96  ASN A CG  1 
ATOM   661  O  OD1 . ASN A 1 97  ? -18.697 -9.808  11.905  1.00 128.87 ? 96  ASN A OD1 1 
ATOM   662  N  ND2 . ASN A 1 97  ? -20.191 -11.473 11.866  1.00 124.06 ? 96  ASN A ND2 1 
ATOM   663  N  N   . THR A 1 98  ? -15.673 -10.947 15.790  1.00 78.47  ? 97  THR A N   1 
ATOM   664  C  CA  . THR A 1 98  ? -14.867 -11.492 16.913  1.00 78.62  ? 97  THR A CA  1 
ATOM   665  C  C   . THR A 1 98  ? -14.466 -10.374 17.871  1.00 70.55  ? 97  THR A C   1 
ATOM   666  O  O   . THR A 1 98  ? -14.622 -10.580 19.082  1.00 65.82  ? 97  THR A O   1 
ATOM   667  C  CB  . THR A 1 98  ? -13.649 -12.269 16.401  1.00 86.16  ? 97  THR A CB  1 
ATOM   668  O  OG1 . THR A 1 98  ? -12.970 -11.494 15.416  1.00 83.16  ? 97  THR A OG1 1 
ATOM   669  C  CG2 . THR A 1 98  ? -14.043 -13.603 15.807  1.00 91.53  ? 97  THR A CG2 1 
ATOM   670  N  N   . THR A 1 99  ? -13.962 -9.253  17.353  1.00 70.16  ? 98  THR A N   1 
ATOM   671  C  CA  . THR A 1 99  ? -13.545 -8.072  18.158  1.00 82.69  ? 98  THR A CA  1 
ATOM   672  C  C   . THR A 1 99  ? -14.783 -7.286  18.607  1.00 92.46  ? 98  THR A C   1 
ATOM   673  O  O   . THR A 1 99  ? -14.902 -7.012  19.812  1.00 101.21 ? 98  THR A O   1 
ATOM   674  C  CB  . THR A 1 99  ? -12.606 -7.147  17.376  1.00 83.69  ? 98  THR A CB  1 
ATOM   675  O  OG1 . THR A 1 99  ? -13.390 -6.386  16.453  1.00 96.01  ? 98  THR A OG1 1 
ATOM   676  C  CG2 . THR A 1 99  ? -11.523 -7.909  16.650  1.00 82.44  ? 98  THR A CG2 1 
ATOM   677  N  N   . GLY A 1 100 ? -15.660 -6.928  17.664  1.00 92.05  ? 99  GLY A N   1 
ATOM   678  C  CA  . GLY A 1 100 ? -16.835 -6.072  17.916  1.00 93.20  ? 99  GLY A CA  1 
ATOM   679  C  C   . GLY A 1 100 ? -16.765 -4.763  17.150  1.00 90.60  ? 99  GLY A C   1 
ATOM   680  O  O   . GLY A 1 100 ? -17.816 -4.099  17.042  1.00 85.83  ? 99  GLY A O   1 
ATOM   681  N  N   . VAL A 1 101 ? -15.585 -4.405  16.632  1.00 81.95  ? 100 VAL A N   1 
ATOM   682  C  CA  . VAL A 1 101 ? -15.377 -3.184  15.788  1.00 83.33  ? 100 VAL A CA  1 
ATOM   683  C  C   . VAL A 1 101 ? -16.336 -3.242  14.597  1.00 80.55  ? 100 VAL A C   1 
ATOM   684  O  O   . VAL A 1 101 ? -16.677 -4.360  14.163  1.00 88.03  ? 100 VAL A O   1 
ATOM   685  C  CB  . VAL A 1 101 ? -13.926 -3.058  15.295  1.00 80.71  ? 100 VAL A CB  1 
ATOM   686  C  CG1 . VAL A 1 101 ? -12.941 -3.020  16.442  1.00 79.99  ? 100 VAL A CG1 1 
ATOM   687  C  CG2 . VAL A 1 101 ? -13.571 -4.175  14.328  1.00 91.12  ? 100 VAL A CG2 1 
ATOM   688  N  N   . GLU A 1 102 ? -16.729 -2.086  14.069  1.00 86.42  ? 101 GLU A N   1 
ATOM   689  C  CA  . GLU A 1 102 ? -17.798 -2.002  13.032  1.00 92.12  ? 101 GLU A CA  1 
ATOM   690  C  C   . GLU A 1 102 ? -17.202 -2.310  11.652  1.00 86.64  ? 101 GLU A C   1 
ATOM   691  O  O   . GLU A 1 102 ? -16.092 -1.827  11.333  1.00 85.41  ? 101 GLU A O   1 
ATOM   692  C  CB  . GLU A 1 102 ? -18.534 -0.657  13.066  1.00 100.98 ? 101 GLU A CB  1 
ATOM   693  C  CG  . GLU A 1 102 ? -17.646 0.574   12.919  1.00 108.72 ? 101 GLU A CG  1 
ATOM   694  C  CD  . GLU A 1 102 ? -17.391 1.320   14.218  1.00 117.09 ? 101 GLU A CD  1 
ATOM   695  O  OE1 . GLU A 1 102 ? -17.590 2.552   14.235  1.00 113.29 ? 101 GLU A OE1 1 
ATOM   696  O  OE2 . GLU A 1 102 ? -17.002 0.663   15.214  1.00 127.35 ? 101 GLU A OE2 1 
ATOM   697  N  N   . LYS A 1 103 ? -17.932 -3.086  10.853  1.00 87.59  ? 102 LYS A N   1 
ATOM   698  C  CA  . LYS A 1 103 ? -17.515 -3.500  9.485   1.00 84.65  ? 102 LYS A CA  1 
ATOM   699  C  C   . LYS A 1 103 ? -17.337 -2.254  8.614   1.00 76.51  ? 102 LYS A C   1 
ATOM   700  O  O   . LYS A 1 103 ? -18.308 -1.573  8.302   1.00 81.31  ? 102 LYS A O   1 
ATOM   701  C  CB  . LYS A 1 103 ? -18.532 -4.494  8.920   1.00 79.60  ? 102 LYS A CB  1 
ATOM   702  C  CG  . LYS A 1 103 ? -18.241 -4.998  7.519   1.00 80.31  ? 102 LYS A CG  1 
ATOM   703  C  CD  . LYS A 1 103 ? -19.187 -6.086  7.091   1.00 79.21  ? 102 LYS A CD  1 
ATOM   704  C  CE  . LYS A 1 103 ? -19.231 -6.257  5.587   1.00 84.42  ? 102 LYS A CE  1 
ATOM   705  N  NZ  . LYS A 1 103 ? -19.981 -7.471  5.183   1.00 84.57  ? 102 LYS A NZ  1 
ATOM   706  N  N   . PRO A 1 104 ? -16.095 -1.895  8.225   1.00 71.28  ? 103 PRO A N   1 
ATOM   707  C  CA  . PRO A 1 104 ? -15.854 -0.687  7.444   1.00 72.19  ? 103 PRO A CA  1 
ATOM   708  C  C   . PRO A 1 104 ? -16.554 -0.763  6.089   1.00 72.94  ? 103 PRO A C   1 
ATOM   709  O  O   . PRO A 1 104 ? -16.995 -1.846  5.712   1.00 72.52  ? 103 PRO A O   1 
ATOM   710  C  CB  . PRO A 1 104 ? -14.335 -0.648  7.251   1.00 75.85  ? 103 PRO A CB  1 
ATOM   711  C  CG  . PRO A 1 104 ? -13.917 -2.091  7.443   1.00 76.55  ? 103 PRO A CG  1 
ATOM   712  C  CD  . PRO A 1 104 ? -14.851 -2.621  8.512   1.00 76.68  ? 103 PRO A CD  1 
ATOM   713  N  N   . LYS A 1 105 ? -16.657 0.390   5.424   1.00 78.35  ? 104 LYS A N   1 
ATOM   714  C  CA  . LYS A 1 105 ? -17.377 0.533   4.133   1.00 82.11  ? 104 LYS A CA  1 
ATOM   715  C  C   . LYS A 1 105 ? -16.490 -0.036  3.025   1.00 78.83  ? 104 LYS A C   1 
ATOM   716  O  O   . LYS A 1 105 ? -17.041 -0.640  2.092   1.00 66.74  ? 104 LYS A O   1 
ATOM   717  C  CB  . LYS A 1 105 ? -17.748 1.994   3.859   1.00 73.33  ? 104 LYS A CB  1 
ATOM   718  N  N   . PHE A 1 106 ? -15.173 0.186   3.109   1.00 84.91  ? 105 PHE A N   1 
ATOM   719  C  CA  . PHE A 1 106 ? -14.198 -0.251  2.075   1.00 91.05  ? 105 PHE A CA  1 
ATOM   720  C  C   . PHE A 1 106 ? -13.036 -1.013  2.722   1.00 84.03  ? 105 PHE A C   1 
ATOM   721  O  O   . PHE A 1 106 ? -12.737 -0.813  3.916   1.00 87.29  ? 105 PHE A O   1 
ATOM   722  C  CB  . PHE A 1 106 ? -13.685 0.938   1.261   1.00 96.10  ? 105 PHE A CB  1 
ATOM   723  C  CG  . PHE A 1 106 ? -14.727 1.986   0.973   1.00 107.95 ? 105 PHE A CG  1 
ATOM   724  C  CD1 . PHE A 1 106 ? -15.900 1.654   0.317   1.00 112.48 ? 105 PHE A CD1 1 
ATOM   725  C  CD2 . PHE A 1 106 ? -14.546 3.295   1.390   1.00 112.26 ? 105 PHE A CD2 1 
ATOM   726  C  CE1 . PHE A 1 106 ? -16.863 2.618   0.064   1.00 117.17 ? 105 PHE A CE1 1 
ATOM   727  C  CE2 . PHE A 1 106 ? -15.513 4.256   1.140   1.00 115.87 ? 105 PHE A CE2 1 
ATOM   728  C  CZ  . PHE A 1 106 ? -16.666 3.918   0.474   1.00 117.72 ? 105 PHE A CZ  1 
ATOM   729  N  N   . LEU A 1 107 ? -12.380 -1.844  1.913   1.00 76.88  ? 106 LEU A N   1 
ATOM   730  C  CA  . LEU A 1 107 ? -11.337 -2.805  2.355   1.00 72.88  ? 106 LEU A CA  1 
ATOM   731  C  C   . LEU A 1 107 ? -10.144 -2.044  2.900   1.00 68.12  ? 106 LEU A C   1 
ATOM   732  O  O   . LEU A 1 107 ? -9.528  -1.259  2.184   1.00 65.31  ? 106 LEU A O   1 
ATOM   733  C  CB  . LEU A 1 107 ? -10.877 -3.668  1.180   1.00 78.80  ? 106 LEU A CB  1 
ATOM   734  C  CG  . LEU A 1 107 ? -11.686 -4.936  0.947   1.00 84.35  ? 106 LEU A CG  1 
ATOM   735  C  CD1 . LEU A 1 107 ? -11.086 -5.722  -0.207  1.00 82.74  ? 106 LEU A CD1 1 
ATOM   736  C  CD2 . LEU A 1 107 ? -11.760 -5.766  2.229   1.00 86.41  ? 106 LEU A CD2 1 
ATOM   737  N  N   . PRO A 1 108 ? -9.757  -2.286  4.167   1.00 65.67  ? 107 PRO A N   1 
ATOM   738  C  CA  . PRO A 1 108 ? -8.498  -1.759  4.684   1.00 64.13  ? 107 PRO A CA  1 
ATOM   739  C  C   . PRO A 1 108 ? -7.291  -2.569  4.181   1.00 63.13  ? 107 PRO A C   1 
ATOM   740  O  O   . PRO A 1 108 ? -7.446  -3.388  3.299   1.00 59.32  ? 107 PRO A O   1 
ATOM   741  C  CB  . PRO A 1 108 ? -8.707  -1.864  6.201   1.00 65.85  ? 107 PRO A CB  1 
ATOM   742  C  CG  . PRO A 1 108 ? -9.608  -3.061  6.371   1.00 61.53  ? 107 PRO A CG  1 
ATOM   743  C  CD  . PRO A 1 108 ? -10.524 -3.041  5.171   1.00 63.17  ? 107 PRO A CD  1 
ATOM   744  N  N   . ASP A 1 109 ? -6.103  -2.282  4.715   1.00 60.43  ? 108 ASP A N   1 
ATOM   745  C  CA  . ASP A 1 109 ? -4.850  -2.971  4.319   1.00 54.52  ? 108 ASP A CA  1 
ATOM   746  C  C   . ASP A 1 109 ? -4.387  -3.847  5.468   1.00 54.15  ? 108 ASP A C   1 
ATOM   747  O  O   . ASP A 1 109 ? -3.848  -4.927  5.177   1.00 59.63  ? 108 ASP A O   1 
ATOM   748  C  CB  . ASP A 1 109 ? -3.762  -1.998  3.879   1.00 53.29  ? 108 ASP A CB  1 
ATOM   749  C  CG  . ASP A 1 109 ? -4.211  -1.208  2.671   1.00 58.92  ? 108 ASP A CG  1 
ATOM   750  O  OD1 . ASP A 1 109 ? -4.808  -1.829  1.791   1.00 58.85  ? 108 ASP A OD1 1 
ATOM   751  O  OD2 . ASP A 1 109 ? -4.000  0.033   2.646   1.00 75.37  ? 108 ASP A OD2 1 
ATOM   752  N  N   . LEU A 1 110 ? -4.551  -3.406  6.710   1.00 52.70  ? 109 LEU A N   1 
ATOM   753  C  CA  . LEU A 1 110 ? -4.197  -4.245  7.892   1.00 59.22  ? 109 LEU A CA  1 
ATOM   754  C  C   . LEU A 1 110 ? -5.311  -4.167  8.929   1.00 60.92  ? 109 LEU A C   1 
ATOM   755  O  O   . LEU A 1 110 ? -6.109  -3.206  8.894   1.00 61.73  ? 109 LEU A O   1 
ATOM   756  C  CB  . LEU A 1 110 ? -2.867  -3.802  8.506   1.00 54.30  ? 109 LEU A CB  1 
ATOM   757  C  CG  . LEU A 1 110 ? -1.652  -3.934  7.588   1.00 63.62  ? 109 LEU A CG  1 
ATOM   758  C  CD1 . LEU A 1 110 ? -0.423  -3.285  8.209   1.00 65.08  ? 109 LEU A CD1 1 
ATOM   759  C  CD2 . LEU A 1 110 ? -1.382  -5.398  7.255   1.00 65.14  ? 109 LEU A CD2 1 
ATOM   760  N  N   . TYR A 1 111 ? -5.385  -5.178  9.786   1.00 56.94  ? 110 TYR A N   1 
ATOM   761  C  CA  . TYR A 1 111 ? -5.971  -5.034  11.130  1.00 56.20  ? 110 TYR A CA  1 
ATOM   762  C  C   . TYR A 1 111 ? -4.833  -5.126  12.132  1.00 59.54  ? 110 TYR A C   1 
ATOM   763  O  O   . TYR A 1 111 ? -3.869  -5.849  11.930  1.00 59.97  ? 110 TYR A O   1 
ATOM   764  C  CB  . TYR A 1 111 ? -7.044  -6.072  11.428  1.00 62.70  ? 110 TYR A CB  1 
ATOM   765  C  CG  . TYR A 1 111 ? -7.794  -5.770  12.698  1.00 68.07  ? 110 TYR A CG  1 
ATOM   766  C  CD1 . TYR A 1 111 ? -7.288  -6.113  13.943  1.00 70.19  ? 110 TYR A CD1 1 
ATOM   767  C  CD2 . TYR A 1 111 ? -9.010  -5.112  12.653  1.00 77.20  ? 110 TYR A CD2 1 
ATOM   768  C  CE1 . TYR A 1 111 ? -7.986  -5.828  15.109  1.00 68.71  ? 110 TYR A CE1 1 
ATOM   769  C  CE2 . TYR A 1 111 ? -9.718  -4.817  13.808  1.00 73.92  ? 110 TYR A CE2 1 
ATOM   770  C  CZ  . TYR A 1 111 ? -9.200  -5.168  15.043  1.00 70.52  ? 110 TYR A CZ  1 
ATOM   771  O  OH  . TYR A 1 111 ? -9.904  -4.880  16.180  1.00 75.31  ? 110 TYR A OH  1 
ATOM   772  N  N   . ASP A 1 112 ? -4.979  -4.379  13.206  1.00 62.99  ? 111 ASP A N   1 
ATOM   773  C  CA  . ASP A 1 112 ? -3.918  -4.087  14.184  1.00 64.06  ? 111 ASP A CA  1 
ATOM   774  C  C   . ASP A 1 112 ? -4.527  -4.429  15.532  1.00 61.08  ? 111 ASP A C   1 
ATOM   775  O  O   . ASP A 1 112 ? -5.401  -3.671  15.980  1.00 69.96  ? 111 ASP A O   1 
ATOM   776  C  CB  . ASP A 1 112 ? -3.505  -2.627  14.004  1.00 76.60  ? 111 ASP A CB  1 
ATOM   777  C  CG  . ASP A 1 112 ? -2.556  -2.097  15.054  1.00 81.99  ? 111 ASP A CG  1 
ATOM   778  O  OD1 . ASP A 1 112 ? -2.841  -2.298  16.246  1.00 69.82  ? 111 ASP A OD1 1 
ATOM   779  O  OD2 . ASP A 1 112 ? -1.535  -1.493  14.666  1.00 104.72 ? 111 ASP A OD2 1 
ATOM   780  N  N   . TYR A 1 113 ? -4.136  -5.567  16.101  1.00 62.40  ? 112 TYR A N   1 
ATOM   781  C  CA  . TYR A 1 113 ? -4.800  -6.170  17.286  1.00 68.86  ? 112 TYR A CA  1 
ATOM   782  C  C   . TYR A 1 113 ? -4.318  -5.531  18.592  1.00 69.91  ? 112 TYR A C   1 
ATOM   783  O  O   . TYR A 1 113 ? -5.145  -5.489  19.512  1.00 83.32  ? 112 TYR A O   1 
ATOM   784  C  CB  . TYR A 1 113 ? -4.517  -7.666  17.442  1.00 70.68  ? 112 TYR A CB  1 
ATOM   785  C  CG  . TYR A 1 113 ? -5.107  -8.614  16.428  1.00 71.05  ? 112 TYR A CG  1 
ATOM   786  C  CD1 . TYR A 1 113 ? -4.371  -8.995  15.321  1.00 75.35  ? 112 TYR A CD1 1 
ATOM   787  C  CD2 . TYR A 1 113 ? -6.339  -9.226  16.624  1.00 73.13  ? 112 TYR A CD2 1 
ATOM   788  C  CE1 . TYR A 1 113 ? -4.860  -9.915  14.406  1.00 74.44  ? 112 TYR A CE1 1 
ATOM   789  C  CE2 . TYR A 1 113 ? -6.849  -10.145 15.716  1.00 70.15  ? 112 TYR A CE2 1 
ATOM   790  C  CZ  . TYR A 1 113 ? -6.106  -10.489 14.595  1.00 73.96  ? 112 TYR A CZ  1 
ATOM   791  O  OH  . TYR A 1 113 ? -6.566  -11.381 13.662  1.00 64.25  ? 112 TYR A OH  1 
ATOM   792  N  N   . LYS A 1 114 ? -3.041  -5.153  18.728  1.00 74.79  ? 113 LYS A N   1 
ATOM   793  C  CA  . LYS A 1 114 ? -2.554  -4.429  19.943  1.00 86.10  ? 113 LYS A CA  1 
ATOM   794  C  C   . LYS A 1 114 ? -3.454  -3.200  20.167  1.00 87.46  ? 113 LYS A C   1 
ATOM   795  O  O   . LYS A 1 114 ? -3.831  -2.935  21.325  1.00 94.70  ? 113 LYS A O   1 
ATOM   796  C  CB  . LYS A 1 114 ? -1.074  -4.042  19.838  1.00 84.73  ? 113 LYS A CB  1 
ATOM   797  C  CG  . LYS A 1 114 ? -0.398  -3.553  21.115  1.00 92.29  ? 113 LYS A CG  1 
ATOM   798  C  CD  . LYS A 1 114 ? 1.011   -3.002  20.870  1.00 92.86  ? 113 LYS A CD  1 
ATOM   799  C  CE  . LYS A 1 114 ? 1.758   -2.620  22.134  1.00 81.27  ? 113 LYS A CE  1 
ATOM   800  N  N   . GLU A 1 115 ? -3.852  -2.523  19.088  1.00 80.51  ? 114 GLU A N   1 
ATOM   801  C  CA  . GLU A 1 115 ? -4.632  -1.263  19.156  1.00 79.29  ? 114 GLU A CA  1 
ATOM   802  C  C   . GLU A 1 115 ? -6.056  -1.464  18.633  1.00 79.47  ? 114 GLU A C   1 
ATOM   803  O  O   . GLU A 1 115 ? -6.791  -0.454  18.608  1.00 81.88  ? 114 GLU A O   1 
ATOM   804  C  CB  . GLU A 1 115 ? -3.917  -0.162  18.369  1.00 83.56  ? 114 GLU A CB  1 
ATOM   805  C  CG  . GLU A 1 115 ? -2.605  0.281   18.993  1.00 84.60  ? 114 GLU A CG  1 
ATOM   806  C  CD  . GLU A 1 115 ? -2.755  0.857   20.390  1.00 93.22  ? 114 GLU A CD  1 
ATOM   807  O  OE1 . GLU A 1 115 ? -1.799  0.736   21.195  1.00 97.71  ? 114 GLU A OE1 1 
ATOM   808  O  OE2 . GLU A 1 115 ? -3.836  1.415   20.681  1.00 94.72  ? 114 GLU A OE2 1 
ATOM   809  N  N   . ASN A 1 116 ? -6.428  -2.679  18.209  1.00 73.96  ? 115 ASN A N   1 
ATOM   810  C  CA  . ASN A 1 116 ? -7.828  -3.033  17.860  1.00 78.19  ? 115 ASN A CA  1 
ATOM   811  C  C   . ASN A 1 116 ? -8.379  -2.068  16.808  1.00 77.18  ? 115 ASN A C   1 
ATOM   812  O  O   . ASN A 1 116 ? -9.361  -1.375  17.106  1.00 85.53  ? 115 ASN A O   1 
ATOM   813  C  CB  . ASN A 1 116 ? -8.744  -2.969  19.084  1.00 84.10  ? 115 ASN A CB  1 
ATOM   814  C  CG  . ASN A 1 116 ? -8.523  -4.108  20.048  1.00 91.24  ? 115 ASN A CG  1 
ATOM   815  O  OD1 . ASN A 1 116 ? -7.909  -3.915  21.097  1.00 99.23  ? 115 ASN A OD1 1 
ATOM   816  N  ND2 . ASN A 1 116 ? -9.010  -5.287  19.682  1.00 83.50  ? 115 ASN A ND2 1 
ATOM   817  N  N   . ARG A 1 117 ? -7.793  -2.004  15.618  1.00 72.12  ? 116 ARG A N   1 
ATOM   818  C  CA  . ARG A 1 117 ? -8.374  -1.147  14.558  1.00 68.37  ? 116 ARG A CA  1 
ATOM   819  C  C   . ARG A 1 117 ? -7.790  -1.526  13.203  1.00 68.22  ? 116 ARG A C   1 
ATOM   820  O  O   . ARG A 1 117 ? -6.646  -2.038  13.150  1.00 61.67  ? 116 ARG A O   1 
ATOM   821  C  CB  . ARG A 1 117 ? -8.123  0.328   14.878  1.00 80.29  ? 116 ARG A CB  1 
ATOM   822  C  CG  . ARG A 1 117 ? -6.706  0.790   14.567  1.00 86.32  ? 116 ARG A CG  1 
ATOM   823  C  CD  . ARG A 1 117 ? -6.283  1.963   15.418  1.00 86.21  ? 116 ARG A CD  1 
ATOM   824  N  NE  . ARG A 1 117 ? -4.839  2.088   15.518  1.00 79.04  ? 116 ARG A NE  1 
ATOM   825  C  CZ  . ARG A 1 117 ? -4.231  2.945   16.325  1.00 78.74  ? 116 ARG A CZ  1 
ATOM   826  N  NH1 . ARG A 1 117 ? -4.946  3.741   17.102  1.00 80.11  ? 116 ARG A NH1 1 
ATOM   827  N  NH2 . ARG A 1 117 ? -2.916  2.998   16.373  1.00 81.90  ? 116 ARG A NH2 1 
ATOM   828  N  N   . PHE A 1 118 ? -8.551  -1.245  12.150  1.00 62.11  ? 117 PHE A N   1 
ATOM   829  C  CA  . PHE A 1 118 ? -8.097  -1.406  10.759  1.00 58.23  ? 117 PHE A CA  1 
ATOM   830  C  C   . PHE A 1 118 ? -7.239  -0.203  10.372  1.00 61.50  ? 117 PHE A C   1 
ATOM   831  O  O   . PHE A 1 118 ? -7.358  0.893   10.965  1.00 71.25  ? 117 PHE A O   1 
ATOM   832  C  CB  . PHE A 1 118 ? -9.284  -1.554  9.817   1.00 64.11  ? 117 PHE A CB  1 
ATOM   833  C  CG  . PHE A 1 118 ? -10.224 -2.662  10.182  1.00 63.56  ? 117 PHE A CG  1 
ATOM   834  C  CD1 . PHE A 1 118 ? -11.177 -2.450  11.149  1.00 68.82  ? 117 PHE A CD1 1 
ATOM   835  C  CD2 . PHE A 1 118 ? -10.164 -3.902  9.565   1.00 65.49  ? 117 PHE A CD2 1 
ATOM   836  C  CE1 . PHE A 1 118 ? -12.055 -3.457  11.495  1.00 67.56  ? 117 PHE A CE1 1 
ATOM   837  C  CE2 . PHE A 1 118 ? -11.041 -4.911  9.918   1.00 65.56  ? 117 PHE A CE2 1 
ATOM   838  C  CZ  . PHE A 1 118 ? -11.991 -4.682  10.877  1.00 63.64  ? 117 PHE A CZ  1 
ATOM   839  N  N   . ILE A 1 119 ? -6.403  -0.418  9.365   1.00 56.43  ? 118 ILE A N   1 
ATOM   840  C  CA  . ILE A 1 119 ? -5.424  0.576   8.863   1.00 59.94  ? 118 ILE A CA  1 
ATOM   841  C  C   . ILE A 1 119 ? -5.505  0.577   7.343   1.00 65.48  ? 118 ILE A C   1 
ATOM   842  O  O   . ILE A 1 119 ? -5.356  -0.492  6.724   1.00 78.37  ? 118 ILE A O   1 
ATOM   843  C  CB  . ILE A 1 119 ? -4.003  0.252   9.347   1.00 63.16  ? 118 ILE A CB  1 
ATOM   844  C  CG1 . ILE A 1 119 ? -3.932  0.220   10.875  1.00 65.04  ? 118 ILE A CG1 1 
ATOM   845  C  CG2 . ILE A 1 119 ? -2.995  1.218   8.735   1.00 62.55  ? 118 ILE A CG2 1 
ATOM   846  C  CD1 . ILE A 1 119 ? -2.640  -0.346  11.418  1.00 65.83  ? 118 ILE A CD1 1 
ATOM   847  N  N   . GLU A 1 120 ? -5.725  1.760   6.779   1.00 71.85  ? 119 GLU A N   1 
ATOM   848  C  CA  . GLU A 1 120 ? -5.478  2.026   5.347   1.00 67.70  ? 119 GLU A CA  1 
ATOM   849  C  C   . GLU A 1 120 ? -4.069  2.584   5.229   1.00 64.54  ? 119 GLU A C   1 
ATOM   850  O  O   . GLU A 1 120 ? -3.704  3.485   6.008   1.00 65.36  ? 119 GLU A O   1 
ATOM   851  C  CB  . GLU A 1 120 ? -6.498  2.995   4.758   1.00 67.89  ? 119 GLU A CB  1 
ATOM   852  C  CG  . GLU A 1 120 ? -6.173  3.404   3.330   1.00 66.79  ? 119 GLU A CG  1 
ATOM   853  C  CD  . GLU A 1 120 ? -6.234  2.301   2.287   1.00 71.25  ? 119 GLU A CD  1 
ATOM   854  O  OE1 . GLU A 1 120 ? -6.758  1.190   2.581   1.00 79.96  ? 119 GLU A OE1 1 
ATOM   855  O  OE2 . GLU A 1 120 ? -5.749  2.555   1.173   1.00 71.77  ? 119 GLU A OE2 1 
ATOM   856  N  N   . ILE A 1 121 ? -3.302  2.053   4.292   1.00 57.66  ? 120 ILE A N   1 
ATOM   857  C  CA  . ILE A 1 121 ? -1.937  2.566   4.036   1.00 60.70  ? 120 ILE A CA  1 
ATOM   858  C  C   . ILE A 1 121 ? -1.957  3.161   2.639   1.00 60.68  ? 120 ILE A C   1 
ATOM   859  O  O   . ILE A 1 121 ? -2.278  2.433   1.689   1.00 61.48  ? 120 ILE A O   1 
ATOM   860  C  CB  . ILE A 1 121 ? -0.884  1.459   4.195   1.00 61.40  ? 120 ILE A CB  1 
ATOM   861  C  CG1 . ILE A 1 121 ? -0.964  0.864   5.603   1.00 65.07  ? 120 ILE A CG1 1 
ATOM   862  C  CG2 . ILE A 1 121 ? 0.498   1.996   3.839   1.00 57.96  ? 120 ILE A CG2 1 
ATOM   863  C  CD1 . ILE A 1 121 ? 0.201   0.000   6.008   1.00 71.36  ? 120 ILE A CD1 1 
ATOM   864  N  N   . GLY A 1 122 ? -1.635  4.443   2.538   1.00 58.55  ? 121 GLY A N   1 
ATOM   865  C  CA  . GLY A 1 122 ? -1.460  5.114   1.240   1.00 57.31  ? 121 GLY A CA  1 
ATOM   866  C  C   . GLY A 1 122 ? -0.004  5.411   0.955   1.00 54.69  ? 121 GLY A C   1 
ATOM   867  O  O   . GLY A 1 122 ? 0.766   5.679   1.894   1.00 56.03  ? 121 GLY A O   1 
ATOM   868  N  N   . VAL A 1 123 ? 0.361   5.384   -0.315  1.00 57.85  ? 122 VAL A N   1 
ATOM   869  C  CA  . VAL A 1 123 ? 1.702   5.818   -0.772  1.00 66.89  ? 122 VAL A CA  1 
ATOM   870  C  C   . VAL A 1 123 ? 1.506   6.797   -1.924  1.00 83.12  ? 122 VAL A C   1 
ATOM   871  O  O   . VAL A 1 123 ? 0.845   6.407   -2.910  1.00 102.98 ? 122 VAL A O   1 
ATOM   872  C  CB  . VAL A 1 123 ? 2.560   4.617   -1.174  1.00 62.97  ? 122 VAL A CB  1 
ATOM   873  C  CG1 . VAL A 1 123 ? 3.869   5.078   -1.792  1.00 57.96  ? 122 VAL A CG1 1 
ATOM   874  C  CG2 . VAL A 1 123 ? 2.787   3.701   0.022   1.00 67.28  ? 122 VAL A CG2 1 
ATOM   875  N  N   . THR A 1 124 ? 2.063   8.005   -1.793  1.00 84.87  ? 123 THR A N   1 
ATOM   876  C  CA  . THR A 1 124 ? 1.673   9.199   -2.585  1.00 85.76  ? 123 THR A CA  1 
ATOM   877  C  C   . THR A 1 124 ? 2.910   9.847   -3.212  1.00 78.16  ? 123 THR A C   1 
ATOM   878  O  O   . THR A 1 124 ? 4.002   9.722   -2.627  1.00 64.05  ? 123 THR A O   1 
ATOM   879  C  CB  . THR A 1 124 ? 0.853   10.147  -1.704  1.00 93.44  ? 123 THR A CB  1 
ATOM   880  O  OG1 . THR A 1 124 ? -0.372  9.504   -1.355  1.00 98.79  ? 123 THR A OG1 1 
ATOM   881  C  CG2 . THR A 1 124 ? 0.511   11.443  -2.396  1.00 98.22  ? 123 THR A CG2 1 
ATOM   882  N  N   . ARG A 1 125 ? 2.742   10.494  -4.366  1.00 77.85  ? 124 ARG A N   1 
ATOM   883  C  CA  . ARG A 1 125 ? 3.806   11.318  -5.001  1.00 93.16  ? 124 ARG A CA  1 
ATOM   884  C  C   . ARG A 1 125 ? 3.393   12.788  -4.937  1.00 92.77  ? 124 ARG A C   1 
ATOM   885  O  O   . ARG A 1 125 ? 3.775   13.562  -5.828  1.00 86.05  ? 124 ARG A O   1 
ATOM   886  C  CB  . ARG A 1 125 ? 4.041   10.890  -6.446  1.00 100.50 ? 124 ARG A CB  1 
ATOM   887  C  CG  . ARG A 1 125 ? 4.293   9.400   -6.617  1.00 109.46 ? 124 ARG A CG  1 
ATOM   888  C  CD  . ARG A 1 125 ? 3.840   8.928   -7.987  1.00 123.24 ? 124 ARG A CD  1 
ATOM   889  N  NE  . ARG A 1 125 ? 2.524   8.293   -7.966  1.00 128.88 ? 124 ARG A NE  1 
ATOM   890  C  CZ  . ARG A 1 125 ? 2.061   7.449   -8.888  1.00 116.78 ? 124 ARG A CZ  1 
ATOM   891  N  NH1 . ARG A 1 125 ? 2.801   7.121   -9.936  1.00 109.01 ? 124 ARG A NH1 1 
ATOM   892  N  NH2 . ARG A 1 125 ? 0.852   6.937   -8.754  1.00 112.31 ? 124 ARG A NH2 1 
ATOM   893  N  N   . ARG A 1 126 ? 2.648   13.140  -3.898  1.00 96.72  ? 125 ARG A N   1 
ATOM   894  C  CA  . ARG A 1 126 ? 2.098   14.497  -3.660  1.00 95.59  ? 125 ARG A CA  1 
ATOM   895  C  C   . ARG A 1 126 ? 2.471   14.874  -2.220  1.00 94.16  ? 125 ARG A C   1 
ATOM   896  O  O   . ARG A 1 126 ? 3.487   14.350  -1.711  1.00 102.72 ? 125 ARG A O   1 
ATOM   897  C  CB  . ARG A 1 126 ? 0.600   14.472  -3.998  1.00 100.41 ? 125 ARG A CB  1 
ATOM   898  C  CG  . ARG A 1 126 ? 0.312   14.040  -5.435  1.00 106.70 ? 125 ARG A CG  1 
ATOM   899  C  CD  . ARG A 1 126 ? -1.020  13.361  -5.750  1.00 108.40 ? 125 ARG A CD  1 
ATOM   900  N  NE  . ARG A 1 126 ? -1.186  11.980  -5.269  1.00 112.99 ? 125 ARG A NE  1 
ATOM   901  C  CZ  . ARG A 1 126 ? -0.672  10.868  -5.820  1.00 99.54  ? 125 ARG A CZ  1 
ATOM   902  N  NH1 . ARG A 1 126 ? -0.920  9.695   -5.266  1.00 86.86  ? 125 ARG A NH1 1 
ATOM   903  N  NH2 . ARG A 1 126 ? 0.096   10.914  -6.896  1.00 95.71  ? 125 ARG A NH2 1 
ATOM   904  N  N   . GLU A 1 127 ? 1.632   15.690  -1.593  1.00 90.79  ? 126 GLU A N   1 
ATOM   905  C  CA  . GLU A 1 127 ? 1.854   16.094  -0.190  1.00 94.87  ? 126 GLU A CA  1 
ATOM   906  C  C   . GLU A 1 127 ? 1.021   15.158  0.672   1.00 81.88  ? 126 GLU A C   1 
ATOM   907  O  O   . GLU A 1 127 ? -0.103  14.867  0.288   1.00 72.18  ? 126 GLU A O   1 
ATOM   908  C  CB  . GLU A 1 127 ? 1.398   17.537  0.029   1.00 103.38 ? 126 GLU A CB  1 
ATOM   909  C  CG  . GLU A 1 127 ? 2.406   18.568  -0.431  1.00 107.51 ? 126 GLU A CG  1 
ATOM   910  C  CD  . GLU A 1 127 ? 3.105   19.333  0.679   1.00 114.70 ? 126 GLU A CD  1 
ATOM   911  O  OE1 . GLU A 1 127 ? 2.453   20.166  1.315   1.00 118.94 ? 126 GLU A OE1 1 
ATOM   912  O  OE2 . GLU A 1 127 ? 4.306   19.110  0.882   1.00 114.45 ? 126 GLU A OE2 1 
ATOM   913  N  N   . VAL A 1 128 ? 1.583   14.695  1.779   1.00 89.54  ? 127 VAL A N   1 
ATOM   914  C  CA  . VAL A 1 128 ? 0.825   13.794  2.702   1.00 103.96 ? 127 VAL A CA  1 
ATOM   915  C  C   . VAL A 1 128 ? -0.516  14.444  3.060   1.00 111.43 ? 127 VAL A C   1 
ATOM   916  O  O   . VAL A 1 128 ? -1.506  13.705  3.237   1.00 90.58  ? 127 VAL A O   1 
ATOM   917  C  CB  . VAL A 1 128 ? 1.628   13.438  3.965   1.00 116.00 ? 127 VAL A CB  1 
ATOM   918  C  CG1 . VAL A 1 128 ? 2.918   12.732  3.591   1.00 121.21 ? 127 VAL A CG1 1 
ATOM   919  C  CG2 . VAL A 1 128 ? 1.896   14.643  4.855   1.00 121.02 ? 127 VAL A CG2 1 
ATOM   920  N  N   . HIS A 1 129 ? -0.553  15.777  3.122   1.00 131.54 ? 128 HIS A N   1 
ATOM   921  C  CA  . HIS A 1 129 ? -1.764  16.570  3.462   1.00 125.73 ? 128 HIS A CA  1 
ATOM   922  C  C   . HIS A 1 129 ? -2.853  16.287  2.427   1.00 115.19 ? 128 HIS A C   1 
ATOM   923  O  O   . HIS A 1 129 ? -3.974  15.969  2.834   1.00 116.25 ? 128 HIS A O   1 
ATOM   924  C  CB  . HIS A 1 129 ? -1.455  18.075  3.566   1.00 132.65 ? 128 HIS A CB  1 
ATOM   925  C  CG  . HIS A 1 129 ? -0.127  18.374  4.181   1.00 135.85 ? 128 HIS A CG  1 
ATOM   926  N  ND1 . HIS A 1 129 ? 1.029   18.474  3.430   1.00 136.39 ? 128 HIS A ND1 1 
ATOM   927  C  CD2 . HIS A 1 129 ? 0.249   18.558  5.464   1.00 133.98 ? 128 HIS A CD2 1 
ATOM   928  C  CE1 . HIS A 1 129 ? 2.056   18.715  4.222   1.00 129.51 ? 128 HIS A CE1 1 
ATOM   929  N  NE2 . HIS A 1 129 ? 1.606   18.768  5.470   1.00 126.88 ? 128 HIS A NE2 1 
ATOM   930  N  N   . ILE A 1 130 ? -2.531  16.376  1.140   1.00 108.89 ? 129 ILE A N   1 
ATOM   931  C  CA  . ILE A 1 130 ? -3.566  16.396  0.068   1.00 115.83 ? 129 ILE A CA  1 
ATOM   932  C  C   . ILE A 1 130 ? -4.120  14.978  -0.118  1.00 115.98 ? 129 ILE A C   1 
ATOM   933  O  O   . ILE A 1 130 ? -5.351  14.843  -0.189  1.00 117.01 ? 129 ILE A O   1 
ATOM   934  C  CB  . ILE A 1 130 ? -3.034  17.032  -1.234  1.00 118.97 ? 129 ILE A CB  1 
ATOM   935  C  CG1 . ILE A 1 130 ? -2.037  16.141  -1.980  1.00 125.28 ? 129 ILE A CG1 1 
ATOM   936  C  CG2 . ILE A 1 130 ? -2.448  18.405  -0.954  1.00 117.60 ? 129 ILE A CG2 1 
ATOM   937  C  CD1 . ILE A 1 130 ? -2.638  15.341  -3.100  1.00 128.86 ? 129 ILE A CD1 1 
ATOM   938  N  N   . TYR A 1 131 ? -3.275  13.945  -0.164  1.00 114.68 ? 130 TYR A N   1 
ATOM   939  C  CA  . TYR A 1 131 ? -3.768  12.547  -0.256  1.00 116.36 ? 130 TYR A CA  1 
ATOM   940  C  C   . TYR A 1 131 ? -4.565  12.273  1.017   1.00 105.05 ? 130 TYR A C   1 
ATOM   941  O  O   . TYR A 1 131 ? -5.726  11.865  0.905   1.00 94.16  ? 130 TYR A O   1 
ATOM   942  C  CB  . TYR A 1 131 ? -2.654  11.515  -0.457  1.00 127.13 ? 130 TYR A CB  1 
ATOM   943  C  CG  . TYR A 1 131 ? -3.142  10.085  -0.514  1.00 137.42 ? 130 TYR A CG  1 
ATOM   944  C  CD1 . TYR A 1 131 ? -3.440  9.381   0.645   1.00 141.77 ? 130 TYR A CD1 1 
ATOM   945  C  CD2 . TYR A 1 131 ? -3.326  9.428   -1.724  1.00 139.36 ? 130 TYR A CD2 1 
ATOM   946  C  CE1 . TYR A 1 131 ? -3.913  8.076   0.607   1.00 139.35 ? 130 TYR A CE1 1 
ATOM   947  C  CE2 . TYR A 1 131 ? -3.780  8.115   -1.780  1.00 136.58 ? 130 TYR A CE2 1 
ATOM   948  C  CZ  . TYR A 1 131 ? -4.084  7.439   -0.610  1.00 136.89 ? 130 TYR A CZ  1 
ATOM   949  O  OH  . TYR A 1 131 ? -4.537  6.147   -0.625  1.00 122.65 ? 130 TYR A OH  1 
ATOM   950  N  N   . TYR A 1 132 ? -3.983  12.547  2.185   1.00 101.24 ? 131 TYR A N   1 
ATOM   951  C  CA  . TYR A 1 132 ? -4.668  12.327  3.484   1.00 103.29 ? 131 TYR A CA  1 
ATOM   952  C  C   . TYR A 1 132 ? -6.073  12.933  3.391   1.00 112.86 ? 131 TYR A C   1 
ATOM   953  O  O   . TYR A 1 132 ? -7.022  12.236  3.787   1.00 108.82 ? 131 TYR A O   1 
ATOM   954  C  CB  . TYR A 1 132 ? -3.870  12.877  4.667   1.00 98.07  ? 131 TYR A CB  1 
ATOM   955  C  CG  . TYR A 1 132 ? -4.347  12.366  6.003   1.00 96.56  ? 131 TYR A CG  1 
ATOM   956  C  CD1 . TYR A 1 132 ? -5.674  12.480  6.383   1.00 94.37  ? 131 TYR A CD1 1 
ATOM   957  C  CD2 . TYR A 1 132 ? -3.477  11.750  6.884   1.00 99.99  ? 131 TYR A CD2 1 
ATOM   958  C  CE1 . TYR A 1 132 ? -6.129  12.009  7.602   1.00 94.43  ? 131 TYR A CE1 1 
ATOM   959  C  CE2 . TYR A 1 132 ? -3.911  11.268  8.109   1.00 98.94  ? 131 TYR A CE2 1 
ATOM   960  C  CZ  . TYR A 1 132 ? -5.241  11.401  8.471   1.00 103.89 ? 131 TYR A CZ  1 
ATOM   961  O  OH  . TYR A 1 132 ? -5.692  10.943  9.676   1.00 124.00 ? 131 TYR A OH  1 
ATOM   962  N  N   . LEU A 1 133 ? -6.210  14.159  2.867   1.00 120.01 ? 132 LEU A N   1 
ATOM   963  C  CA  . LEU A 1 133 ? -7.538  14.799  2.636   1.00 116.41 ? 132 LEU A CA  1 
ATOM   964  C  C   . LEU A 1 133 ? -8.395  13.842  1.800   1.00 110.22 ? 132 LEU A C   1 
ATOM   965  O  O   . LEU A 1 133 ? -9.458  13.417  2.284   1.00 104.87 ? 132 LEU A O   1 
ATOM   966  C  CB  . LEU A 1 133 ? -7.392  16.151  1.917   1.00 119.56 ? 132 LEU A CB  1 
ATOM   967  C  CG  . LEU A 1 133 ? -6.815  17.321  2.718   1.00 122.72 ? 132 LEU A CG  1 
ATOM   968  C  CD1 . LEU A 1 133 ? -6.687  18.566  1.842   1.00 115.84 ? 132 LEU A CD1 1 
ATOM   969  C  CD2 . LEU A 1 133 ? -7.648  17.621  3.957   1.00 121.07 ? 132 LEU A CD2 1 
ATOM   970  N  N   . GLU A 1 134 ? -7.922  13.499  0.601   1.00 108.11 ? 133 GLU A N   1 
ATOM   971  C  CA  . GLU A 1 134 ? -8.665  12.675  -0.389  1.00 115.98 ? 133 GLU A CA  1 
ATOM   972  C  C   . GLU A 1 134 ? -9.130  11.376  0.284   1.00 114.09 ? 133 GLU A C   1 
ATOM   973  O  O   . GLU A 1 134 ? -10.347 11.127  0.304   1.00 118.80 ? 133 GLU A O   1 
ATOM   974  C  CB  . GLU A 1 134 ? -7.798  12.374  -1.615  1.00 123.59 ? 133 GLU A CB  1 
ATOM   975  C  CG  . GLU A 1 134 ? -7.398  13.595  -2.426  1.00 127.74 ? 133 GLU A CG  1 
ATOM   976  C  CD  . GLU A 1 134 ? -6.867  13.249  -3.810  1.00 135.99 ? 133 GLU A CD  1 
ATOM   977  O  OE1 . GLU A 1 134 ? -5.725  13.623  -4.130  1.00 127.07 ? 133 GLU A OE1 1 
ATOM   978  O  OE2 . GLU A 1 134 ? -7.600  12.590  -4.567  1.00 154.77 ? 133 GLU A OE2 1 
ATOM   979  N  N   . LYS A 1 135 ? -8.195  10.592  0.831   1.00 110.89 ? 134 LYS A N   1 
ATOM   980  C  CA  . LYS A 1 135 ? -8.460  9.228   1.371   1.00 103.30 ? 134 LYS A CA  1 
ATOM   981  C  C   . LYS A 1 135 ? -9.232  9.326   2.689   1.00 102.95 ? 134 LYS A C   1 
ATOM   982  O  O   . LYS A 1 135 ? -9.999  8.394   2.970   1.00 113.85 ? 134 LYS A O   1 
ATOM   983  C  CB  . LYS A 1 135 ? -7.161  8.438   1.584   1.00 96.35  ? 134 LYS A CB  1 
ATOM   984  N  N   . ALA A 1 136 ? -9.027  10.379  3.486   1.00 106.08 ? 135 ALA A N   1 
ATOM   985  C  CA  . ALA A 1 136 ? -9.680  10.527  4.810   1.00 106.27 ? 135 ALA A CA  1 
ATOM   986  C  C   . ALA A 1 136 ? -11.174 10.775  4.613   1.00 110.91 ? 135 ALA A C   1 
ATOM   987  O  O   . ALA A 1 136 ? -11.960 10.217  5.386   1.00 121.60 ? 135 ALA A O   1 
ATOM   988  C  CB  . ALA A 1 136 ? -9.044  11.616  5.636   1.00 102.30 ? 135 ALA A CB  1 
ATOM   989  N  N   . ASN A 1 137 ? -11.564 11.561  3.613   1.00 112.87 ? 136 ASN A N   1 
ATOM   990  C  CA  . ASN A 1 137 ? -13.002 11.837  3.360   1.00 122.74 ? 136 ASN A CA  1 
ATOM   991  C  C   . ASN A 1 137 ? -13.533 10.864  2.302   1.00 117.94 ? 136 ASN A C   1 
ATOM   992  O  O   . ASN A 1 137 ? -14.771 10.789  2.166   1.00 119.91 ? 136 ASN A O   1 
ATOM   993  C  CB  . ASN A 1 137 ? -13.248 13.312  3.046   1.00 130.88 ? 136 ASN A CB  1 
ATOM   994  C  CG  . ASN A 1 137 ? -13.052 14.202  4.260   1.00 131.16 ? 136 ASN A CG  1 
ATOM   995  O  OD1 . ASN A 1 137 ? -13.412 13.837  5.379   1.00 134.71 ? 136 ASN A OD1 1 
ATOM   996  N  ND2 . ASN A 1 137 ? -12.471 15.369  4.054   1.00 116.90 ? 136 ASN A ND2 1 
ATOM   997  N  N   . LYS A 1 138 ? -12.654 10.128  1.609   1.00 110.16 ? 137 LYS A N   1 
ATOM   998  C  CA  . LYS A 1 138 ? -13.056 8.941   0.802   1.00 111.08 ? 137 LYS A CA  1 
ATOM   999  C  C   . LYS A 1 138 ? -13.499 7.838   1.771   1.00 110.79 ? 137 LYS A C   1 
ATOM   1000 O  O   . LYS A 1 138 ? -14.532 7.201   1.508   1.00 99.23  ? 137 LYS A O   1 
ATOM   1001 C  CB  . LYS A 1 138 ? -11.925 8.447   -0.112  1.00 105.54 ? 137 LYS A CB  1 
ATOM   1002 N  N   . ILE A 1 139 ? -12.750 7.639   2.861   1.00 118.14 ? 138 ILE A N   1 
ATOM   1003 C  CA  . ILE A 1 139 ? -13.124 6.704   3.961   1.00 123.22 ? 138 ILE A CA  1 
ATOM   1004 C  C   . ILE A 1 139 ? -14.353 7.295   4.665   1.00 125.48 ? 138 ILE A C   1 
ATOM   1005 O  O   . ILE A 1 139 ? -15.449 6.732   4.509   1.00 118.74 ? 138 ILE A O   1 
ATOM   1006 C  CB  . ILE A 1 139 ? -11.943 6.460   4.925   1.00 110.17 ? 138 ILE A CB  1 
ATOM   1007 N  N   . LYS A 1 140 ? -14.173 8.418   5.366   1.00 130.90 ? 139 LYS A N   1 
ATOM   1008 C  CA  . LYS A 1 140 ? -15.220 9.116   6.164   1.00 129.77 ? 139 LYS A CA  1 
ATOM   1009 C  C   . LYS A 1 140 ? -15.925 8.095   7.064   1.00 138.37 ? 139 LYS A C   1 
ATOM   1010 O  O   . LYS A 1 140 ? -17.149 8.205   7.230   1.00 155.13 ? 139 LYS A O   1 
ATOM   1011 C  CB  . LYS A 1 140 ? -16.214 9.826   5.238   1.00 116.82 ? 139 LYS A CB  1 
ATOM   1012 N  N   . SER A 1 141 ? -15.171 7.126   7.597   1.00 134.40 ? 140 SER A N   1 
ATOM   1013 C  CA  . SER A 1 141 ? -15.652 6.035   8.484   1.00 123.94 ? 140 SER A CA  1 
ATOM   1014 C  C   . SER A 1 141 ? -15.097 6.236   9.900   1.00 124.23 ? 140 SER A C   1 
ATOM   1015 O  O   . SER A 1 141 ? -15.431 5.426   10.785  1.00 111.77 ? 140 SER A O   1 
ATOM   1016 C  CB  . SER A 1 141 ? -15.270 4.699   7.906   1.00 117.46 ? 140 SER A CB  1 
ATOM   1017 O  OG  . SER A 1 141 ? -15.451 3.654   8.845   1.00 115.33 ? 140 SER A OG  1 
ATOM   1018 N  N   . GLU A 1 142 ? -14.286 7.284   10.103  1.00 129.72 ? 141 GLU A N   1 
ATOM   1019 C  CA  . GLU A 1 142 ? -13.687 7.647   11.413  1.00 130.19 ? 141 GLU A CA  1 
ATOM   1020 C  C   . GLU A 1 142 ? -12.860 6.467   11.945  1.00 122.09 ? 141 GLU A C   1 
ATOM   1021 O  O   . GLU A 1 142 ? -11.620 6.574   11.937  1.00 107.34 ? 141 GLU A O   1 
ATOM   1022 C  CB  . GLU A 1 142 ? -14.791 8.050   12.392  1.00 133.71 ? 141 GLU A CB  1 
ATOM   1023 N  N   . LYS A 1 143 ? -13.531 5.392   12.376  1.00 109.58 ? 142 LYS A N   1 
ATOM   1024 C  CA  . LYS A 1 143 ? -12.944 4.270   13.160  1.00 100.09 ? 142 LYS A CA  1 
ATOM   1025 C  C   . LYS A 1 143 ? -11.616 3.797   12.545  1.00 93.73  ? 142 LYS A C   1 
ATOM   1026 O  O   . LYS A 1 143 ? -10.612 3.749   13.281  1.00 98.46  ? 142 LYS A O   1 
ATOM   1027 C  CB  . LYS A 1 143 ? -13.961 3.132   13.255  1.00 96.08  ? 142 LYS A CB  1 
ATOM   1028 N  N   . THR A 1 144 ? -11.601 3.468   11.254  1.00 84.02  ? 143 THR A N   1 
ATOM   1029 C  CA  . THR A 1 144 ? -10.401 2.944   10.549  1.00 79.88  ? 143 THR A CA  1 
ATOM   1030 C  C   . THR A 1 144 ? -9.281  3.984   10.592  1.00 77.58  ? 143 THR A C   1 
ATOM   1031 O  O   . THR A 1 144 ? -9.511  5.123   10.181  1.00 85.07  ? 143 THR A O   1 
ATOM   1032 C  CB  . THR A 1 144 ? -10.700 2.598   9.088   1.00 79.60  ? 143 THR A CB  1 
ATOM   1033 O  OG1 . THR A 1 144 ? -11.647 1.526   9.098   1.00 81.78  ? 143 THR A OG1 1 
ATOM   1034 C  CG2 . THR A 1 144 ? -9.449  2.235   8.313   1.00 80.15  ? 143 THR A CG2 1 
ATOM   1035 N  N   . HIS A 1 145 ? -8.103  3.591   11.059  1.00 73.75  ? 144 HIS A N   1 
ATOM   1036 C  CA  . HIS A 1 145 ? -6.889  4.444   11.087  1.00 65.16  ? 144 HIS A CA  1 
ATOM   1037 C  C   . HIS A 1 145 ? -6.380  4.670   9.663   1.00 63.52  ? 144 HIS A C   1 
ATOM   1038 O  O   . HIS A 1 145 ? -6.651  3.832   8.774   1.00 72.29  ? 144 HIS A O   1 
ATOM   1039 C  CB  . HIS A 1 145 ? -5.822  3.768   11.936  1.00 72.56  ? 144 HIS A CB  1 
ATOM   1040 C  CG  . HIS A 1 145 ? -4.906  4.702   12.632  1.00 71.43  ? 144 HIS A CG  1 
ATOM   1041 N  ND1 . HIS A 1 145 ? -5.114  5.088   13.941  1.00 71.17  ? 144 HIS A ND1 1 
ATOM   1042 C  CD2 . HIS A 1 145 ? -3.754  5.276   12.230  1.00 79.03  ? 144 HIS A CD2 1 
ATOM   1043 C  CE1 . HIS A 1 145 ? -4.141  5.899   14.307  1.00 80.93  ? 144 HIS A CE1 1 
ATOM   1044 N  NE2 . HIS A 1 145 ? -3.286  6.019   13.279  1.00 87.88  ? 144 HIS A NE2 1 
ATOM   1045 N  N   . ILE A 1 146 ? -5.656  5.767   9.450   1.00 60.62  ? 145 ILE A N   1 
ATOM   1046 C  CA  . ILE A 1 146 ? -5.025  6.099   8.137   1.00 60.49  ? 145 ILE A CA  1 
ATOM   1047 C  C   . ILE A 1 146 ? -3.547  6.434   8.354   1.00 60.84  ? 145 ILE A C   1 
ATOM   1048 O  O   . ILE A 1 146 ? -3.217  7.050   9.389   1.00 57.42  ? 145 ILE A O   1 
ATOM   1049 C  CB  . ILE A 1 146 ? -5.780  7.240   7.432   1.00 69.60  ? 145 ILE A CB  1 
ATOM   1050 C  CG1 . ILE A 1 146 ? -7.264  6.894   7.297   1.00 78.81  ? 145 ILE A CG1 1 
ATOM   1051 C  CG2 . ILE A 1 146 ? -5.130  7.574   6.086   1.00 71.19  ? 145 ILE A CG2 1 
ATOM   1052 C  CD1 . ILE A 1 146 ? -7.969  7.621   6.184   1.00 81.40  ? 145 ILE A CD1 1 
ATOM   1053 N  N   . HIS A 1 147 ? -2.696  6.055   7.396   1.00 56.89  ? 146 HIS A N   1 
ATOM   1054 C  CA  . HIS A 1 147 ? -1.222  6.220   7.486   1.00 58.07  ? 146 HIS A CA  1 
ATOM   1055 C  C   . HIS A 1 147 ? -0.655  6.401   6.079   1.00 57.75  ? 146 HIS A C   1 
ATOM   1056 O  O   . HIS A 1 147 ? -0.765  5.475   5.257   1.00 66.32  ? 146 HIS A O   1 
ATOM   1057 C  CB  . HIS A 1 147 ? -0.576  5.047   8.231   1.00 49.20  ? 146 HIS A CB  1 
ATOM   1058 C  CG  . HIS A 1 147 ? 0.760   5.390   8.783   1.00 49.34  ? 146 HIS A CG  1 
ATOM   1059 N  ND1 . HIS A 1 147 ? 1.065   5.232   10.126  1.00 54.56  ? 146 HIS A ND1 1 
ATOM   1060 C  CD2 . HIS A 1 147 ? 1.867   5.903   8.204   1.00 48.95  ? 146 HIS A CD2 1 
ATOM   1061 C  CE1 . HIS A 1 147 ? 2.318   5.610   10.336  1.00 49.71  ? 146 HIS A CE1 1 
ATOM   1062 N  NE2 . HIS A 1 147 ? 2.826   6.047   9.181   1.00 47.59  ? 146 HIS A NE2 1 
ATOM   1063 N  N   . ILE A 1 148 ? -0.083  7.565   5.815   1.00 55.44  ? 147 ILE A N   1 
ATOM   1064 C  CA  . ILE A 1 148 ? 0.426   7.921   4.465   1.00 57.38  ? 147 ILE A CA  1 
ATOM   1065 C  C   . ILE A 1 148 ? 1.944   8.046   4.536   1.00 56.95  ? 147 ILE A C   1 
ATOM   1066 O  O   . ILE A 1 148 ? 2.455   8.613   5.509   1.00 60.68  ? 147 ILE A O   1 
ATOM   1067 C  CB  . ILE A 1 148 ? -0.232  9.217   3.959   1.00 60.30  ? 147 ILE A CB  1 
ATOM   1068 C  CG1 . ILE A 1 148 ? -1.760  9.171   4.065   1.00 63.51  ? 147 ILE A CG1 1 
ATOM   1069 C  CG2 . ILE A 1 148 ? 0.220   9.510   2.545   1.00 60.79  ? 147 ILE A CG2 1 
ATOM   1070 C  CD1 . ILE A 1 148 ? -2.377  7.879   3.608   1.00 65.65  ? 147 ILE A CD1 1 
ATOM   1071 N  N   . PHE A 1 149 ? 2.615   7.519   3.521   1.00 51.19  ? 148 PHE A N   1 
ATOM   1072 C  CA  . PHE A 1 149 ? 4.034   7.802   3.208   1.00 56.30  ? 148 PHE A CA  1 
ATOM   1073 C  C   . PHE A 1 149 ? 4.098   8.409   1.807   1.00 57.47  ? 148 PHE A C   1 
ATOM   1074 O  O   . PHE A 1 149 ? 3.226   8.124   0.971   1.00 56.41  ? 148 PHE A O   1 
ATOM   1075 C  CB  . PHE A 1 149 ? 4.904   6.544   3.278   1.00 54.27  ? 148 PHE A CB  1 
ATOM   1076 C  CG  . PHE A 1 149 ? 4.726   5.740   4.536   1.00 55.95  ? 148 PHE A CG  1 
ATOM   1077 C  CD1 . PHE A 1 149 ? 3.654   4.886   4.684   1.00 51.45  ? 148 PHE A CD1 1 
ATOM   1078 C  CD2 . PHE A 1 149 ? 5.647   5.818   5.567   1.00 68.00  ? 148 PHE A CD2 1 
ATOM   1079 C  CE1 . PHE A 1 149 ? 3.488   4.146   5.841   1.00 56.63  ? 148 PHE A CE1 1 
ATOM   1080 C  CE2 . PHE A 1 149 ? 5.482   5.074   6.725   1.00 66.43  ? 148 PHE A CE2 1 
ATOM   1081 C  CZ  . PHE A 1 149 ? 4.407   4.232   6.857   1.00 61.64  ? 148 PHE A CZ  1 
ATOM   1082 N  N   . SER A 1 150 ? 5.118   9.232   1.563   1.00 57.61  ? 149 SER A N   1 
ATOM   1083 C  CA  . SER A 1 150 ? 5.460   9.755   0.220   1.00 57.95  ? 149 SER A CA  1 
ATOM   1084 C  C   . SER A 1 150 ? 6.844   9.260   -0.196  1.00 62.21  ? 149 SER A C   1 
ATOM   1085 O  O   . SER A 1 150 ? 7.563   8.667   0.633   1.00 60.86  ? 149 SER A O   1 
ATOM   1086 C  CB  . SER A 1 150 ? 5.390   11.240  0.202   1.00 62.30  ? 149 SER A CB  1 
ATOM   1087 O  OG  . SER A 1 150 ? 6.584   11.806  0.730   1.00 64.37  ? 149 SER A OG  1 
ATOM   1088 N  N   . PHE A 1 151 ? 7.202   9.529   -1.447  1.00 69.63  ? 150 PHE A N   1 
ATOM   1089 C  CA  . PHE A 1 151 ? 8.499   9.151   -2.046  1.00 72.73  ? 150 PHE A CA  1 
ATOM   1090 C  C   . PHE A 1 151 ? 9.572   10.159  -1.652  1.00 77.48  ? 150 PHE A C   1 
ATOM   1091 O  O   . PHE A 1 151 ? 10.641  10.143  -2.266  1.00 88.72  ? 150 PHE A O   1 
ATOM   1092 C  CB  . PHE A 1 151 ? 8.357   9.057   -3.561  1.00 73.78  ? 150 PHE A CB  1 
ATOM   1093 C  CG  . PHE A 1 151 ? 7.702   7.781   -4.001  1.00 77.65  ? 150 PHE A CG  1 
ATOM   1094 C  CD1 . PHE A 1 151 ? 6.323   7.654   -3.950  1.00 80.26  ? 150 PHE A CD1 1 
ATOM   1095 C  CD2 . PHE A 1 151 ? 8.460   6.697   -4.419  1.00 76.97  ? 150 PHE A CD2 1 
ATOM   1096 C  CE1 . PHE A 1 151 ? 5.710   6.475   -4.344  1.00 76.14  ? 150 PHE A CE1 1 
ATOM   1097 C  CE2 . PHE A 1 151 ? 7.843   5.522   -4.817  1.00 76.40  ? 150 PHE A CE2 1 
ATOM   1098 C  CZ  . PHE A 1 151 ? 6.472   5.413   -4.775  1.00 76.11  ? 150 PHE A CZ  1 
ATOM   1099 N  N   . THR A 1 152 ? 9.286   11.023  -0.681  1.00 85.80  ? 151 THR A N   1 
ATOM   1100 C  CA  . THR A 1 152 ? 10.213  12.100  -0.235  1.00 88.33  ? 151 THR A CA  1 
ATOM   1101 C  C   . THR A 1 152 ? 10.719  11.819  1.188   1.00 86.73  ? 151 THR A C   1 
ATOM   1102 O  O   . THR A 1 152 ? 11.858  12.238  1.509   1.00 91.56  ? 151 THR A O   1 
ATOM   1103 C  CB  . THR A 1 152 ? 9.516   13.453  -0.383  1.00 82.26  ? 151 THR A CB  1 
ATOM   1104 O  OG1 . THR A 1 152 ? 8.241   13.370  0.252   1.00 80.67  ? 151 THR A OG1 1 
ATOM   1105 C  CG2 . THR A 1 152 ? 9.320   13.826  -1.835  1.00 83.33  ? 151 THR A CG2 1 
ATOM   1106 N  N   . GLY A 1 153 ? 9.901   11.144  1.998   1.00 77.51  ? 152 GLY A N   1 
ATOM   1107 C  CA  . GLY A 1 153 ? 10.253  10.669  3.347   1.00 72.59  ? 152 GLY A CA  1 
ATOM   1108 C  C   . GLY A 1 153 ? 9.300   11.190  4.398   1.00 65.44  ? 152 GLY A C   1 
ATOM   1109 O  O   . GLY A 1 153 ? 9.618   11.035  5.583   1.00 61.24  ? 152 GLY A O   1 
ATOM   1110 N  N   . GLU A 1 154 ? 8.184   11.794  3.994   1.00 65.55  ? 153 GLU A N   1 
ATOM   1111 C  CA  . GLU A 1 154 ? 7.175   12.287  4.957   1.00 70.79  ? 153 GLU A CA  1 
ATOM   1112 C  C   . GLU A 1 154 ? 6.132   11.206  5.204   1.00 70.35  ? 153 GLU A C   1 
ATOM   1113 O  O   . GLU A 1 154 ? 5.882   10.380  4.309   1.00 66.87  ? 153 GLU A O   1 
ATOM   1114 C  CB  . GLU A 1 154 ? 6.459   13.540  4.468   1.00 81.93  ? 153 GLU A CB  1 
ATOM   1115 C  CG  . GLU A 1 154 ? 7.326   14.776  4.486   1.00 99.22  ? 153 GLU A CG  1 
ATOM   1116 C  CD  . GLU A 1 154 ? 7.962   15.097  3.149   1.00 108.08 ? 153 GLU A CD  1 
ATOM   1117 O  OE1 . GLU A 1 154 ? 8.000   14.203  2.288   1.00 113.56 ? 153 GLU A OE1 1 
ATOM   1118 O  OE2 . GLU A 1 154 ? 8.390   16.252  2.966   1.00 119.19 ? 153 GLU A OE2 1 
ATOM   1119 N  N   . GLU A 1 155 ? 5.516   11.270  6.378   1.00 70.36  ? 154 GLU A N   1 
ATOM   1120 C  CA  . GLU A 1 155 ? 4.363   10.430  6.747   1.00 67.50  ? 154 GLU A CA  1 
ATOM   1121 C  C   . GLU A 1 155 ? 3.316   11.318  7.406   1.00 66.25  ? 154 GLU A C   1 
ATOM   1122 O  O   . GLU A 1 155 ? 3.622   12.461  7.714   1.00 65.24  ? 154 GLU A O   1 
ATOM   1123 C  CB  . GLU A 1 155 ? 4.810   9.269   7.630   1.00 72.23  ? 154 GLU A CB  1 
ATOM   1124 C  CG  . GLU A 1 155 ? 5.420   9.667   8.955   1.00 68.96  ? 154 GLU A CG  1 
ATOM   1125 C  CD  . GLU A 1 155 ? 5.930   8.474   9.757   1.00 71.11  ? 154 GLU A CD  1 
ATOM   1126 O  OE1 . GLU A 1 155 ? 6.964   8.620   10.426  1.00 80.54  ? 154 GLU A OE1 1 
ATOM   1127 O  OE2 . GLU A 1 155 ? 5.307   7.393   9.704   1.00 62.35  ? 154 GLU A OE2 1 
ATOM   1128 N  N   . MET A 1 156 ? 2.102   10.803  7.545   1.00 72.26  ? 155 MET A N   1 
ATOM   1129 C  CA  . MET A 1 156 ? 0.994   11.511  8.230   1.00 75.73  ? 155 MET A CA  1 
ATOM   1130 C  C   . MET A 1 156 ? -0.010  10.456  8.672   1.00 76.39  ? 155 MET A C   1 
ATOM   1131 O  O   . MET A 1 156 ? -0.367  9.585   7.845   1.00 86.76  ? 155 MET A O   1 
ATOM   1132 C  CB  . MET A 1 156 ? 0.315   12.530  7.310   1.00 87.32  ? 155 MET A CB  1 
ATOM   1133 N  N   . ALA A 1 157 ? -0.408  10.501  9.941   1.00 73.03  ? 156 ALA A N   1 
ATOM   1134 C  CA  . ALA A 1 157 ? -1.271  9.463   10.540  1.00 75.67  ? 156 ALA A CA  1 
ATOM   1135 C  C   . ALA A 1 157 ? -2.365  10.101  11.392  1.00 71.07  ? 156 ALA A C   1 
ATOM   1136 O  O   . ALA A 1 157 ? -2.199  11.228  11.848  1.00 64.37  ? 156 ALA A O   1 
ATOM   1137 C  CB  . ALA A 1 157 ? -0.444  8.487   11.340  1.00 75.45  ? 156 ALA A CB  1 
ATOM   1138 N  N   . THR A 1 158 ? -3.445  9.360   11.609  1.00 72.49  ? 157 THR A N   1 
ATOM   1139 C  CA  . THR A 1 158 ? -4.588  9.793   12.440  1.00 77.71  ? 157 THR A CA  1 
ATOM   1140 C  C   . THR A 1 158 ? -4.096  10.006  13.872  1.00 84.98  ? 157 THR A C   1 
ATOM   1141 O  O   . THR A 1 158 ? -3.335  9.158   14.376  1.00 91.46  ? 157 THR A O   1 
ATOM   1142 C  CB  . THR A 1 158 ? -5.728  8.775   12.376  1.00 78.24  ? 157 THR A CB  1 
ATOM   1143 O  OG1 . THR A 1 158 ? -6.365  8.972   11.114  1.00 87.47  ? 157 THR A OG1 1 
ATOM   1144 C  CG2 . THR A 1 158 ? -6.712  8.915   13.518  1.00 79.99  ? 157 THR A CG2 1 
ATOM   1145 N  N   . LYS A 1 159 ? -4.554  11.085  14.512  1.00 83.01  ? 158 LYS A N   1 
ATOM   1146 C  CA  . LYS A 1 159 ? -4.227  11.428  15.921  1.00 73.92  ? 158 LYS A CA  1 
ATOM   1147 C  C   . LYS A 1 159 ? -2.705  11.483  16.081  1.00 69.63  ? 158 LYS A C   1 
ATOM   1148 O  O   . LYS A 1 159 ? -2.235  11.262  17.206  1.00 73.54  ? 158 LYS A O   1 
ATOM   1149 C  CB  . LYS A 1 159 ? -4.840  10.400  16.878  1.00 73.44  ? 158 LYS A CB  1 
ATOM   1150 C  CG  . LYS A 1 159 ? -6.320  10.580  17.189  1.00 78.12  ? 158 LYS A CG  1 
ATOM   1151 N  N   . ALA A 1 160 ? -1.969  11.742  14.997  1.00 65.17  ? 159 ALA A N   1 
ATOM   1152 C  CA  . ALA A 1 160 ? -0.490  11.707  14.957  1.00 76.74  ? 159 ALA A CA  1 
ATOM   1153 C  C   . ALA A 1 160 ? 0.008   10.430  15.636  1.00 78.36  ? 159 ALA A C   1 
ATOM   1154 O  O   . ALA A 1 160 ? 1.093   10.482  16.265  1.00 73.32  ? 159 ALA A O   1 
ATOM   1155 C  CB  . ALA A 1 160 ? 0.064   12.936  15.629  1.00 83.43  ? 159 ALA A CB  1 
ATOM   1156 N  N   . ASP A 1 161 ? -0.774  9.350   15.535  1.00 79.39  ? 160 ASP A N   1 
ATOM   1157 C  CA  . ASP A 1 161 ? -0.487  8.032   16.160  1.00 74.37  ? 160 ASP A CA  1 
ATOM   1158 C  C   . ASP A 1 161 ? 0.077   7.140   15.062  1.00 70.95  ? 160 ASP A C   1 
ATOM   1159 O  O   . ASP A 1 161 ? -0.727  6.542   14.304  1.00 72.68  ? 160 ASP A O   1 
ATOM   1160 C  CB  . ASP A 1 161 ? -1.732  7.436   16.807  1.00 70.38  ? 160 ASP A CB  1 
ATOM   1161 C  CG  . ASP A 1 161 ? -1.480  6.115   17.506  1.00 73.44  ? 160 ASP A CG  1 
ATOM   1162 O  OD1 . ASP A 1 161 ? -0.295  5.748   17.663  1.00 75.69  ? 160 ASP A OD1 1 
ATOM   1163 O  OD2 . ASP A 1 161 ? -2.472  5.467   17.899  1.00 78.04  ? 160 ASP A OD2 1 
ATOM   1164 N  N   . TYR A 1 162 ? 1.405   7.062   14.990  1.00 65.86  ? 161 TYR A N   1 
ATOM   1165 C  CA  . TYR A 1 162 ? 2.128   6.419   13.868  1.00 66.35  ? 161 TYR A CA  1 
ATOM   1166 C  C   . TYR A 1 162 ? 2.212   4.908   14.066  1.00 63.08  ? 161 TYR A C   1 
ATOM   1167 O  O   . TYR A 1 162 ? 2.857   4.246   13.251  1.00 68.15  ? 161 TYR A O   1 
ATOM   1168 C  CB  . TYR A 1 162 ? 3.486   7.085   13.695  1.00 67.78  ? 161 TYR A CB  1 
ATOM   1169 C  CG  . TYR A 1 162 ? 3.355   8.512   13.241  1.00 71.97  ? 161 TYR A CG  1 
ATOM   1170 C  CD1 . TYR A 1 162 ? 3.175   8.820   11.902  1.00 71.42  ? 161 TYR A CD1 1 
ATOM   1171 C  CD2 . TYR A 1 162 ? 3.360   9.549   14.153  1.00 74.06  ? 161 TYR A CD2 1 
ATOM   1172 C  CE1 . TYR A 1 162 ? 3.047   10.131  11.477  1.00 76.84  ? 161 TYR A CE1 1 
ATOM   1173 C  CE2 . TYR A 1 162 ? 3.237   10.867  13.742  1.00 81.00  ? 161 TYR A CE2 1 
ATOM   1174 C  CZ  . TYR A 1 162 ? 3.070   11.158  12.401  1.00 83.34  ? 161 TYR A CZ  1 
ATOM   1175 O  OH  . TYR A 1 162 ? 2.956   12.456  11.995  1.00 90.85  ? 161 TYR A OH  1 
ATOM   1176 N  N   . THR A 1 163 ? 1.577   4.381   15.110  1.00 64.53  ? 162 THR A N   1 
ATOM   1177 C  CA  . THR A 1 163 ? 1.288   2.936   15.272  1.00 68.48  ? 162 THR A CA  1 
ATOM   1178 C  C   . THR A 1 163 ? 2.587   2.158   15.482  1.00 68.20  ? 162 THR A C   1 
ATOM   1179 O  O   . THR A 1 163 ? 2.634   1.399   16.444  1.00 67.36  ? 162 THR A O   1 
ATOM   1180 C  CB  . THR A 1 163 ? 0.512   2.380   14.072  1.00 76.92  ? 162 THR A CB  1 
ATOM   1181 O  OG1 . THR A 1 163 ? -0.369  3.380   13.546  1.00 83.17  ? 162 THR A OG1 1 
ATOM   1182 C  CG2 . THR A 1 163 ? -0.268  1.136   14.439  1.00 71.42  ? 162 THR A CG2 1 
ATOM   1183 N  N   . LEU A 1 164 ? 3.591   2.334   14.617  1.00 69.76  ? 163 LEU A N   1 
ATOM   1184 C  CA  . LEU A 1 164 ? 4.904   1.638   14.722  1.00 64.46  ? 163 LEU A CA  1 
ATOM   1185 C  C   . LEU A 1 164 ? 5.934   2.511   15.439  1.00 71.22  ? 163 LEU A C   1 
ATOM   1186 O  O   . LEU A 1 164 ? 5.581   3.613   15.899  1.00 75.88  ? 163 LEU A O   1 
ATOM   1187 C  CB  . LEU A 1 164 ? 5.401   1.288   13.320  1.00 60.63  ? 163 LEU A CB  1 
ATOM   1188 C  CG  . LEU A 1 164 ? 4.498   0.367   12.509  1.00 59.85  ? 163 LEU A CG  1 
ATOM   1189 C  CD1 . LEU A 1 164 ? 5.142   0.039   11.173  1.00 56.55  ? 163 LEU A CD1 1 
ATOM   1190 C  CD2 . LEU A 1 164 ? 4.178   -0.908  13.283  1.00 62.76  ? 163 LEU A CD2 1 
ATOM   1191 N  N   . ASP A 1 165 ? 7.175   2.016   15.512  1.00 76.93  ? 164 ASP A N   1 
ATOM   1192 C  CA  . ASP A 1 165 ? 8.356   2.693   16.114  1.00 75.66  ? 164 ASP A CA  1 
ATOM   1193 C  C   . ASP A 1 165 ? 9.079   3.511   15.037  1.00 71.64  ? 164 ASP A C   1 
ATOM   1194 O  O   . ASP A 1 165 ? 8.903   3.231   13.835  1.00 63.42  ? 164 ASP A O   1 
ATOM   1195 C  CB  . ASP A 1 165 ? 9.292   1.663   16.746  1.00 82.76  ? 164 ASP A CB  1 
ATOM   1196 C  CG  . ASP A 1 165 ? 9.451   0.431   15.870  1.00 95.70  ? 164 ASP A CG  1 
ATOM   1197 O  OD1 . ASP A 1 165 ? 8.408   -0.155  15.494  1.00 103.55 ? 164 ASP A OD1 1 
ATOM   1198 O  OD2 . ASP A 1 165 ? 10.602  0.086   15.531  1.00 102.56 ? 164 ASP A OD2 1 
ATOM   1199 N  N   . GLU A 1 166 ? 9.887   4.476   15.466  1.00 69.14  ? 165 GLU A N   1 
ATOM   1200 C  CA  . GLU A 1 166 ? 10.652  5.378   14.569  1.00 69.79  ? 165 GLU A CA  1 
ATOM   1201 C  C   . GLU A 1 166 ? 11.421  4.552   13.528  1.00 72.65  ? 165 GLU A C   1 
ATOM   1202 O  O   . GLU A 1 166 ? 11.399  4.918   12.334  1.00 80.22  ? 165 GLU A O   1 
ATOM   1203 C  CB  . GLU A 1 166 ? 11.600  6.252   15.393  1.00 62.41  ? 165 GLU A CB  1 
ATOM   1204 N  N   . GLU A 1 167 ? 12.053  3.464   13.960  1.00 75.75  ? 166 GLU A N   1 
ATOM   1205 C  CA  . GLU A 1 167 ? 13.082  2.747   13.161  1.00 80.91  ? 166 GLU A CA  1 
ATOM   1206 C  C   . GLU A 1 167 ? 12.435  2.071   11.940  1.00 78.04  ? 166 GLU A C   1 
ATOM   1207 O  O   . GLU A 1 167 ? 13.021  2.160   10.820  1.00 80.99  ? 166 GLU A O   1 
ATOM   1208 C  CB  . GLU A 1 167 ? 13.838  1.779   14.071  1.00 85.49  ? 166 GLU A CB  1 
ATOM   1209 C  CG  . GLU A 1 167 ? 14.531  2.481   15.239  1.00 89.86  ? 166 GLU A CG  1 
ATOM   1210 C  CD  . GLU A 1 167 ? 13.851  2.435   16.601  1.00 92.99  ? 166 GLU A CD  1 
ATOM   1211 O  OE1 . GLU A 1 167 ? 13.332  1.372   16.964  1.00 105.75 ? 166 GLU A OE1 1 
ATOM   1212 O  OE2 . GLU A 1 167 ? 13.879  3.455   17.321  1.00 89.08  ? 166 GLU A OE2 1 
ATOM   1213 N  N   . SER A 1 168 ? 11.262  1.459   12.126  1.00 72.83  ? 167 SER A N   1 
ATOM   1214 C  CA  . SER A 1 168 ? 10.556  0.692   11.062  1.00 73.40  ? 167 SER A CA  1 
ATOM   1215 C  C   . SER A 1 168 ? 10.011  1.647   9.998   1.00 69.59  ? 167 SER A C   1 
ATOM   1216 O  O   . SER A 1 168 ? 10.309  1.450   8.787   1.00 76.38  ? 167 SER A O   1 
ATOM   1217 C  CB  . SER A 1 168 ? 9.468   -0.172  11.636  1.00 74.24  ? 167 SER A CB  1 
ATOM   1218 O  OG  . SER A 1 168 ? 9.873   -0.722  12.876  1.00 75.95  ? 167 SER A OG  1 
ATOM   1219 N  N   . ARG A 1 169 ? 9.250   2.653   10.436  1.00 64.67  ? 168 ARG A N   1 
ATOM   1220 C  CA  . ARG A 1 169 ? 8.738   3.728   9.549   1.00 62.92  ? 168 ARG A CA  1 
ATOM   1221 C  C   . ARG A 1 169 ? 9.912   4.304   8.761   1.00 62.42  ? 168 ARG A C   1 
ATOM   1222 O  O   . ARG A 1 169 ? 9.758   4.578   7.557   1.00 64.36  ? 168 ARG A O   1 
ATOM   1223 C  CB  . ARG A 1 169 ? 8.054   4.812   10.371  1.00 61.83  ? 168 ARG A CB  1 
ATOM   1224 C  CG  . ARG A 1 169 ? 6.794   4.322   11.065  1.00 64.96  ? 168 ARG A CG  1 
ATOM   1225 C  CD  . ARG A 1 169 ? 6.669   4.852   12.470  1.00 65.16  ? 168 ARG A CD  1 
ATOM   1226 N  NE  . ARG A 1 169 ? 6.590   6.296   12.508  1.00 69.42  ? 168 ARG A NE  1 
ATOM   1227 C  CZ  . ARG A 1 169 ? 6.852   7.034   13.578  1.00 73.71  ? 168 ARG A CZ  1 
ATOM   1228 N  NH1 . ARG A 1 169 ? 7.224   6.464   14.713  1.00 71.82  ? 168 ARG A NH1 1 
ATOM   1229 N  NH2 . ARG A 1 169 ? 6.745   8.347   13.500  1.00 76.63  ? 168 ARG A NH2 1 
ATOM   1230 N  N   . ALA A 1 170 ? 11.065  4.423   9.413   1.00 65.53  ? 169 ALA A N   1 
ATOM   1231 C  CA  . ALA A 1 170 ? 12.281  5.011   8.807   1.00 63.34  ? 169 ALA A CA  1 
ATOM   1232 C  C   . ALA A 1 170 ? 12.767  4.095   7.680   1.00 66.67  ? 169 ALA A C   1 
ATOM   1233 O  O   . ALA A 1 170 ? 13.224  4.599   6.631   1.00 62.82  ? 169 ALA A O   1 
ATOM   1234 C  CB  . ALA A 1 170 ? 13.333  5.206   9.870   1.00 69.09  ? 169 ALA A CB  1 
ATOM   1235 N  N   . ARG A 1 171 ? 12.666  2.782   7.900   1.00 73.14  ? 170 ARG A N   1 
ATOM   1236 C  CA  . ARG A 1 171 ? 13.075  1.765   6.905   1.00 70.85  ? 170 ARG A CA  1 
ATOM   1237 C  C   . ARG A 1 171 ? 12.128  1.856   5.698   1.00 61.08  ? 170 ARG A C   1 
ATOM   1238 O  O   . ARG A 1 171 ? 12.593  1.689   4.567   1.00 50.83  ? 170 ARG A O   1 
ATOM   1239 C  CB  . ARG A 1 171 ? 13.077  0.387   7.566   1.00 81.48  ? 170 ARG A CB  1 
ATOM   1240 C  CG  . ARG A 1 171 ? 14.281  -0.484  7.215   1.00 89.01  ? 170 ARG A CG  1 
ATOM   1241 C  CD  . ARG A 1 171 ? 14.020  -1.976  7.404   1.00 92.20  ? 170 ARG A CD  1 
ATOM   1242 N  NE  . ARG A 1 171 ? 12.841  -2.185  8.250   1.00 103.84 ? 170 ARG A NE  1 
ATOM   1243 C  CZ  . ARG A 1 171 ? 11.718  -2.844  7.919   1.00 103.37 ? 170 ARG A CZ  1 
ATOM   1244 N  NH1 . ARG A 1 171 ? 11.594  -3.460  6.753   1.00 105.11 ? 170 ARG A NH1 1 
ATOM   1245 N  NH2 . ARG A 1 171 ? 10.722  -2.907  8.796   1.00 98.04  ? 170 ARG A NH2 1 
ATOM   1246 N  N   . ILE A 1 172 ? 10.849  2.160   5.922   1.00 56.41  ? 171 ILE A N   1 
ATOM   1247 C  CA  . ILE A 1 172 ? 9.851   2.287   4.820   1.00 56.79  ? 171 ILE A CA  1 
ATOM   1248 C  C   . ILE A 1 172 ? 10.180  3.527   3.983   1.00 63.17  ? 171 ILE A C   1 
ATOM   1249 O  O   . ILE A 1 172 ? 10.134  3.436   2.734   1.00 62.95  ? 171 ILE A O   1 
ATOM   1250 C  CB  . ILE A 1 172 ? 8.426   2.320   5.385   1.00 60.40  ? 171 ILE A CB  1 
ATOM   1251 C  CG1 . ILE A 1 172 ? 8.147   1.054   6.205   1.00 59.18  ? 171 ILE A CG1 1 
ATOM   1252 C  CG2 . ILE A 1 172 ? 7.405   2.526   4.266   1.00 62.24  ? 171 ILE A CG2 1 
ATOM   1253 C  CD1 . ILE A 1 172 ? 6.751   0.976   6.778   1.00 59.13  ? 171 ILE A CD1 1 
ATOM   1254 N  N   . LYS A 1 173 ? 10.534  4.635   4.643   1.00 66.17  ? 172 LYS A N   1 
ATOM   1255 C  CA  . LYS A 1 173 ? 10.911  5.904   3.970   1.00 59.49  ? 172 LYS A CA  1 
ATOM   1256 C  C   . LYS A 1 173 ? 12.163  5.670   3.112   1.00 60.97  ? 172 LYS A C   1 
ATOM   1257 O  O   . LYS A 1 173 ? 12.191  6.093   1.930   1.00 62.91  ? 172 LYS A O   1 
ATOM   1258 C  CB  . LYS A 1 173 ? 11.136  6.984   5.023   1.00 63.32  ? 172 LYS A CB  1 
ATOM   1259 C  CG  . LYS A 1 173 ? 9.919   7.319   5.866   1.00 66.38  ? 172 LYS A CG  1 
ATOM   1260 C  CD  . LYS A 1 173 ? 10.259  8.232   7.011   1.00 70.54  ? 172 LYS A CD  1 
ATOM   1261 C  CE  . LYS A 1 173 ? 9.057   8.529   7.881   1.00 77.88  ? 172 LYS A CE  1 
ATOM   1262 N  NZ  . LYS A 1 173 ? 9.435   9.386   9.027   1.00 86.95  ? 172 LYS A NZ  1 
ATOM   1263 N  N   . THR A 1 174 ? 13.165  4.999   3.669   1.00 60.47  ? 173 THR A N   1 
ATOM   1264 C  CA  . THR A 1 174 ? 14.432  4.701   2.955   1.00 63.46  ? 173 THR A CA  1 
ATOM   1265 C  C   . THR A 1 174 ? 14.098  3.960   1.665   1.00 64.82  ? 173 THR A C   1 
ATOM   1266 O  O   . THR A 1 174 ? 14.624  4.350   0.599   1.00 71.25  ? 173 THR A O   1 
ATOM   1267 C  CB  . THR A 1 174 ? 15.371  3.856   3.816   1.00 64.88  ? 173 THR A CB  1 
ATOM   1268 O  OG1 . THR A 1 174 ? 15.361  4.428   5.124   1.00 69.09  ? 173 THR A OG1 1 
ATOM   1269 C  CG2 . THR A 1 174 ? 16.770  3.773   3.250   1.00 67.34  ? 173 THR A CG2 1 
ATOM   1270 N  N   . ARG A 1 175 ? 13.277  2.916   1.776   1.00 62.96  ? 174 ARG A N   1 
ATOM   1271 C  CA  . ARG A 1 175 ? 12.963  2.029   0.633   1.00 69.32  ? 174 ARG A CA  1 
ATOM   1272 C  C   . ARG A 1 175 ? 12.237  2.846   -0.441  1.00 66.45  ? 174 ARG A C   1 
ATOM   1273 O  O   . ARG A 1 175 ? 12.541  2.660   -1.643  1.00 68.52  ? 174 ARG A O   1 
ATOM   1274 C  CB  . ARG A 1 175 ? 12.135  0.816   1.076   1.00 71.44  ? 174 ARG A CB  1 
ATOM   1275 C  CG  . ARG A 1 175 ? 11.623  -0.037  -0.077  1.00 67.66  ? 174 ARG A CG  1 
ATOM   1276 C  CD  . ARG A 1 175 ? 12.720  -0.563  -0.995  1.00 65.15  ? 174 ARG A CD  1 
ATOM   1277 N  NE  . ARG A 1 175 ? 12.159  -1.340  -2.086  1.00 64.01  ? 174 ARG A NE  1 
ATOM   1278 C  CZ  . ARG A 1 175 ? 12.862  -1.943  -3.034  1.00 69.15  ? 174 ARG A CZ  1 
ATOM   1279 N  NH1 . ARG A 1 175 ? 14.182  -1.886  -3.030  1.00 74.84  ? 174 ARG A NH1 1 
ATOM   1280 N  NH2 . ARG A 1 175 ? 12.234  -2.624  -3.979  1.00 69.49  ? 174 ARG A NH2 1 
ATOM   1281 N  N   . LEU A 1 176 ? 11.299  3.704   -0.036  1.00 60.06  ? 175 LEU A N   1 
ATOM   1282 C  CA  . LEU A 1 176 ? 10.539  4.542   -0.999  1.00 58.66  ? 175 LEU A CA  1 
ATOM   1283 C  C   . LEU A 1 176 ? 11.510  5.451   -1.751  1.00 60.12  ? 175 LEU A C   1 
ATOM   1284 O  O   . LEU A 1 176 ? 11.396  5.544   -2.994  1.00 56.46  ? 175 LEU A O   1 
ATOM   1285 C  CB  . LEU A 1 176 ? 9.486   5.337   -0.238  1.00 62.27  ? 175 LEU A CB  1 
ATOM   1286 C  CG  . LEU A 1 176 ? 8.419   4.459   0.410   1.00 63.98  ? 175 LEU A CG  1 
ATOM   1287 C  CD1 . LEU A 1 176 ? 7.505   5.269   1.314   1.00 63.83  ? 175 LEU A CD1 1 
ATOM   1288 C  CD2 . LEU A 1 176 ? 7.623   3.720   -0.653  1.00 65.21  ? 175 LEU A CD2 1 
ATOM   1289 N  N   . PHE A 1 177 ? 12.469  6.049   -1.045  1.00 62.81  ? 176 PHE A N   1 
ATOM   1290 C  CA  . PHE A 1 177 ? 13.407  7.010   -1.676  1.00 63.05  ? 176 PHE A CA  1 
ATOM   1291 C  C   . PHE A 1 177 ? 14.310  6.270   -2.664  1.00 61.08  ? 176 PHE A C   1 
ATOM   1292 O  O   . PHE A 1 177 ? 14.603  6.822   -3.746  1.00 62.47  ? 176 PHE A O   1 
ATOM   1293 C  CB  . PHE A 1 177 ? 14.207  7.813   -0.649  1.00 69.91  ? 176 PHE A CB  1 
ATOM   1294 C  CG  . PHE A 1 177 ? 14.807  9.053   -1.257  1.00 74.25  ? 176 PHE A CG  1 
ATOM   1295 C  CD1 . PHE A 1 177 ? 14.077  10.226  -1.325  1.00 80.33  ? 176 PHE A CD1 1 
ATOM   1296 C  CD2 . PHE A 1 177 ? 16.059  9.018   -1.849  1.00 79.92  ? 176 PHE A CD2 1 
ATOM   1297 C  CE1 . PHE A 1 177 ? 14.606  11.355  -1.927  1.00 85.13  ? 176 PHE A CE1 1 
ATOM   1298 C  CE2 . PHE A 1 177 ? 16.592  10.146  -2.451  1.00 79.92  ? 176 PHE A CE2 1 
ATOM   1299 C  CZ  . PHE A 1 177 ? 15.865  11.313  -2.486  1.00 86.00  ? 176 PHE A CZ  1 
ATOM   1300 N  N   . THR A 1 178 ? 14.776  5.073   -2.314  1.00 64.62  ? 177 THR A N   1 
ATOM   1301 C  CA  . THR A 1 178 ? 15.687  4.316   -3.212  1.00 66.51  ? 177 THR A CA  1 
ATOM   1302 C  C   . THR A 1 178 ? 14.905  3.859   -4.449  1.00 66.88  ? 177 THR A C   1 
ATOM   1303 O  O   . THR A 1 178 ? 15.497  3.875   -5.551  1.00 54.37  ? 177 THR A O   1 
ATOM   1304 C  CB  . THR A 1 178 ? 16.414  3.176   -2.497  1.00 67.63  ? 177 THR A CB  1 
ATOM   1305 O  OG1 . THR A 1 178 ? 17.018  2.362   -3.497  1.00 78.35  ? 177 THR A OG1 1 
ATOM   1306 C  CG2 . THR A 1 178 ? 15.513  2.291   -1.683  1.00 73.27  ? 177 THR A CG2 1 
ATOM   1307 N  N   . ILE A 1 179 ? 13.625  3.500   -4.295  1.00 69.41  ? 178 ILE A N   1 
ATOM   1308 C  CA  . ILE A 1 179 ? 12.732  3.191   -5.459  1.00 64.74  ? 178 ILE A CA  1 
ATOM   1309 C  C   . ILE A 1 179 ? 12.663  4.432   -6.360  1.00 64.80  ? 178 ILE A C   1 
ATOM   1310 O  O   . ILE A 1 179 ? 12.791  4.283   -7.598  1.00 63.40  ? 178 ILE A O   1 
ATOM   1311 C  CB  . ILE A 1 179 ? 11.323  2.738   -5.022  1.00 62.01  ? 178 ILE A CB  1 
ATOM   1312 C  CG1 . ILE A 1 179 ? 11.337  1.358   -4.361  1.00 59.56  ? 178 ILE A CG1 1 
ATOM   1313 C  CG2 . ILE A 1 179 ? 10.361  2.774   -6.200  1.00 59.87  ? 178 ILE A CG2 1 
ATOM   1314 C  CD1 . ILE A 1 179 ? 10.143  1.087   -3.471  1.00 55.28  ? 178 ILE A CD1 1 
ATOM   1315 N  N   . ARG A 1 180 ? 12.449  5.610   -5.775  1.00 63.62  ? 179 ARG A N   1 
ATOM   1316 C  CA  . ARG A 1 180 ? 12.365  6.864   -6.561  1.00 70.47  ? 179 ARG A CA  1 
ATOM   1317 C  C   . ARG A 1 180 ? 13.696  7.087   -7.292  1.00 64.73  ? 179 ARG A C   1 
ATOM   1318 O  O   . ARG A 1 180 ? 13.671  7.506   -8.445  1.00 66.84  ? 179 ARG A O   1 
ATOM   1319 C  CB  . ARG A 1 180 ? 12.021  8.062   -5.674  1.00 78.22  ? 179 ARG A CB  1 
ATOM   1320 C  CG  . ARG A 1 180 ? 12.334  9.389   -6.338  1.00 92.74  ? 179 ARG A CG  1 
ATOM   1321 C  CD  . ARG A 1 180 ? 12.077  10.592  -5.459  1.00 100.18 ? 179 ARG A CD  1 
ATOM   1322 N  NE  . ARG A 1 180 ? 12.228  11.821  -6.229  1.00 106.81 ? 179 ARG A NE  1 
ATOM   1323 C  CZ  . ARG A 1 180 ? 12.044  13.045  -5.748  1.00 113.53 ? 179 ARG A CZ  1 
ATOM   1324 N  NH1 . ARG A 1 180 ? 11.710  13.217  -4.479  1.00 113.50 ? 179 ARG A NH1 1 
ATOM   1325 N  NH2 . ARG A 1 180 ? 12.192  14.092  -6.543  1.00 117.17 ? 179 ARG A NH2 1 
ATOM   1326 N  N   . GLN A 1 181 ? 14.826  6.821   -6.653  1.00 66.02  ? 180 GLN A N   1 
ATOM   1327 C  CA  . GLN A 1 181 ? 16.141  7.020   -7.313  1.00 71.90  ? 180 GLN A CA  1 
ATOM   1328 C  C   . GLN A 1 181 ? 16.300  6.027   -8.467  1.00 76.15  ? 180 GLN A C   1 
ATOM   1329 O  O   . GLN A 1 181 ? 16.846  6.419   -9.511  1.00 76.91  ? 180 GLN A O   1 
ATOM   1330 C  CB  . GLN A 1 181 ? 17.272  6.864   -6.307  1.00 75.54  ? 180 GLN A CB  1 
ATOM   1331 C  CG  . GLN A 1 181 ? 17.309  7.961   -5.257  1.00 73.34  ? 180 GLN A CG  1 
ATOM   1332 C  CD  . GLN A 1 181 ? 18.281  7.592   -4.168  1.00 70.49  ? 180 GLN A CD  1 
ATOM   1333 O  OE1 . GLN A 1 181 ? 17.906  6.983   -3.168  1.00 75.80  ? 180 GLN A OE1 1 
ATOM   1334 N  NE2 . GLN A 1 181 ? 19.548  7.891   -4.400  1.00 53.75  ? 180 GLN A NE2 1 
ATOM   1335 N  N   . GLU A 1 182 ? 15.824  4.793   -8.301  1.00 81.33  ? 181 GLU A N   1 
ATOM   1336 C  CA  . GLU A 1 182 ? 15.968  3.737   -9.340  1.00 77.96  ? 181 GLU A CA  1 
ATOM   1337 C  C   . GLU A 1 182 ? 14.902  3.931   -10.423 1.00 69.89  ? 181 GLU A C   1 
ATOM   1338 O  O   . GLU A 1 182 ? 14.909  3.206   -11.409 1.00 77.49  ? 181 GLU A O   1 
ATOM   1339 C  CB  . GLU A 1 182 ? 15.921  2.353   -8.696  1.00 75.84  ? 181 GLU A CB  1 
ATOM   1340 C  CG  . GLU A 1 182 ? 16.996  2.139   -7.646  1.00 77.57  ? 181 GLU A CG  1 
ATOM   1341 C  CD  . GLU A 1 182 ? 18.311  1.615   -8.207  1.00 86.18  ? 181 GLU A CD  1 
ATOM   1342 O  OE1 . GLU A 1 182 ? 18.754  2.101   -9.271  1.00 83.39  ? 181 GLU A OE1 1 
ATOM   1343 O  OE2 . GLU A 1 182 ? 18.887  0.702   -7.592  1.00 99.68  ? 181 GLU A OE2 1 
ATOM   1344 N  N   . MET A 1 183 ? 14.005  4.885   -10.272 1.00 68.43  ? 182 MET A N   1 
ATOM   1345 C  CA  . MET A 1 183 ? 13.093  5.214   -11.387 1.00 67.52  ? 182 MET A CA  1 
ATOM   1346 C  C   . MET A 1 183 ? 13.690  6.392   -12.139 1.00 71.11  ? 182 MET A C   1 
ATOM   1347 O  O   . MET A 1 183 ? 13.507  6.474   -13.352 1.00 77.76  ? 182 MET A O   1 
ATOM   1348 C  CB  . MET A 1 183 ? 11.714  5.588   -10.865 1.00 61.96  ? 182 MET A CB  1 
ATOM   1349 C  CG  . MET A 1 183 ? 10.982  4.422   -10.310 1.00 58.79  ? 182 MET A CG  1 
ATOM   1350 S  SD  . MET A 1 183 ? 9.240   4.751   -10.486 1.00 60.94  ? 182 MET A SD  1 
ATOM   1351 C  CE  . MET A 1 183 ? 8.549   3.577   -9.328  1.00 61.88  ? 182 MET A CE  1 
ATOM   1352 N  N   . ALA A 1 184 ? 14.368  7.264   -11.406 1.00 73.27  ? 183 ALA A N   1 
ATOM   1353 C  CA  . ALA A 1 184 ? 15.016  8.467   -11.949 1.00 78.38  ? 183 ALA A CA  1 
ATOM   1354 C  C   . ALA A 1 184 ? 16.220  8.037   -12.790 1.00 74.73  ? 183 ALA A C   1 
ATOM   1355 O  O   . ALA A 1 184 ? 16.525  8.710   -13.768 1.00 81.91  ? 183 ALA A O   1 
ATOM   1356 C  CB  . ALA A 1 184 ? 15.391  9.391   -10.818 1.00 82.21  ? 183 ALA A CB  1 
ATOM   1357 N  N   . SER A 1 185 ? 16.874  6.937   -12.452 1.00 77.81  ? 184 SER A N   1 
ATOM   1358 C  CA  . SER A 1 185 ? 18.049  6.507   -13.243 1.00 82.47  ? 184 SER A CA  1 
ATOM   1359 C  C   . SER A 1 185 ? 17.618  6.060   -14.642 1.00 81.72  ? 184 SER A C   1 
ATOM   1360 O  O   . SER A 1 185 ? 18.442  6.165   -15.553 1.00 78.78  ? 184 SER A O   1 
ATOM   1361 C  CB  . SER A 1 185 ? 18.811  5.430   -12.573 1.00 88.07  ? 184 SER A CB  1 
ATOM   1362 O  OG  . SER A 1 185 ? 19.717  4.835   -13.490 1.00 76.44  ? 184 SER A OG  1 
ATOM   1363 N  N   . ARG A 1 186 ? 16.411  5.511   -14.782 1.00 85.49  ? 185 ARG A N   1 
ATOM   1364 C  CA  . ARG A 1 186 ? 15.884  5.006   -16.077 1.00 86.04  ? 185 ARG A CA  1 
ATOM   1365 C  C   . ARG A 1 186 ? 14.806  5.979   -16.544 1.00 84.33  ? 185 ARG A C   1 
ATOM   1366 O  O   . ARG A 1 186 ? 13.792  5.524   -17.093 1.00 85.51  ? 185 ARG A O   1 
ATOM   1367 C  CB  . ARG A 1 186 ? 15.319  3.592   -15.930 1.00 91.58  ? 185 ARG A CB  1 
ATOM   1368 C  CG  . ARG A 1 186 ? 16.342  2.522   -15.585 1.00 90.62  ? 185 ARG A CG  1 
ATOM   1369 C  CD  . ARG A 1 186 ? 15.823  1.784   -14.376 1.00 91.37  ? 185 ARG A CD  1 
ATOM   1370 N  NE  . ARG A 1 186 ? 16.591  0.588   -14.053 1.00 95.67  ? 185 ARG A NE  1 
ATOM   1371 C  CZ  . ARG A 1 186 ? 17.278  0.386   -12.927 1.00 94.07  ? 185 ARG A CZ  1 
ATOM   1372 N  NH1 . ARG A 1 186 ? 17.332  1.318   -11.990 1.00 94.07  ? 185 ARG A NH1 1 
ATOM   1373 N  NH2 . ARG A 1 186 ? 17.933  -0.749  -12.749 1.00 93.46  ? 185 ARG A NH2 1 
ATOM   1374 N  N   . SER A 1 187 ? 15.036  7.271   -16.305 1.00 82.89  ? 186 SER A N   1 
ATOM   1375 C  CA  . SER A 1 187 ? 14.131  8.409   -16.629 1.00 86.09  ? 186 SER A CA  1 
ATOM   1376 C  C   . SER A 1 187 ? 12.659  7.966   -16.714 1.00 79.03  ? 186 SER A C   1 
ATOM   1377 O  O   . SER A 1 187 ? 11.922  8.498   -17.573 1.00 82.57  ? 186 SER A O   1 
ATOM   1378 C  CB  . SER A 1 187 ? 14.593  9.109   -17.885 1.00 92.73  ? 186 SER A CB  1 
ATOM   1379 O  OG  . SER A 1 187 ? 15.140  8.185   -18.813 1.00 101.00 ? 186 SER A OG  1 
ATOM   1380 N  N   . LEU A 1 188 ? 12.217  7.097   -15.799 1.00 73.52  ? 187 LEU A N   1 
ATOM   1381 C  CA  . LEU A 1 188 ? 10.801  6.649   -15.704 1.00 71.34  ? 187 LEU A CA  1 
ATOM   1382 C  C   . LEU A 1 188 ? 10.103  7.419   -14.589 1.00 70.64  ? 187 LEU A C   1 
ATOM   1383 O  O   . LEU A 1 188 ? 8.874   7.271   -14.453 1.00 73.68  ? 187 LEU A O   1 
ATOM   1384 C  CB  . LEU A 1 188 ? 10.734  5.145   -15.424 1.00 71.91  ? 187 LEU A CB  1 
ATOM   1385 C  CG  . LEU A 1 188 ? 11.444  4.225   -16.416 1.00 75.66  ? 187 LEU A CG  1 
ATOM   1386 C  CD1 . LEU A 1 188 ? 11.055  2.777   -16.182 1.00 74.60  ? 187 LEU A CD1 1 
ATOM   1387 C  CD2 . LEU A 1 188 ? 11.131  4.610   -17.856 1.00 81.35  ? 187 LEU A CD2 1 
ATOM   1388 N  N   . TRP A 1 189 ? 10.856  8.186   -13.801 1.00 75.00  ? 188 TRP A N   1 
ATOM   1389 C  CA  . TRP A 1 189 ? 10.322  8.858   -12.590 1.00 80.86  ? 188 TRP A CA  1 
ATOM   1390 C  C   . TRP A 1 189 ? 9.253   9.891   -12.977 1.00 79.37  ? 188 TRP A C   1 
ATOM   1391 O  O   . TRP A 1 189 ? 8.205   9.951   -12.299 1.00 75.42  ? 188 TRP A O   1 
ATOM   1392 C  CB  . TRP A 1 189 ? 11.433  9.505   -11.756 1.00 82.11  ? 188 TRP A CB  1 
ATOM   1393 C  CG  . TRP A 1 189 ? 10.833  10.366  -10.692 1.00 82.89  ? 188 TRP A CG  1 
ATOM   1394 C  CD1 . TRP A 1 189 ? 10.856  11.726  -10.627 1.00 95.71  ? 188 TRP A CD1 1 
ATOM   1395 C  CD2 . TRP A 1 189 ? 10.015  9.930   -9.596  1.00 80.50  ? 188 TRP A CD2 1 
ATOM   1396 N  NE1 . TRP A 1 189 ? 10.149  12.164  -9.542  1.00 90.87  ? 188 TRP A NE1 1 
ATOM   1397 C  CE2 . TRP A 1 189 ? 9.621   11.083  -8.891  1.00 84.55  ? 188 TRP A CE2 1 
ATOM   1398 C  CE3 . TRP A 1 189 ? 9.595   8.685   -9.128  1.00 88.32  ? 188 TRP A CE3 1 
ATOM   1399 C  CZ2 . TRP A 1 189 ? 8.840   11.022  -7.739  1.00 81.36  ? 188 TRP A CZ2 1 
ATOM   1400 C  CZ3 . TRP A 1 189 ? 8.815   8.624   -7.993  1.00 87.25  ? 188 TRP A CZ3 1 
ATOM   1401 C  CH2 . TRP A 1 189 ? 8.435   9.780   -7.315  1.00 78.38  ? 188 TRP A CH2 1 
ATOM   1402 N  N   . ASP A 1 190 ? 9.521   10.703  -13.999 1.00 85.44  ? 189 ASP A N   1 
ATOM   1403 C  CA  . ASP A 1 190 ? 8.663   11.870  -14.332 1.00 92.55  ? 189 ASP A CA  1 
ATOM   1404 C  C   . ASP A 1 190 ? 7.298   11.373  -14.800 1.00 90.40  ? 189 ASP A C   1 
ATOM   1405 O  O   . ASP A 1 190 ? 6.285   11.866  -14.262 1.00 83.93  ? 189 ASP A O   1 
ATOM   1406 C  CB  . ASP A 1 190 ? 9.342   12.791  -15.345 1.00 99.31  ? 189 ASP A CB  1 
ATOM   1407 C  CG  . ASP A 1 190 ? 10.422  13.639  -14.697 1.00 100.84 ? 189 ASP A CG  1 
ATOM   1408 O  OD1 . ASP A 1 190 ? 10.145  14.225  -13.632 1.00 100.09 ? 189 ASP A OD1 1 
ATOM   1409 O  OD2 . ASP A 1 190 ? 11.533  13.680  -15.240 1.00 102.97 ? 189 ASP A OD2 1 
ATOM   1410 N  N   . SER A 1 191 ? 7.283   10.417  -15.735 1.00 87.88  ? 190 SER A N   1 
ATOM   1411 C  CA  . SER A 1 191 ? 6.045   9.755   -16.226 1.00 86.73  ? 190 SER A CA  1 
ATOM   1412 C  C   . SER A 1 191 ? 5.276   9.206   -15.024 1.00 83.08  ? 190 SER A C   1 
ATOM   1413 O  O   . SER A 1 191 ? 4.043   9.284   -15.034 1.00 84.12  ? 190 SER A O   1 
ATOM   1414 C  CB  . SER A 1 191 ? 6.341   8.662   -17.223 1.00 88.01  ? 190 SER A CB  1 
ATOM   1415 O  OG  . SER A 1 191 ? 7.502   8.973   -17.975 1.00 94.10  ? 190 SER A OG  1 
ATOM   1416 N  N   . PHE A 1 192 ? 5.994   8.664   -14.037 1.00 83.78  ? 191 PHE A N   1 
ATOM   1417 C  CA  . PHE A 1 192 ? 5.392   7.966   -12.877 1.00 84.48  ? 191 PHE A CA  1 
ATOM   1418 C  C   . PHE A 1 192 ? 4.744   9.001   -11.959 1.00 90.10  ? 191 PHE A C   1 
ATOM   1419 O  O   . PHE A 1 192 ? 3.589   8.789   -11.531 1.00 89.12  ? 191 PHE A O   1 
ATOM   1420 C  CB  . PHE A 1 192 ? 6.431   7.116   -12.144 1.00 84.02  ? 191 PHE A CB  1 
ATOM   1421 C  CG  . PHE A 1 192 ? 5.861   6.308   -11.001 1.00 81.04  ? 191 PHE A CG  1 
ATOM   1422 C  CD1 . PHE A 1 192 ? 5.016   5.232   -11.237 1.00 75.96  ? 191 PHE A CD1 1 
ATOM   1423 C  CD2 . PHE A 1 192 ? 6.145   6.634   -9.682  1.00 75.56  ? 191 PHE A CD2 1 
ATOM   1424 C  CE1 . PHE A 1 192 ? 4.480   4.496   -10.190 1.00 70.50  ? 191 PHE A CE1 1 
ATOM   1425 C  CE2 . PHE A 1 192 ? 5.615   5.889   -8.637  1.00 73.01  ? 191 PHE A CE2 1 
ATOM   1426 C  CZ  . PHE A 1 192 ? 4.783   4.822   -8.891  1.00 69.03  ? 191 PHE A CZ  1 
ATOM   1427 N  N   . ARG A 1 193 ? 5.496   10.062  -11.650 1.00 102.40 ? 192 ARG A N   1 
ATOM   1428 C  CA  . ARG A 1 193 ? 5.042   11.224  -10.838 1.00 103.65 ? 192 ARG A CA  1 
ATOM   1429 C  C   . ARG A 1 193 ? 3.645   11.627  -11.316 1.00 100.92 ? 192 ARG A C   1 
ATOM   1430 O  O   . ARG A 1 193 ? 2.707   11.575  -10.498 1.00 93.36  ? 192 ARG A O   1 
ATOM   1431 C  CB  . ARG A 1 193 ? 6.039   12.378  -10.980 1.00 104.63 ? 192 ARG A CB  1 
ATOM   1432 C  CG  . ARG A 1 193 ? 5.911   13.444  -9.901  1.00 99.14  ? 192 ARG A CG  1 
ATOM   1433 C  CD  . ARG A 1 193 ? 7.142   14.328  -9.845  1.00 98.42  ? 192 ARG A CD  1 
ATOM   1434 N  NE  . ARG A 1 193 ? 7.355   14.841  -8.497  1.00 103.70 ? 192 ARG A NE  1 
ATOM   1435 C  CZ  . ARG A 1 193 ? 8.530   15.200  -7.968  1.00 98.57  ? 192 ARG A CZ  1 
ATOM   1436 N  NH1 . ARG A 1 193 ? 9.664   15.115  -8.656  1.00 93.00  ? 192 ARG A NH1 1 
ATOM   1437 N  NH2 . ARG A 1 193 ? 8.559   15.647  -6.724  1.00 89.80  ? 192 ARG A NH2 1 
ATOM   1438 N  N   . GLN A 1 194 ? 3.530   11.948  -12.609 1.00 97.34  ? 193 GLN A N   1 
ATOM   1439 C  CA  . GLN A 1 194 ? 2.247   12.251  -13.296 1.00 95.00  ? 193 GLN A CA  1 
ATOM   1440 C  C   . GLN A 1 194 ? 1.322   11.030  -13.146 1.00 92.25  ? 193 GLN A C   1 
ATOM   1441 O  O   . GLN A 1 194 ? 1.675   9.931   -13.623 1.00 88.02  ? 193 GLN A O   1 
ATOM   1442 C  CB  . GLN A 1 194 ? 2.512   12.644  -14.751 1.00 83.85  ? 193 GLN A CB  1 
ATOM   1443 N  N   . SER A 1 195 ? 0.194   11.219  -12.465 1.00 89.10  ? 194 SER A N   1 
ATOM   1444 C  CA  . SER A 1 195 ? -0.772  10.165  -12.057 1.00 86.46  ? 194 SER A CA  1 
ATOM   1445 C  C   . SER A 1 195 ? -0.557  9.842   -10.577 1.00 92.21  ? 194 SER A C   1 
ATOM   1446 O  O   . SER A 1 195 ? 0.560   9.829   -10.073 1.00 105.43 ? 194 SER A O   1 
ATOM   1447 C  CB  . SER A 1 195 ? -0.677  8.923   -12.905 1.00 76.51  ? 194 SER A CB  1 
ATOM   1448 O  OG  . SER A 1 195 ? -1.899  8.201   -12.841 1.00 79.31  ? 194 SER A OG  1 
HETATM 1449 C  C10 . R3J B 2 .   ? -4.318  1.684   -1.609  1.00 70.97  ? 201 R3J A C10 1 
HETATM 1450 C  C11 . R3J B 2 .   ? -5.088  1.927   -3.884  1.00 77.70  ? 201 R3J A C11 1 
HETATM 1451 C  C12 . R3J B 2 .   ? -5.027  2.606   -5.234  1.00 78.60  ? 201 R3J A C12 1 
HETATM 1452 C  C21 . R3J B 2 .   ? -8.659  -1.743  -6.239  1.00 119.52 ? 201 R3J A C21 1 
HETATM 1453 C  C22 . R3J B 2 .   ? -8.166  -1.389  -7.469  1.00 113.74 ? 201 R3J A C22 1 
HETATM 1454 C  C23 . R3J B 2 .   ? -6.450  2.681   -5.797  1.00 74.19  ? 201 R3J A C23 1 
HETATM 1455 C  C24 . R3J B 2 .   ? -4.046  1.846   -6.134  1.00 71.62  ? 201 R3J A C24 1 
HETATM 1456 C  C01 . R3J B 2 .   ? -6.180  -1.332  -8.771  1.00 104.99 ? 201 R3J A C01 1 
HETATM 1457 O  O01 . R3J B 2 .   ? -7.018  -2.061  -7.926  1.00 108.09 ? 201 R3J A O01 1 
HETATM 1458 N  N01 . R3J B 2 .   ? -8.735  -0.475  -8.252  1.00 105.20 ? 201 R3J A N01 1 
HETATM 1459 C  C02 . R3J B 2 .   ? -9.839  0.158   -7.816  1.00 104.72 ? 201 R3J A C02 1 
HETATM 1460 C  C03 . R3J B 2 .   ? -10.376 -0.163  -6.549  1.00 109.45 ? 201 R3J A C03 1 
HETATM 1461 C  C04 . R3J B 2 .   ? -9.775  -1.122  -5.763  1.00 116.57 ? 201 R3J A C04 1 
HETATM 1462 C  C05 . R3J B 2 .   ? -10.386 -1.461  -4.386  1.00 111.21 ? 201 R3J A C05 1 
HETATM 1463 C  C06 . R3J B 2 .   ? -9.355  -1.770  -3.283  1.00 101.24 ? 201 R3J A C06 1 
HETATM 1464 N  N02 . R3J B 2 .   ? -8.305  -0.774  -3.275  1.00 92.52  ? 201 R3J A N02 1 
HETATM 1465 C  C07 . R3J B 2 .   ? -7.160  -0.865  -2.391  1.00 85.67  ? 201 R3J A C07 1 
HETATM 1466 O  O02 . R3J B 2 .   ? -7.018  -1.776  -1.650  1.00 82.21  ? 201 R3J A O02 1 
HETATM 1467 C  C08 . R3J B 2 .   ? -6.118  0.254   -2.476  1.00 91.24  ? 201 R3J A C08 1 
HETATM 1468 C  C09 . R3J B 2 .   ? -5.280  0.629   -1.418  1.00 82.36  ? 201 R3J A C09 1 
HETATM 1469 O  O03 . R3J B 2 .   ? -5.352  -0.003  -0.179  1.00 89.99  ? 201 R3J A O03 1 
HETATM 1470 O  O04 . R3J B 2 .   ? -3.494  2.086   -0.574  1.00 64.33  ? 201 R3J A O04 1 
HETATM 1471 N  N03 . R3J B 2 .   ? -4.221  2.313   -2.804  1.00 75.07  ? 201 R3J A N03 1 
HETATM 1472 N  N04 . R3J B 2 .   ? -6.012  0.916   -3.707  1.00 83.65  ? 201 R3J A N04 1 
HETATM 1473 N  N05 . R3J B 2 .   ? -4.562  3.960   -5.015  1.00 84.05  ? 201 R3J A N05 1 
HETATM 1474 MN MN  . MN  C 3 .   ? -5.924  -1.924  0.049   1.00 70.94  ? 202 MN  A MN  1 
HETATM 1475 MN MN  . MN  D 3 .   ? -3.961  1.241   0.966   1.00 65.96  ? 203 MN  A MN  1 
HETATM 1476 S  S   . SO4 E 4 .   ? -19.202 -8.837  1.407   1.00 150.75 ? 204 SO4 A S   1 
HETATM 1477 O  O1  . SO4 E 4 .   ? -19.346 -7.814  0.398   1.00 149.98 ? 204 SO4 A O1  1 
HETATM 1478 O  O2  . SO4 E 4 .   ? -18.153 -9.741  1.019   1.00 145.21 ? 204 SO4 A O2  1 
HETATM 1479 O  O3  . SO4 E 4 .   ? -20.435 -9.568  1.541   1.00 149.29 ? 204 SO4 A O3  1 
HETATM 1480 O  O4  . SO4 E 4 .   ? -18.877 -8.233  2.674   1.00 140.78 ? 204 SO4 A O4  1 
HETATM 1481 O  O   . HOH F 5 .   ? -6.983  -1.313  1.290   1.00 72.88  ? 301 HOH A O   1 
HETATM 1482 O  O   . HOH F 5 .   ? 4.322   -4.024  20.309  1.00 59.09  ? 302 HOH A O   1 
HETATM 1483 O  O   . HOH F 5 .   ? -5.332  -3.124  -6.154  1.00 52.62  ? 303 HOH A O   1 
HETATM 1484 O  O   . HOH F 5 .   ? -13.899 -6.154  -9.080  1.00 69.66  ? 304 HOH A O   1 
HETATM 1485 O  O   . HOH F 5 .   ? -7.105  -4.068  0.623   1.00 55.22  ? 305 HOH A O   1 
HETATM 1486 O  O   . HOH F 5 .   ? 5.706   12.657  11.160  1.00 65.19  ? 306 HOH A O   1 
HETATM 1487 O  O   . HOH F 5 .   ? -7.692  4.139   17.895  1.00 64.58  ? 307 HOH A O   1 
HETATM 1488 O  O   . HOH F 5 .   ? -1.537  3.673   -2.135  1.00 59.63  ? 308 HOH A O   1 
HETATM 1489 O  O   . HOH F 5 .   ? 8.286   1.578   -20.361 1.00 45.85  ? 309 HOH A O   1 
HETATM 1490 O  O   . HOH F 5 .   ? -13.821 -4.232  -2.377  1.00 59.12  ? 310 HOH A O   1 
HETATM 1491 O  O   . HOH F 5 .   ? 9.626   5.183   18.617  1.00 59.22  ? 311 HOH A O   1 
HETATM 1492 O  O   . HOH F 5 .   ? -8.238  -15.292 9.018   1.00 51.58  ? 312 HOH A O   1 
HETATM 1493 O  O   . HOH F 5 .   ? -2.916  -15.687 7.191   1.00 49.69  ? 313 HOH A O   1 
HETATM 1494 O  O   . HOH F 5 .   ? 17.395  -1.820  -1.960  1.00 67.06  ? 314 HOH A O   1 
HETATM 1495 O  O   . HOH F 5 .   ? 9.456   0.491   -23.811 1.00 57.72  ? 315 HOH A O   1 
HETATM 1496 O  O   . HOH F 5 .   ? -7.116  2.665   -8.802  1.00 55.92  ? 316 HOH A O   1 
HETATM 1497 O  O   . HOH F 5 .   ? 13.402  -5.733  -2.075  1.00 51.86  ? 317 HOH A O   1 
HETATM 1498 O  O   . HOH F 5 .   ? -0.893  3.801   -15.961 1.00 44.72  ? 318 HOH A O   1 
HETATM 1499 O  O   . HOH F 5 .   ? -14.444 -5.007  -13.814 1.00 79.06  ? 319 HOH A O   1 
HETATM 1500 O  O   . HOH F 5 .   ? 6.435   -0.113  -25.106 1.00 59.09  ? 320 HOH A O   1 
HETATM 1501 O  O   . HOH F 5 .   ? 10.263  14.199  8.935   1.00 56.97  ? 321 HOH A O   1 
HETATM 1502 O  O   . HOH F 5 .   ? -6.012  9.474   -10.084 1.00 71.68  ? 322 HOH A O   1 
HETATM 1503 O  O   . HOH F 5 .   ? 0.654   17.338  -8.387  1.00 65.84  ? 323 HOH A O   1 
# 
loop_
_pdbx_poly_seq_scheme.asym_id 
_pdbx_poly_seq_scheme.entity_id 
_pdbx_poly_seq_scheme.seq_id 
_pdbx_poly_seq_scheme.mon_id 
_pdbx_poly_seq_scheme.ndb_seq_num 
_pdbx_poly_seq_scheme.pdb_seq_num 
_pdbx_poly_seq_scheme.auth_seq_num 
_pdbx_poly_seq_scheme.pdb_mon_id 
_pdbx_poly_seq_scheme.auth_mon_id 
_pdbx_poly_seq_scheme.pdb_strand_id 
_pdbx_poly_seq_scheme.pdb_ins_code 
_pdbx_poly_seq_scheme.hetero 
A 1 1   MET 1   -19 ?   ?   ?   A . n 
A 1 2   GLY 2   -18 ?   ?   ?   A . n 
A 1 3   SER 3   -17 ?   ?   ?   A . n 
A 1 4   SER 4   -16 ?   ?   ?   A . n 
A 1 5   HIS 5   -15 ?   ?   ?   A . n 
A 1 6   HIS 6   -14 ?   ?   ?   A . n 
A 1 7   HIS 7   -13 ?   ?   ?   A . n 
A 1 8   HIS 8   -12 ?   ?   ?   A . n 
A 1 9   HIS 9   -11 ?   ?   ?   A . n 
A 1 10  HIS 10  -10 ?   ?   ?   A . n 
A 1 11  SER 11  -9  ?   ?   ?   A . n 
A 1 12  SER 12  -8  ?   ?   ?   A . n 
A 1 13  GLY 13  -7  ?   ?   ?   A . n 
A 1 14  LEU 14  -6  -6  LEU LEU A . n 
A 1 15  VAL 15  -5  -5  VAL VAL A . n 
A 1 16  PRO 16  -4  -4  PRO PRO A . n 
A 1 17  ARG 17  -3  -3  ARG ARG A . n 
A 1 18  GLY 18  -2  -2  GLY GLY A . n 
A 1 19  SER 19  -1  -1  SER SER A . n 
A 1 20  HIS 20  0   0   HIS HIS A . n 
A 1 21  MET 21  1   1   MET MET A . n 
A 1 22  GLU 22  2   2   GLU GLU A . n 
A 1 23  ASP 23  3   3   ASP ASP A . n 
A 1 24  PHE 24  4   4   PHE PHE A . n 
A 1 25  VAL 25  5   5   VAL VAL A . n 
A 1 26  ARG 26  6   6   ARG ARG A . n 
A 1 27  GLN 27  7   7   GLN GLN A . n 
A 1 28  CYS 28  8   8   CYS CYS A . n 
A 1 29  PHE 29  9   9   PHE PHE A . n 
A 1 30  ASN 30  10  10  ASN ASN A . n 
A 1 31  PRO 31  11  11  PRO PRO A . n 
A 1 32  MET 32  12  12  MET MET A . n 
A 1 33  ILE 33  13  13  ILE ILE A . n 
A 1 34  VAL 34  14  14  VAL VAL A . n 
A 1 35  GLU 35  15  15  GLU GLU A . n 
A 1 36  LEU 36  16  16  LEU LEU A . n 
A 1 37  ALA 37  17  17  ALA ALA A . n 
A 1 38  GLU 38  18  18  GLU GLU A . n 
A 1 39  LYS 39  19  19  LYS LYS A . n 
A 1 40  ALA 40  20  20  ALA ALA A . n 
A 1 41  MET 41  21  21  MET MET A . n 
A 1 42  LYS 42  22  22  LYS LYS A . n 
A 1 43  GLU 43  23  23  GLU GLU A . n 
A 1 44  TYR 44  24  24  TYR TYR A . n 
A 1 45  GLY 45  25  25  GLY GLY A . n 
A 1 46  GLU 46  26  26  GLU GLU A . n 
A 1 47  ASP 47  27  27  ASP ASP A . n 
A 1 48  PRO 48  28  28  PRO PRO A . n 
A 1 49  LYS 49  29  29  LYS LYS A . n 
A 1 50  ILE 50  30  30  ILE ILE A . n 
A 1 51  GLU 51  31  31  GLU GLU A . n 
A 1 52  THR 52  32  32  THR THR A . n 
A 1 53  ASN 53  33  33  ASN ASN A . n 
A 1 54  LYS 54  34  34  LYS LYS A . n 
A 1 55  PHE 55  35  35  PHE PHE A . n 
A 1 56  ALA 56  36  36  ALA ALA A . n 
A 1 57  ALA 57  37  37  ALA ALA A . n 
A 1 58  THR 58  38  38  THR THR A . n 
A 1 59  CYS 59  39  39  CYS CYS A . n 
A 1 60  THR 60  40  40  THR THR A . n 
A 1 61  HIS 61  41  41  HIS HIS A . n 
A 1 62  LEU 62  42  42  LEU LEU A . n 
A 1 63  GLU 63  43  43  GLU GLU A . n 
A 1 64  VAL 64  44  44  VAL VAL A . n 
A 1 65  CYS 65  45  45  CYS CYS A . n 
A 1 66  PHE 66  46  46  PHE PHE A . n 
A 1 67  MET 67  47  47  MET MET A . n 
A 1 68  TYR 68  48  48  TYR TYR A . n 
A 1 69  SER 69  49  49  SER SER A . n 
A 1 70  ASP 70  50  50  ASP ASP A . n 
A 1 71  GLY 71  51  51  GLY GLY A . n 
A 1 72  GLY 72  52  52  GLY GLY A . n 
A 1 73  SER 73  53  53  SER SER A . n 
A 1 74  LYS 74  73  73  LYS LYS A . n 
A 1 75  HIS 75  74  74  HIS HIS A . n 
A 1 76  ARG 76  75  75  ARG ARG A . n 
A 1 77  PHE 77  76  76  PHE PHE A . n 
A 1 78  GLU 78  77  77  GLU GLU A . n 
A 1 79  ILE 79  78  78  ILE ILE A . n 
A 1 80  ILE 80  79  79  ILE ILE A . n 
A 1 81  GLU 81  80  80  GLU GLU A . n 
A 1 82  GLY 82  81  81  GLY GLY A . n 
A 1 83  ARG 83  82  82  ARG ARG A . n 
A 1 84  ASP 84  83  83  ASP ASP A . n 
A 1 85  ARG 85  84  84  ARG ARG A . n 
A 1 86  ILE 86  85  85  ILE ILE A . n 
A 1 87  MET 87  86  86  MET MET A . n 
A 1 88  ALA 88  87  87  ALA ALA A . n 
A 1 89  TRP 89  88  88  TRP TRP A . n 
A 1 90  THR 90  89  89  THR THR A . n 
A 1 91  VAL 91  90  90  VAL VAL A . n 
A 1 92  VAL 92  91  91  VAL VAL A . n 
A 1 93  ASN 93  92  92  ASN ASN A . n 
A 1 94  SER 94  93  93  SER SER A . n 
A 1 95  ILE 95  94  94  ILE ILE A . n 
A 1 96  CYS 96  95  95  CYS CYS A . n 
A 1 97  ASN 97  96  96  ASN ASN A . n 
A 1 98  THR 98  97  97  THR THR A . n 
A 1 99  THR 99  98  98  THR THR A . n 
A 1 100 GLY 100 99  99  GLY GLY A . n 
A 1 101 VAL 101 100 100 VAL VAL A . n 
A 1 102 GLU 102 101 101 GLU GLU A . n 
A 1 103 LYS 103 102 102 LYS LYS A . n 
A 1 104 PRO 104 103 103 PRO PRO A . n 
A 1 105 LYS 105 104 104 LYS LYS A . n 
A 1 106 PHE 106 105 105 PHE PHE A . n 
A 1 107 LEU 107 106 106 LEU LEU A . n 
A 1 108 PRO 108 107 107 PRO PRO A . n 
A 1 109 ASP 109 108 108 ASP ASP A . n 
A 1 110 LEU 110 109 109 LEU LEU A . n 
A 1 111 TYR 111 110 110 TYR TYR A . n 
A 1 112 ASP 112 111 111 ASP ASP A . n 
A 1 113 TYR 113 112 112 TYR TYR A . n 
A 1 114 LYS 114 113 113 LYS LYS A . n 
A 1 115 GLU 115 114 114 GLU GLU A . n 
A 1 116 ASN 116 115 115 ASN ASN A . n 
A 1 117 ARG 117 116 116 ARG ARG A . n 
A 1 118 PHE 118 117 117 PHE PHE A . n 
A 1 119 ILE 119 118 118 ILE ILE A . n 
A 1 120 GLU 120 119 119 GLU GLU A . n 
A 1 121 ILE 121 120 120 ILE ILE A . n 
A 1 122 GLY 122 121 121 GLY GLY A . n 
A 1 123 VAL 123 122 122 VAL VAL A . n 
A 1 124 THR 124 123 123 THR THR A . n 
A 1 125 ARG 125 124 124 ARG ARG A . n 
A 1 126 ARG 126 125 125 ARG ARG A . n 
A 1 127 GLU 127 126 126 GLU GLU A . n 
A 1 128 VAL 128 127 127 VAL VAL A . n 
A 1 129 HIS 129 128 128 HIS HIS A . n 
A 1 130 ILE 130 129 129 ILE ILE A . n 
A 1 131 TYR 131 130 130 TYR TYR A . n 
A 1 132 TYR 132 131 131 TYR TYR A . n 
A 1 133 LEU 133 132 132 LEU LEU A . n 
A 1 134 GLU 134 133 133 GLU GLU A . n 
A 1 135 LYS 135 134 134 LYS LYS A . n 
A 1 136 ALA 136 135 135 ALA ALA A . n 
A 1 137 ASN 137 136 136 ASN ASN A . n 
A 1 138 LYS 138 137 137 LYS LYS A . n 
A 1 139 ILE 139 138 138 ILE ILE A . n 
A 1 140 LYS 140 139 139 LYS LYS A . n 
A 1 141 SER 141 140 140 SER SER A . n 
A 1 142 GLU 142 141 141 GLU GLU A . n 
A 1 143 LYS 143 142 142 LYS LYS A . n 
A 1 144 THR 144 143 143 THR THR A . n 
A 1 145 HIS 145 144 144 HIS HIS A . n 
A 1 146 ILE 146 145 145 ILE ILE A . n 
A 1 147 HIS 147 146 146 HIS HIS A . n 
A 1 148 ILE 148 147 147 ILE ILE A . n 
A 1 149 PHE 149 148 148 PHE PHE A . n 
A 1 150 SER 150 149 149 SER SER A . n 
A 1 151 PHE 151 150 150 PHE PHE A . n 
A 1 152 THR 152 151 151 THR THR A . n 
A 1 153 GLY 153 152 152 GLY GLY A . n 
A 1 154 GLU 154 153 153 GLU GLU A . n 
A 1 155 GLU 155 154 154 GLU GLU A . n 
A 1 156 MET 156 155 155 MET MET A . n 
A 1 157 ALA 157 156 156 ALA ALA A . n 
A 1 158 THR 158 157 157 THR THR A . n 
A 1 159 LYS 159 158 158 LYS LYS A . n 
A 1 160 ALA 160 159 159 ALA ALA A . n 
A 1 161 ASP 161 160 160 ASP ASP A . n 
A 1 162 TYR 162 161 161 TYR TYR A . n 
A 1 163 THR 163 162 162 THR THR A . n 
A 1 164 LEU 164 163 163 LEU LEU A . n 
A 1 165 ASP 165 164 164 ASP ASP A . n 
A 1 166 GLU 166 165 165 GLU GLU A . n 
A 1 167 GLU 167 166 166 GLU GLU A . n 
A 1 168 SER 168 167 167 SER SER A . n 
A 1 169 ARG 169 168 168 ARG ARG A . n 
A 1 170 ALA 170 169 169 ALA ALA A . n 
A 1 171 ARG 171 170 170 ARG ARG A . n 
A 1 172 ILE 172 171 171 ILE ILE A . n 
A 1 173 LYS 173 172 172 LYS LYS A . n 
A 1 174 THR 174 173 173 THR THR A . n 
A 1 175 ARG 175 174 174 ARG ARG A . n 
A 1 176 LEU 176 175 175 LEU LEU A . n 
A 1 177 PHE 177 176 176 PHE PHE A . n 
A 1 178 THR 178 177 177 THR THR A . n 
A 1 179 ILE 179 178 178 ILE ILE A . n 
A 1 180 ARG 180 179 179 ARG ARG A . n 
A 1 181 GLN 181 180 180 GLN GLN A . n 
A 1 182 GLU 182 181 181 GLU GLU A . n 
A 1 183 MET 183 182 182 MET MET A . n 
A 1 184 ALA 184 183 183 ALA ALA A . n 
A 1 185 SER 185 184 184 SER SER A . n 
A 1 186 ARG 186 185 185 ARG ARG A . n 
A 1 187 SER 187 186 186 SER SER A . n 
A 1 188 LEU 188 187 187 LEU LEU A . n 
A 1 189 TRP 189 188 188 TRP TRP A . n 
A 1 190 ASP 190 189 189 ASP ASP A . n 
A 1 191 SER 191 190 190 SER SER A . n 
A 1 192 PHE 192 191 191 PHE PHE A . n 
A 1 193 ARG 193 192 192 ARG ARG A . n 
A 1 194 GLN 194 193 193 GLN GLN A . n 
A 1 195 SER 195 194 194 SER SER A . n 
A 1 196 GLU 196 195 ?   ?   ?   A . n 
A 1 197 ARG 197 196 ?   ?   ?   A . n 
# 
loop_
_pdbx_nonpoly_scheme.asym_id 
_pdbx_nonpoly_scheme.entity_id 
_pdbx_nonpoly_scheme.mon_id 
_pdbx_nonpoly_scheme.ndb_seq_num 
_pdbx_nonpoly_scheme.pdb_seq_num 
_pdbx_nonpoly_scheme.auth_seq_num 
_pdbx_nonpoly_scheme.pdb_mon_id 
_pdbx_nonpoly_scheme.auth_mon_id 
_pdbx_nonpoly_scheme.pdb_strand_id 
_pdbx_nonpoly_scheme.pdb_ins_code 
B 2 R3J 1  201 200 R3J 213 A . 
C 3 MN  1  202 1   MN  MN  A . 
D 3 MN  1  203 2   MN  MN  A . 
E 4 SO4 1  204 2   SO4 SO4 A . 
F 5 HOH 1  301 19  HOH HOH A . 
F 5 HOH 2  302 20  HOH HOH A . 
F 5 HOH 3  303 7   HOH HOH A . 
F 5 HOH 4  304 15  HOH HOH A . 
F 5 HOH 5  305 7   HOH HOH A . 
F 5 HOH 6  306 18  HOH HOH A . 
F 5 HOH 7  307 9   HOH HOH A . 
F 5 HOH 8  308 11  HOH HOH A . 
F 5 HOH 9  309 6   HOH HOH A . 
F 5 HOH 10 310 12  HOH HOH A . 
F 5 HOH 11 311 14  HOH HOH A . 
F 5 HOH 12 312 13  HOH HOH A . 
F 5 HOH 13 313 12  HOH HOH A . 
F 5 HOH 14 314 13  HOH HOH A . 
F 5 HOH 15 315 9   HOH HOH A . 
F 5 HOH 16 316 16  HOH HOH A . 
F 5 HOH 17 317 7   HOH HOH A . 
F 5 HOH 18 318 5   HOH HOH A . 
F 5 HOH 19 319 3   HOH HOH A . 
F 5 HOH 20 320 8   HOH HOH A . 
F 5 HOH 21 321 17  HOH HOH A . 
F 5 HOH 22 322 4   HOH HOH A . 
F 5 HOH 23 323 3   HOH HOH A . 
# 
_pdbx_struct_assembly.id                   1 
_pdbx_struct_assembly.details              author_and_software_defined_assembly 
_pdbx_struct_assembly.method_details       PISA 
_pdbx_struct_assembly.oligomeric_details   octameric 
_pdbx_struct_assembly.oligomeric_count     8 
# 
_pdbx_struct_assembly_gen.assembly_id       1 
_pdbx_struct_assembly_gen.oper_expression   1,2,3,4,5,6,7,8 
_pdbx_struct_assembly_gen.asym_id_list      A,B,C,D,E,F 
# 
loop_
_pdbx_struct_assembly_prop.biol_id 
_pdbx_struct_assembly_prop.type 
_pdbx_struct_assembly_prop.value 
_pdbx_struct_assembly_prop.details 
1 'ABSA (A^2)' 20290 ? 
1 MORE         -207  ? 
1 'SSA (A^2)'  59510 ? 
# 
loop_
_pdbx_struct_oper_list.id 
_pdbx_struct_oper_list.type 
_pdbx_struct_oper_list.name 
_pdbx_struct_oper_list.symmetry_operation 
_pdbx_struct_oper_list.matrix[1][1] 
_pdbx_struct_oper_list.matrix[1][2] 
_pdbx_struct_oper_list.matrix[1][3] 
_pdbx_struct_oper_list.vector[1] 
_pdbx_struct_oper_list.matrix[2][1] 
_pdbx_struct_oper_list.matrix[2][2] 
_pdbx_struct_oper_list.matrix[2][3] 
_pdbx_struct_oper_list.vector[2] 
_pdbx_struct_oper_list.matrix[3][1] 
_pdbx_struct_oper_list.matrix[3][2] 
_pdbx_struct_oper_list.matrix[3][3] 
_pdbx_struct_oper_list.vector[3] 
1 'identity operation'         1_555 x,y,z        1.0000000000  0.0000000000  0.0000000000  0.0000000000  0.0000000000  1.0000000000  0.0000000000  0.0000000000   0.0000000000  0.0000000000  1.0000000000  0.0000000000   
2 'crystal symmetry operation' 2_665 -x+1,-y+1,z  -0.9794774383 -0.1162794915 -0.1646299719 26.3062761502 -0.1162794915 -0.3411680096 0.9327826484  -33.7329166690 -0.1646299719 0.9327826484  0.3206454479  27.1051408297  
3 'crystal symmetry operation' 3_655 -y+1,x,z     0.0102612808  -0.8707421848 0.4916327427  -8.3310541126 0.7544626933  0.3294159952  0.5676893046  -28.9275784278 -0.6562627146 0.3650933438  0.6603227239  19.3932459718  
4 'crystal symmetry operation' 4_565 y,-x+1,z     0.0102612808  0.7544626933  -0.6562627146 34.6373302627 -0.8707421848 0.3294159952  0.3650933438  -4.8053382413  0.4916327427  0.5676893046  0.6603227239  7.7118948579   
5 'crystal symmetry operation' 5_655 -x+1,y,-z    0.0415883615  -0.7503010878 0.6597868488  -5.3926596145 -0.7503010878 -0.4595257175 -0.4752729664 -28.6927921848 0.6597868488  -0.4752729664 -0.5820626440 -24.1158212315 
6 'crystal symmetry operation' 6_565 x,-y+1,-z    -0.0621109232 0.8665805793  -0.4951568769 38.8948348328 0.8665805793  -0.1993062730 -0.4575096819 -45.8116177487 -0.4951568769 -0.4575096819 -0.7385828039 -6.5038327529  
7 'crystal symmetry operation' 7_555 y,x,-z       -0.9986409381 -0.0424901335 0.0301805467  28.7606677047 -0.0424901335 0.3284246904  -0.9435739565 -18.3661125313 0.0301805467  -0.9435739565 -0.3297837523 -27.1521291868 
8 'crystal symmetry operation' 8_665 -y+1,-x+1,-z 0.9781183764  0.1587696250  0.1344494252  4.7415075136  0.1587696250  -0.9872566808 0.0107913081  -56.1382974022 0.1344494252  0.0107913081  -0.9908616956 -3.4675247977 
# 
loop_
_pdbx_struct_conn_angle.id 
_pdbx_struct_conn_angle.ptnr1_label_atom_id 
_pdbx_struct_conn_angle.ptnr1_label_alt_id 
_pdbx_struct_conn_angle.ptnr1_label_asym_id 
_pdbx_struct_conn_angle.ptnr1_label_comp_id 
_pdbx_struct_conn_angle.ptnr1_label_seq_id 
_pdbx_struct_conn_angle.ptnr1_auth_atom_id 
_pdbx_struct_conn_angle.ptnr1_auth_asym_id 
_pdbx_struct_conn_angle.ptnr1_auth_comp_id 
_pdbx_struct_conn_angle.ptnr1_auth_seq_id 
_pdbx_struct_conn_angle.ptnr1_PDB_ins_code 
_pdbx_struct_conn_angle.ptnr1_symmetry 
_pdbx_struct_conn_angle.ptnr2_label_atom_id 
_pdbx_struct_conn_angle.ptnr2_label_alt_id 
_pdbx_struct_conn_angle.ptnr2_label_asym_id 
_pdbx_struct_conn_angle.ptnr2_label_comp_id 
_pdbx_struct_conn_angle.ptnr2_label_seq_id 
_pdbx_struct_conn_angle.ptnr2_auth_atom_id 
_pdbx_struct_conn_angle.ptnr2_auth_asym_id 
_pdbx_struct_conn_angle.ptnr2_auth_comp_id 
_pdbx_struct_conn_angle.ptnr2_auth_seq_id 
_pdbx_struct_conn_angle.ptnr2_PDB_ins_code 
_pdbx_struct_conn_angle.ptnr2_symmetry 
_pdbx_struct_conn_angle.ptnr3_label_atom_id 
_pdbx_struct_conn_angle.ptnr3_label_alt_id 
_pdbx_struct_conn_angle.ptnr3_label_asym_id 
_pdbx_struct_conn_angle.ptnr3_label_comp_id 
_pdbx_struct_conn_angle.ptnr3_label_seq_id 
_pdbx_struct_conn_angle.ptnr3_auth_atom_id 
_pdbx_struct_conn_angle.ptnr3_auth_asym_id 
_pdbx_struct_conn_angle.ptnr3_auth_comp_id 
_pdbx_struct_conn_angle.ptnr3_auth_seq_id 
_pdbx_struct_conn_angle.ptnr3_PDB_ins_code 
_pdbx_struct_conn_angle.ptnr3_symmetry 
_pdbx_struct_conn_angle.value 
_pdbx_struct_conn_angle.value_esd 
1  NE2 ? A HIS 61  ? A HIS 41  ? 1_555 MN ? D MN . ? A MN 203 ? 1_555 OD2 ? A ASP 109 ? A ASP 108 ? 1_555 94.8  ? 
2  NE2 ? A HIS 61  ? A HIS 41  ? 1_555 MN ? D MN . ? A MN 203 ? 1_555 OE2 ? A GLU 120 ? A GLU 119 ? 1_555 160.3 ? 
3  OD2 ? A ASP 109 ? A ASP 108 ? 1_555 MN ? D MN . ? A MN 203 ? 1_555 OE2 ? A GLU 120 ? A GLU 119 ? 1_555 104.7 ? 
4  NE2 ? A HIS 61  ? A HIS 41  ? 1_555 MN ? D MN . ? A MN 203 ? 1_555 O   ? A ILE 121 ? A ILE 120 ? 1_555 70.6  ? 
5  OD2 ? A ASP 109 ? A ASP 108 ? 1_555 MN ? D MN . ? A MN 203 ? 1_555 O   ? A ILE 121 ? A ILE 120 ? 1_555 93.7  ? 
6  OE2 ? A GLU 120 ? A GLU 119 ? 1_555 MN ? D MN . ? A MN 203 ? 1_555 O   ? A ILE 121 ? A ILE 120 ? 1_555 105.4 ? 
7  NE2 ? A HIS 61  ? A HIS 41  ? 1_555 MN ? D MN . ? A MN 203 ? 1_555 O03 ? B R3J .   ? A R3J 201 ? 1_555 98.0  ? 
8  OD2 ? A ASP 109 ? A ASP 108 ? 1_555 MN ? D MN . ? A MN 203 ? 1_555 O03 ? B R3J .   ? A R3J 201 ? 1_555 94.6  ? 
9  OE2 ? A GLU 120 ? A GLU 119 ? 1_555 MN ? D MN . ? A MN 203 ? 1_555 O03 ? B R3J .   ? A R3J 201 ? 1_555 82.8  ? 
10 O   ? A ILE 121 ? A ILE 120 ? 1_555 MN ? D MN . ? A MN 203 ? 1_555 O03 ? B R3J .   ? A R3J 201 ? 1_555 166.4 ? 
11 NE2 ? A HIS 61  ? A HIS 41  ? 1_555 MN ? D MN . ? A MN 203 ? 1_555 O04 ? B R3J .   ? A R3J 201 ? 1_555 69.8  ? 
12 OD2 ? A ASP 109 ? A ASP 108 ? 1_555 MN ? D MN . ? A MN 203 ? 1_555 O04 ? B R3J .   ? A R3J 201 ? 1_555 164.5 ? 
13 OE2 ? A GLU 120 ? A GLU 119 ? 1_555 MN ? D MN . ? A MN 203 ? 1_555 O04 ? B R3J .   ? A R3J 201 ? 1_555 90.6  ? 
14 O   ? A ILE 121 ? A ILE 120 ? 1_555 MN ? D MN . ? A MN 203 ? 1_555 O04 ? B R3J .   ? A R3J 201 ? 1_555 80.1  ? 
15 O03 ? B R3J .   ? A R3J 201 ? 1_555 MN ? D MN . ? A MN 203 ? 1_555 O04 ? B R3J .   ? A R3J 201 ? 1_555 89.1  ? 
16 OE1 ? A GLU 81  ? A GLU 80  ? 1_555 MN ? C MN . ? A MN 202 ? 1_555 OD1 ? A ASP 109 ? A ASP 108 ? 1_555 89.4  ? 
17 OE1 ? A GLU 81  ? A GLU 80  ? 1_555 MN ? C MN . ? A MN 202 ? 1_555 O02 ? B R3J .   ? A R3J 201 ? 1_555 94.5  ? 
18 OD1 ? A ASP 109 ? A ASP 108 ? 1_555 MN ? C MN . ? A MN 202 ? 1_555 O02 ? B R3J .   ? A R3J 201 ? 1_555 173.2 ? 
19 OE1 ? A GLU 81  ? A GLU 80  ? 1_555 MN ? C MN . ? A MN 202 ? 1_555 O03 ? B R3J .   ? A R3J 201 ? 1_555 106.1 ? 
20 OD1 ? A ASP 109 ? A ASP 108 ? 1_555 MN ? C MN . ? A MN 202 ? 1_555 O03 ? B R3J .   ? A R3J 201 ? 1_555 84.2  ? 
21 O02 ? B R3J .   ? A R3J 201 ? 1_555 MN ? C MN . ? A MN 202 ? 1_555 O03 ? B R3J .   ? A R3J 201 ? 1_555 89.3  ? 
22 OE1 ? A GLU 81  ? A GLU 80  ? 1_555 MN ? C MN . ? A MN 202 ? 1_555 O   ? F HOH .   ? A HOH 301 ? 1_555 158.4 ? 
23 OD1 ? A ASP 109 ? A ASP 108 ? 1_555 MN ? C MN . ? A MN 202 ? 1_555 O   ? F HOH .   ? A HOH 301 ? 1_555 73.3  ? 
24 O02 ? B R3J .   ? A R3J 201 ? 1_555 MN ? C MN . ? A MN 202 ? 1_555 O   ? F HOH .   ? A HOH 301 ? 1_555 104.1 ? 
25 O03 ? B R3J .   ? A R3J 201 ? 1_555 MN ? C MN . ? A MN 202 ? 1_555 O   ? F HOH .   ? A HOH 301 ? 1_555 85.4  ? 
26 OE1 ? A GLU 81  ? A GLU 80  ? 1_555 MN ? C MN . ? A MN 202 ? 1_555 O   ? F HOH .   ? A HOH 305 ? 1_555 87.7  ? 
27 OD1 ? A ASP 109 ? A ASP 108 ? 1_555 MN ? C MN . ? A MN 202 ? 1_555 O   ? F HOH .   ? A HOH 305 ? 1_555 95.8  ? 
28 O02 ? B R3J .   ? A R3J 201 ? 1_555 MN ? C MN . ? A MN 202 ? 1_555 O   ? F HOH .   ? A HOH 305 ? 1_555 90.0  ? 
29 O03 ? B R3J .   ? A R3J 201 ? 1_555 MN ? C MN . ? A MN 202 ? 1_555 O   ? F HOH .   ? A HOH 305 ? 1_555 166.2 ? 
30 O   ? F HOH .   ? A HOH 301 ? 1_555 MN ? C MN . ? A MN 202 ? 1_555 O   ? F HOH .   ? A HOH 305 ? 1_555 81.4  ? 
# 
loop_
_pdbx_audit_revision_history.ordinal 
_pdbx_audit_revision_history.data_content_type 
_pdbx_audit_revision_history.major_revision 
_pdbx_audit_revision_history.minor_revision 
_pdbx_audit_revision_history.revision_date 
1 'Structure model' 1 0 2021-02-24 
2 'Structure model' 1 1 2023-10-11 
# 
_pdbx_audit_revision_details.ordinal             1 
_pdbx_audit_revision_details.revision_ordinal    1 
_pdbx_audit_revision_details.data_content_type   'Structure model' 
_pdbx_audit_revision_details.provider            repository 
_pdbx_audit_revision_details.type                'Initial release' 
_pdbx_audit_revision_details.description         ? 
_pdbx_audit_revision_details.details             ? 
# 
loop_
_pdbx_audit_revision_group.ordinal 
_pdbx_audit_revision_group.revision_ordinal 
_pdbx_audit_revision_group.data_content_type 
_pdbx_audit_revision_group.group 
1 2 'Structure model' 'Data collection'        
2 2 'Structure model' 'Database references'    
3 2 'Structure model' 'Refinement description' 
# 
loop_
_pdbx_audit_revision_category.ordinal 
_pdbx_audit_revision_category.revision_ordinal 
_pdbx_audit_revision_category.data_content_type 
_pdbx_audit_revision_category.category 
1 2 'Structure model' chem_comp_atom                
2 2 'Structure model' chem_comp_bond                
3 2 'Structure model' citation                      
4 2 'Structure model' citation_author               
5 2 'Structure model' database_2                    
6 2 'Structure model' pdbx_initial_refinement_model 
# 
loop_
_pdbx_audit_revision_item.ordinal 
_pdbx_audit_revision_item.revision_ordinal 
_pdbx_audit_revision_item.data_content_type 
_pdbx_audit_revision_item.item 
1 2 'Structure model' '_database_2.pdbx_DOI'                
2 2 'Structure model' '_database_2.pdbx_database_accession' 
# 
loop_
_software.citation_id 
_software.classification 
_software.compiler_name 
_software.compiler_version 
_software.contact_author 
_software.contact_author_email 
_software.date 
_software.description 
_software.dependencies 
_software.hardware 
_software.language 
_software.location 
_software.mods 
_software.name 
_software.os 
_software.os_version 
_software.type 
_software.version 
_software.pdbx_ordinal 
? refinement        ? ? ? ? ? ? ? ? ? ? ? REFMAC      ? ? ? 5.8.0258 1 
? 'data extraction' ? ? ? ? ? ? ? ? ? ? ? PDB_EXTRACT ? ? ? 3.25     2 
? 'data reduction'  ? ? ? ? ? ? ? ? ? ? ? XDS         ? ? ? .        3 
? 'data scaling'    ? ? ? ? ? ? ? ? ? ? ? Aimless     ? ? ? .        4 
? phasing           ? ? ? ? ? ? ? ? ? ? ? MOLREP      ? ? ? .        5 
# 
_pdbx_entry_details.entry_id                 6VLL 
_pdbx_entry_details.has_ligand_of_interest   Y 
_pdbx_entry_details.compound_details         ? 
_pdbx_entry_details.source_details           ? 
_pdbx_entry_details.nonpolymer_details       ? 
_pdbx_entry_details.sequence_details         ? 
# 
loop_
_pdbx_validate_torsion.id 
_pdbx_validate_torsion.PDB_model_num 
_pdbx_validate_torsion.auth_comp_id 
_pdbx_validate_torsion.auth_asym_id 
_pdbx_validate_torsion.auth_seq_id 
_pdbx_validate_torsion.PDB_ins_code 
_pdbx_validate_torsion.label_alt_id 
_pdbx_validate_torsion.phi 
_pdbx_validate_torsion.psi 
1 1 SER A -1  ? ? 165.77  140.80  
2 1 ILE A 30  ? ? -104.01 -66.90  
3 1 LYS A 73  ? ? 29.96   -89.01  
4 1 ARG A 125 ? ? -129.60 -150.21 
5 1 GLU A 141 ? ? 57.84   -71.35  
6 1 THR A 162 ? ? 67.90   -51.51  
7 1 SER A 186 ? ? 24.87   41.18   
# 
loop_
_pdbx_unobs_or_zero_occ_atoms.id 
_pdbx_unobs_or_zero_occ_atoms.PDB_model_num 
_pdbx_unobs_or_zero_occ_atoms.polymer_flag 
_pdbx_unobs_or_zero_occ_atoms.occupancy_flag 
_pdbx_unobs_or_zero_occ_atoms.auth_asym_id 
_pdbx_unobs_or_zero_occ_atoms.auth_comp_id 
_pdbx_unobs_or_zero_occ_atoms.auth_seq_id 
_pdbx_unobs_or_zero_occ_atoms.PDB_ins_code 
_pdbx_unobs_or_zero_occ_atoms.auth_atom_id 
_pdbx_unobs_or_zero_occ_atoms.label_alt_id 
_pdbx_unobs_or_zero_occ_atoms.label_asym_id 
_pdbx_unobs_or_zero_occ_atoms.label_comp_id 
_pdbx_unobs_or_zero_occ_atoms.label_seq_id 
_pdbx_unobs_or_zero_occ_atoms.label_atom_id 
1  1 Y 1 A GLU 31  ? CG  ? A GLU 51  CG  
2  1 Y 1 A GLU 31  ? CD  ? A GLU 51  CD  
3  1 Y 1 A GLU 31  ? OE1 ? A GLU 51  OE1 
4  1 Y 1 A GLU 31  ? OE2 ? A GLU 51  OE2 
5  1 Y 1 A LYS 34  ? CD  ? A LYS 54  CD  
6  1 Y 1 A LYS 34  ? CE  ? A LYS 54  CE  
7  1 Y 1 A LYS 34  ? NZ  ? A LYS 54  NZ  
8  1 Y 1 A LYS 73  ? CG  ? A LYS 74  CG  
9  1 Y 1 A LYS 73  ? CD  ? A LYS 74  CD  
10 1 Y 1 A LYS 73  ? CE  ? A LYS 74  CE  
11 1 Y 1 A LYS 73  ? NZ  ? A LYS 74  NZ  
12 1 Y 1 A LYS 104 ? CG  ? A LYS 105 CG  
13 1 Y 1 A LYS 104 ? CD  ? A LYS 105 CD  
14 1 Y 1 A LYS 104 ? CE  ? A LYS 105 CE  
15 1 Y 1 A LYS 104 ? NZ  ? A LYS 105 NZ  
16 1 Y 1 A LYS 113 ? NZ  ? A LYS 114 NZ  
17 1 Y 1 A LYS 134 ? CG  ? A LYS 135 CG  
18 1 Y 1 A LYS 134 ? CD  ? A LYS 135 CD  
19 1 Y 1 A LYS 134 ? CE  ? A LYS 135 CE  
20 1 Y 1 A LYS 134 ? NZ  ? A LYS 135 NZ  
21 1 Y 1 A LYS 137 ? CG  ? A LYS 138 CG  
22 1 Y 1 A LYS 137 ? CD  ? A LYS 138 CD  
23 1 Y 1 A LYS 137 ? CE  ? A LYS 138 CE  
24 1 Y 1 A LYS 137 ? NZ  ? A LYS 138 NZ  
25 1 Y 1 A ILE 138 ? CG1 ? A ILE 139 CG1 
26 1 Y 1 A ILE 138 ? CG2 ? A ILE 139 CG2 
27 1 Y 1 A ILE 138 ? CD1 ? A ILE 139 CD1 
28 1 Y 1 A LYS 139 ? CG  ? A LYS 140 CG  
29 1 Y 1 A LYS 139 ? CD  ? A LYS 140 CD  
30 1 Y 1 A LYS 139 ? CE  ? A LYS 140 CE  
31 1 Y 1 A LYS 139 ? NZ  ? A LYS 140 NZ  
32 1 Y 1 A GLU 141 ? CG  ? A GLU 142 CG  
33 1 Y 1 A GLU 141 ? CD  ? A GLU 142 CD  
34 1 Y 1 A GLU 141 ? OE1 ? A GLU 142 OE1 
35 1 Y 1 A GLU 141 ? OE2 ? A GLU 142 OE2 
36 1 Y 1 A LYS 142 ? CG  ? A LYS 143 CG  
37 1 Y 1 A LYS 142 ? CD  ? A LYS 143 CD  
38 1 Y 1 A LYS 142 ? CE  ? A LYS 143 CE  
39 1 Y 1 A LYS 142 ? NZ  ? A LYS 143 NZ  
40 1 Y 1 A MET 155 ? CG  ? A MET 156 CG  
41 1 Y 1 A MET 155 ? SD  ? A MET 156 SD  
42 1 Y 1 A MET 155 ? CE  ? A MET 156 CE  
43 1 Y 1 A LYS 158 ? CD  ? A LYS 159 CD  
44 1 Y 1 A LYS 158 ? CE  ? A LYS 159 CE  
45 1 Y 1 A LYS 158 ? NZ  ? A LYS 159 NZ  
46 1 Y 1 A GLU 165 ? CG  ? A GLU 166 CG  
47 1 Y 1 A GLU 165 ? CD  ? A GLU 166 CD  
48 1 Y 1 A GLU 165 ? OE1 ? A GLU 166 OE1 
49 1 Y 1 A GLU 165 ? OE2 ? A GLU 166 OE2 
50 1 Y 1 A GLN 193 ? CG  ? A GLN 194 CG  
51 1 Y 1 A GLN 193 ? CD  ? A GLN 194 CD  
52 1 Y 1 A GLN 193 ? OE1 ? A GLN 194 OE1 
53 1 Y 1 A GLN 193 ? NE2 ? A GLN 194 NE2 
54 1 N 1 A R3J 201 ? C25 ? B R3J 1   C25 
55 1 N 1 A R3J 201 ? O26 ? B R3J 1   O26 
56 1 N 1 A R3J 201 ? O25 ? B R3J 1   O25 
57 1 N 1 A R3J 201 ? C26 ? B R3J 1   C26 
58 1 N 1 A R3J 201 ? C27 ? B R3J 1   C27 
59 1 N 1 A R3J 201 ? C28 ? B R3J 1   C28 
60 1 N 1 A R3J 201 ? C29 ? B R3J 1   C29 
61 1 N 1 A R3J 201 ? C30 ? B R3J 1   C30 
62 1 N 1 A R3J 201 ? C31 ? B R3J 1   C31 
63 1 N 1 A R3J 201 ? C32 ? B R3J 1   C32 
# 
loop_
_pdbx_unobs_or_zero_occ_residues.id 
_pdbx_unobs_or_zero_occ_residues.PDB_model_num 
_pdbx_unobs_or_zero_occ_residues.polymer_flag 
_pdbx_unobs_or_zero_occ_residues.occupancy_flag 
_pdbx_unobs_or_zero_occ_residues.auth_asym_id 
_pdbx_unobs_or_zero_occ_residues.auth_comp_id 
_pdbx_unobs_or_zero_occ_residues.auth_seq_id 
_pdbx_unobs_or_zero_occ_residues.PDB_ins_code 
_pdbx_unobs_or_zero_occ_residues.label_asym_id 
_pdbx_unobs_or_zero_occ_residues.label_comp_id 
_pdbx_unobs_or_zero_occ_residues.label_seq_id 
1  1 Y 1 A MET -19 ? A MET 1   
2  1 Y 1 A GLY -18 ? A GLY 2   
3  1 Y 1 A SER -17 ? A SER 3   
4  1 Y 1 A SER -16 ? A SER 4   
5  1 Y 1 A HIS -15 ? A HIS 5   
6  1 Y 1 A HIS -14 ? A HIS 6   
7  1 Y 1 A HIS -13 ? A HIS 7   
8  1 Y 1 A HIS -12 ? A HIS 8   
9  1 Y 1 A HIS -11 ? A HIS 9   
10 1 Y 1 A HIS -10 ? A HIS 10  
11 1 Y 1 A SER -9  ? A SER 11  
12 1 Y 1 A SER -8  ? A SER 12  
13 1 Y 1 A GLY -7  ? A GLY 13  
14 1 Y 1 A GLU 195 ? A GLU 196 
15 1 Y 1 A ARG 196 ? A ARG 197 
# 
loop_
_chem_comp_atom.comp_id 
_chem_comp_atom.atom_id 
_chem_comp_atom.type_symbol 
_chem_comp_atom.pdbx_aromatic_flag 
_chem_comp_atom.pdbx_stereo_config 
_chem_comp_atom.pdbx_ordinal 
ALA N    N  N N 1   
ALA CA   C  N S 2   
ALA C    C  N N 3   
ALA O    O  N N 4   
ALA CB   C  N N 5   
ALA OXT  O  N N 6   
ALA H    H  N N 7   
ALA H2   H  N N 8   
ALA HA   H  N N 9   
ALA HB1  H  N N 10  
ALA HB2  H  N N 11  
ALA HB3  H  N N 12  
ALA HXT  H  N N 13  
ARG N    N  N N 14  
ARG CA   C  N S 15  
ARG C    C  N N 16  
ARG O    O  N N 17  
ARG CB   C  N N 18  
ARG CG   C  N N 19  
ARG CD   C  N N 20  
ARG NE   N  N N 21  
ARG CZ   C  N N 22  
ARG NH1  N  N N 23  
ARG NH2  N  N N 24  
ARG OXT  O  N N 25  
ARG H    H  N N 26  
ARG H2   H  N N 27  
ARG HA   H  N N 28  
ARG HB2  H  N N 29  
ARG HB3  H  N N 30  
ARG HG2  H  N N 31  
ARG HG3  H  N N 32  
ARG HD2  H  N N 33  
ARG HD3  H  N N 34  
ARG HE   H  N N 35  
ARG HH11 H  N N 36  
ARG HH12 H  N N 37  
ARG HH21 H  N N 38  
ARG HH22 H  N N 39  
ARG HXT  H  N N 40  
ASN N    N  N N 41  
ASN CA   C  N S 42  
ASN C    C  N N 43  
ASN O    O  N N 44  
ASN CB   C  N N 45  
ASN CG   C  N N 46  
ASN OD1  O  N N 47  
ASN ND2  N  N N 48  
ASN OXT  O  N N 49  
ASN H    H  N N 50  
ASN H2   H  N N 51  
ASN HA   H  N N 52  
ASN HB2  H  N N 53  
ASN HB3  H  N N 54  
ASN HD21 H  N N 55  
ASN HD22 H  N N 56  
ASN HXT  H  N N 57  
ASP N    N  N N 58  
ASP CA   C  N S 59  
ASP C    C  N N 60  
ASP O    O  N N 61  
ASP CB   C  N N 62  
ASP CG   C  N N 63  
ASP OD1  O  N N 64  
ASP OD2  O  N N 65  
ASP OXT  O  N N 66  
ASP H    H  N N 67  
ASP H2   H  N N 68  
ASP HA   H  N N 69  
ASP HB2  H  N N 70  
ASP HB3  H  N N 71  
ASP HD2  H  N N 72  
ASP HXT  H  N N 73  
CYS N    N  N N 74  
CYS CA   C  N R 75  
CYS C    C  N N 76  
CYS O    O  N N 77  
CYS CB   C  N N 78  
CYS SG   S  N N 79  
CYS OXT  O  N N 80  
CYS H    H  N N 81  
CYS H2   H  N N 82  
CYS HA   H  N N 83  
CYS HB2  H  N N 84  
CYS HB3  H  N N 85  
CYS HG   H  N N 86  
CYS HXT  H  N N 87  
GLN N    N  N N 88  
GLN CA   C  N S 89  
GLN C    C  N N 90  
GLN O    O  N N 91  
GLN CB   C  N N 92  
GLN CG   C  N N 93  
GLN CD   C  N N 94  
GLN OE1  O  N N 95  
GLN NE2  N  N N 96  
GLN OXT  O  N N 97  
GLN H    H  N N 98  
GLN H2   H  N N 99  
GLN HA   H  N N 100 
GLN HB2  H  N N 101 
GLN HB3  H  N N 102 
GLN HG2  H  N N 103 
GLN HG3  H  N N 104 
GLN HE21 H  N N 105 
GLN HE22 H  N N 106 
GLN HXT  H  N N 107 
GLU N    N  N N 108 
GLU CA   C  N S 109 
GLU C    C  N N 110 
GLU O    O  N N 111 
GLU CB   C  N N 112 
GLU CG   C  N N 113 
GLU CD   C  N N 114 
GLU OE1  O  N N 115 
GLU OE2  O  N N 116 
GLU OXT  O  N N 117 
GLU H    H  N N 118 
GLU H2   H  N N 119 
GLU HA   H  N N 120 
GLU HB2  H  N N 121 
GLU HB3  H  N N 122 
GLU HG2  H  N N 123 
GLU HG3  H  N N 124 
GLU HE2  H  N N 125 
GLU HXT  H  N N 126 
GLY N    N  N N 127 
GLY CA   C  N N 128 
GLY C    C  N N 129 
GLY O    O  N N 130 
GLY OXT  O  N N 131 
GLY H    H  N N 132 
GLY H2   H  N N 133 
GLY HA2  H  N N 134 
GLY HA3  H  N N 135 
GLY HXT  H  N N 136 
HIS N    N  N N 137 
HIS CA   C  N S 138 
HIS C    C  N N 139 
HIS O    O  N N 140 
HIS CB   C  N N 141 
HIS CG   C  Y N 142 
HIS ND1  N  Y N 143 
HIS CD2  C  Y N 144 
HIS CE1  C  Y N 145 
HIS NE2  N  Y N 146 
HIS OXT  O  N N 147 
HIS H    H  N N 148 
HIS H2   H  N N 149 
HIS HA   H  N N 150 
HIS HB2  H  N N 151 
HIS HB3  H  N N 152 
HIS HD1  H  N N 153 
HIS HD2  H  N N 154 
HIS HE1  H  N N 155 
HIS HE2  H  N N 156 
HIS HXT  H  N N 157 
HOH O    O  N N 158 
HOH H1   H  N N 159 
HOH H2   H  N N 160 
ILE N    N  N N 161 
ILE CA   C  N S 162 
ILE C    C  N N 163 
ILE O    O  N N 164 
ILE CB   C  N S 165 
ILE CG1  C  N N 166 
ILE CG2  C  N N 167 
ILE CD1  C  N N 168 
ILE OXT  O  N N 169 
ILE H    H  N N 170 
ILE H2   H  N N 171 
ILE HA   H  N N 172 
ILE HB   H  N N 173 
ILE HG12 H  N N 174 
ILE HG13 H  N N 175 
ILE HG21 H  N N 176 
ILE HG22 H  N N 177 
ILE HG23 H  N N 178 
ILE HD11 H  N N 179 
ILE HD12 H  N N 180 
ILE HD13 H  N N 181 
ILE HXT  H  N N 182 
LEU N    N  N N 183 
LEU CA   C  N S 184 
LEU C    C  N N 185 
LEU O    O  N N 186 
LEU CB   C  N N 187 
LEU CG   C  N N 188 
LEU CD1  C  N N 189 
LEU CD2  C  N N 190 
LEU OXT  O  N N 191 
LEU H    H  N N 192 
LEU H2   H  N N 193 
LEU HA   H  N N 194 
LEU HB2  H  N N 195 
LEU HB3  H  N N 196 
LEU HG   H  N N 197 
LEU HD11 H  N N 198 
LEU HD12 H  N N 199 
LEU HD13 H  N N 200 
LEU HD21 H  N N 201 
LEU HD22 H  N N 202 
LEU HD23 H  N N 203 
LEU HXT  H  N N 204 
LYS N    N  N N 205 
LYS CA   C  N S 206 
LYS C    C  N N 207 
LYS O    O  N N 208 
LYS CB   C  N N 209 
LYS CG   C  N N 210 
LYS CD   C  N N 211 
LYS CE   C  N N 212 
LYS NZ   N  N N 213 
LYS OXT  O  N N 214 
LYS H    H  N N 215 
LYS H2   H  N N 216 
LYS HA   H  N N 217 
LYS HB2  H  N N 218 
LYS HB3  H  N N 219 
LYS HG2  H  N N 220 
LYS HG3  H  N N 221 
LYS HD2  H  N N 222 
LYS HD3  H  N N 223 
LYS HE2  H  N N 224 
LYS HE3  H  N N 225 
LYS HZ1  H  N N 226 
LYS HZ2  H  N N 227 
LYS HZ3  H  N N 228 
LYS HXT  H  N N 229 
MET N    N  N N 230 
MET CA   C  N S 231 
MET C    C  N N 232 
MET O    O  N N 233 
MET CB   C  N N 234 
MET CG   C  N N 235 
MET SD   S  N N 236 
MET CE   C  N N 237 
MET OXT  O  N N 238 
MET H    H  N N 239 
MET H2   H  N N 240 
MET HA   H  N N 241 
MET HB2  H  N N 242 
MET HB3  H  N N 243 
MET HG2  H  N N 244 
MET HG3  H  N N 245 
MET HE1  H  N N 246 
MET HE2  H  N N 247 
MET HE3  H  N N 248 
MET HXT  H  N N 249 
MN  MN   MN N N 250 
PHE N    N  N N 251 
PHE CA   C  N S 252 
PHE C    C  N N 253 
PHE O    O  N N 254 
PHE CB   C  N N 255 
PHE CG   C  Y N 256 
PHE CD1  C  Y N 257 
PHE CD2  C  Y N 258 
PHE CE1  C  Y N 259 
PHE CE2  C  Y N 260 
PHE CZ   C  Y N 261 
PHE OXT  O  N N 262 
PHE H    H  N N 263 
PHE H2   H  N N 264 
PHE HA   H  N N 265 
PHE HB2  H  N N 266 
PHE HB3  H  N N 267 
PHE HD1  H  N N 268 
PHE HD2  H  N N 269 
PHE HE1  H  N N 270 
PHE HE2  H  N N 271 
PHE HZ   H  N N 272 
PHE HXT  H  N N 273 
PRO N    N  N N 274 
PRO CA   C  N S 275 
PRO C    C  N N 276 
PRO O    O  N N 277 
PRO CB   C  N N 278 
PRO CG   C  N N 279 
PRO CD   C  N N 280 
PRO OXT  O  N N 281 
PRO H    H  N N 282 
PRO HA   H  N N 283 
PRO HB2  H  N N 284 
PRO HB3  H  N N 285 
PRO HG2  H  N N 286 
PRO HG3  H  N N 287 
PRO HD2  H  N N 288 
PRO HD3  H  N N 289 
PRO HXT  H  N N 290 
R3J C10  C  N N 291 
R3J C11  C  N N 292 
R3J C12  C  N N 293 
R3J C21  C  Y N 294 
R3J C22  C  Y N 295 
R3J C23  C  N N 296 
R3J C24  C  N N 297 
R3J C01  C  N N 298 
R3J O01  O  N N 299 
R3J N01  N  Y N 300 
R3J C02  C  Y N 301 
R3J C03  C  Y N 302 
R3J C04  C  Y N 303 
R3J C05  C  N N 304 
R3J C06  C  N N 305 
R3J N02  N  N N 306 
R3J C07  C  N N 307 
R3J O02  O  N N 308 
R3J C08  C  N N 309 
R3J C09  C  N N 310 
R3J O03  O  N N 311 
R3J O04  O  N N 312 
R3J N03  N  N N 313 
R3J N04  N  N N 314 
R3J N05  N  N N 315 
R3J H1   H  N N 316 
R3J H2   H  N N 317 
R3J H3   H  N N 318 
R3J H4   H  N N 319 
R3J H5   H  N N 320 
R3J H6   H  N N 321 
R3J H7   H  N N 322 
R3J H8   H  N N 323 
R3J H9   H  N N 324 
R3J H10  H  N N 325 
R3J H11  H  N N 326 
R3J H12  H  N N 327 
R3J H13  H  N N 328 
R3J H14  H  N N 329 
R3J H15  H  N N 330 
R3J H16  H  N N 331 
R3J H17  H  N N 332 
R3J H18  H  N N 333 
R3J H19  H  N N 334 
R3J H20  H  N N 335 
R3J C25  C  N N 336 
R3J O26  O  N N 337 
R3J O25  O  N N 338 
R3J C26  C  N N 339 
R3J C27  C  Y N 340 
R3J C28  C  Y N 341 
R3J C29  C  Y N 342 
R3J C30  C  Y N 343 
R3J C31  C  Y N 344 
R3J C32  C  Y N 345 
R3J H21  H  N N 346 
R3J H22  H  N N 347 
R3J H23  H  N N 348 
R3J H24  H  N N 349 
R3J H25  H  N N 350 
R3J H26  H  N N 351 
R3J H27  H  N N 352 
SER N    N  N N 353 
SER CA   C  N S 354 
SER C    C  N N 355 
SER O    O  N N 356 
SER CB   C  N N 357 
SER OG   O  N N 358 
SER OXT  O  N N 359 
SER H    H  N N 360 
SER H2   H  N N 361 
SER HA   H  N N 362 
SER HB2  H  N N 363 
SER HB3  H  N N 364 
SER HG   H  N N 365 
SER HXT  H  N N 366 
SO4 S    S  N N 367 
SO4 O1   O  N N 368 
SO4 O2   O  N N 369 
SO4 O3   O  N N 370 
SO4 O4   O  N N 371 
THR N    N  N N 372 
THR CA   C  N S 373 
THR C    C  N N 374 
THR O    O  N N 375 
THR CB   C  N R 376 
THR OG1  O  N N 377 
THR CG2  C  N N 378 
THR OXT  O  N N 379 
THR H    H  N N 380 
THR H2   H  N N 381 
THR HA   H  N N 382 
THR HB   H  N N 383 
THR HG1  H  N N 384 
THR HG21 H  N N 385 
THR HG22 H  N N 386 
THR HG23 H  N N 387 
THR HXT  H  N N 388 
TRP N    N  N N 389 
TRP CA   C  N S 390 
TRP C    C  N N 391 
TRP O    O  N N 392 
TRP CB   C  N N 393 
TRP CG   C  Y N 394 
TRP CD1  C  Y N 395 
TRP CD2  C  Y N 396 
TRP NE1  N  Y N 397 
TRP CE2  C  Y N 398 
TRP CE3  C  Y N 399 
TRP CZ2  C  Y N 400 
TRP CZ3  C  Y N 401 
TRP CH2  C  Y N 402 
TRP OXT  O  N N 403 
TRP H    H  N N 404 
TRP H2   H  N N 405 
TRP HA   H  N N 406 
TRP HB2  H  N N 407 
TRP HB3  H  N N 408 
TRP HD1  H  N N 409 
TRP HE1  H  N N 410 
TRP HE3  H  N N 411 
TRP HZ2  H  N N 412 
TRP HZ3  H  N N 413 
TRP HH2  H  N N 414 
TRP HXT  H  N N 415 
TYR N    N  N N 416 
TYR CA   C  N S 417 
TYR C    C  N N 418 
TYR O    O  N N 419 
TYR CB   C  N N 420 
TYR CG   C  Y N 421 
TYR CD1  C  Y N 422 
TYR CD2  C  Y N 423 
TYR CE1  C  Y N 424 
TYR CE2  C  Y N 425 
TYR CZ   C  Y N 426 
TYR OH   O  N N 427 
TYR OXT  O  N N 428 
TYR H    H  N N 429 
TYR H2   H  N N 430 
TYR HA   H  N N 431 
TYR HB2  H  N N 432 
TYR HB3  H  N N 433 
TYR HD1  H  N N 434 
TYR HD2  H  N N 435 
TYR HE1  H  N N 436 
TYR HE2  H  N N 437 
TYR HH   H  N N 438 
TYR HXT  H  N N 439 
VAL N    N  N N 440 
VAL CA   C  N S 441 
VAL C    C  N N 442 
VAL O    O  N N 443 
VAL CB   C  N N 444 
VAL CG1  C  N N 445 
VAL CG2  C  N N 446 
VAL OXT  O  N N 447 
VAL H    H  N N 448 
VAL H2   H  N N 449 
VAL HA   H  N N 450 
VAL HB   H  N N 451 
VAL HG11 H  N N 452 
VAL HG12 H  N N 453 
VAL HG13 H  N N 454 
VAL HG21 H  N N 455 
VAL HG22 H  N N 456 
VAL HG23 H  N N 457 
VAL HXT  H  N N 458 
# 
loop_
_chem_comp_bond.comp_id 
_chem_comp_bond.atom_id_1 
_chem_comp_bond.atom_id_2 
_chem_comp_bond.value_order 
_chem_comp_bond.pdbx_aromatic_flag 
_chem_comp_bond.pdbx_stereo_config 
_chem_comp_bond.pdbx_ordinal 
ALA N   CA   sing N N 1   
ALA N   H    sing N N 2   
ALA N   H2   sing N N 3   
ALA CA  C    sing N N 4   
ALA CA  CB   sing N N 5   
ALA CA  HA   sing N N 6   
ALA C   O    doub N N 7   
ALA C   OXT  sing N N 8   
ALA CB  HB1  sing N N 9   
ALA CB  HB2  sing N N 10  
ALA CB  HB3  sing N N 11  
ALA OXT HXT  sing N N 12  
ARG N   CA   sing N N 13  
ARG N   H    sing N N 14  
ARG N   H2   sing N N 15  
ARG CA  C    sing N N 16  
ARG CA  CB   sing N N 17  
ARG CA  HA   sing N N 18  
ARG C   O    doub N N 19  
ARG C   OXT  sing N N 20  
ARG CB  CG   sing N N 21  
ARG CB  HB2  sing N N 22  
ARG CB  HB3  sing N N 23  
ARG CG  CD   sing N N 24  
ARG CG  HG2  sing N N 25  
ARG CG  HG3  sing N N 26  
ARG CD  NE   sing N N 27  
ARG CD  HD2  sing N N 28  
ARG CD  HD3  sing N N 29  
ARG NE  CZ   sing N N 30  
ARG NE  HE   sing N N 31  
ARG CZ  NH1  sing N N 32  
ARG CZ  NH2  doub N N 33  
ARG NH1 HH11 sing N N 34  
ARG NH1 HH12 sing N N 35  
ARG NH2 HH21 sing N N 36  
ARG NH2 HH22 sing N N 37  
ARG OXT HXT  sing N N 38  
ASN N   CA   sing N N 39  
ASN N   H    sing N N 40  
ASN N   H2   sing N N 41  
ASN CA  C    sing N N 42  
ASN CA  CB   sing N N 43  
ASN CA  HA   sing N N 44  
ASN C   O    doub N N 45  
ASN C   OXT  sing N N 46  
ASN CB  CG   sing N N 47  
ASN CB  HB2  sing N N 48  
ASN CB  HB3  sing N N 49  
ASN CG  OD1  doub N N 50  
ASN CG  ND2  sing N N 51  
ASN ND2 HD21 sing N N 52  
ASN ND2 HD22 sing N N 53  
ASN OXT HXT  sing N N 54  
ASP N   CA   sing N N 55  
ASP N   H    sing N N 56  
ASP N   H2   sing N N 57  
ASP CA  C    sing N N 58  
ASP CA  CB   sing N N 59  
ASP CA  HA   sing N N 60  
ASP C   O    doub N N 61  
ASP C   OXT  sing N N 62  
ASP CB  CG   sing N N 63  
ASP CB  HB2  sing N N 64  
ASP CB  HB3  sing N N 65  
ASP CG  OD1  doub N N 66  
ASP CG  OD2  sing N N 67  
ASP OD2 HD2  sing N N 68  
ASP OXT HXT  sing N N 69  
CYS N   CA   sing N N 70  
CYS N   H    sing N N 71  
CYS N   H2   sing N N 72  
CYS CA  C    sing N N 73  
CYS CA  CB   sing N N 74  
CYS CA  HA   sing N N 75  
CYS C   O    doub N N 76  
CYS C   OXT  sing N N 77  
CYS CB  SG   sing N N 78  
CYS CB  HB2  sing N N 79  
CYS CB  HB3  sing N N 80  
CYS SG  HG   sing N N 81  
CYS OXT HXT  sing N N 82  
GLN N   CA   sing N N 83  
GLN N   H    sing N N 84  
GLN N   H2   sing N N 85  
GLN CA  C    sing N N 86  
GLN CA  CB   sing N N 87  
GLN CA  HA   sing N N 88  
GLN C   O    doub N N 89  
GLN C   OXT  sing N N 90  
GLN CB  CG   sing N N 91  
GLN CB  HB2  sing N N 92  
GLN CB  HB3  sing N N 93  
GLN CG  CD   sing N N 94  
GLN CG  HG2  sing N N 95  
GLN CG  HG3  sing N N 96  
GLN CD  OE1  doub N N 97  
GLN CD  NE2  sing N N 98  
GLN NE2 HE21 sing N N 99  
GLN NE2 HE22 sing N N 100 
GLN OXT HXT  sing N N 101 
GLU N   CA   sing N N 102 
GLU N   H    sing N N 103 
GLU N   H2   sing N N 104 
GLU CA  C    sing N N 105 
GLU CA  CB   sing N N 106 
GLU CA  HA   sing N N 107 
GLU C   O    doub N N 108 
GLU C   OXT  sing N N 109 
GLU CB  CG   sing N N 110 
GLU CB  HB2  sing N N 111 
GLU CB  HB3  sing N N 112 
GLU CG  CD   sing N N 113 
GLU CG  HG2  sing N N 114 
GLU CG  HG3  sing N N 115 
GLU CD  OE1  doub N N 116 
GLU CD  OE2  sing N N 117 
GLU OE2 HE2  sing N N 118 
GLU OXT HXT  sing N N 119 
GLY N   CA   sing N N 120 
GLY N   H    sing N N 121 
GLY N   H2   sing N N 122 
GLY CA  C    sing N N 123 
GLY CA  HA2  sing N N 124 
GLY CA  HA3  sing N N 125 
GLY C   O    doub N N 126 
GLY C   OXT  sing N N 127 
GLY OXT HXT  sing N N 128 
HIS N   CA   sing N N 129 
HIS N   H    sing N N 130 
HIS N   H2   sing N N 131 
HIS CA  C    sing N N 132 
HIS CA  CB   sing N N 133 
HIS CA  HA   sing N N 134 
HIS C   O    doub N N 135 
HIS C   OXT  sing N N 136 
HIS CB  CG   sing N N 137 
HIS CB  HB2  sing N N 138 
HIS CB  HB3  sing N N 139 
HIS CG  ND1  sing Y N 140 
HIS CG  CD2  doub Y N 141 
HIS ND1 CE1  doub Y N 142 
HIS ND1 HD1  sing N N 143 
HIS CD2 NE2  sing Y N 144 
HIS CD2 HD2  sing N N 145 
HIS CE1 NE2  sing Y N 146 
HIS CE1 HE1  sing N N 147 
HIS NE2 HE2  sing N N 148 
HIS OXT HXT  sing N N 149 
HOH O   H1   sing N N 150 
HOH O   H2   sing N N 151 
ILE N   CA   sing N N 152 
ILE N   H    sing N N 153 
ILE N   H2   sing N N 154 
ILE CA  C    sing N N 155 
ILE CA  CB   sing N N 156 
ILE CA  HA   sing N N 157 
ILE C   O    doub N N 158 
ILE C   OXT  sing N N 159 
ILE CB  CG1  sing N N 160 
ILE CB  CG2  sing N N 161 
ILE CB  HB   sing N N 162 
ILE CG1 CD1  sing N N 163 
ILE CG1 HG12 sing N N 164 
ILE CG1 HG13 sing N N 165 
ILE CG2 HG21 sing N N 166 
ILE CG2 HG22 sing N N 167 
ILE CG2 HG23 sing N N 168 
ILE CD1 HD11 sing N N 169 
ILE CD1 HD12 sing N N 170 
ILE CD1 HD13 sing N N 171 
ILE OXT HXT  sing N N 172 
LEU N   CA   sing N N 173 
LEU N   H    sing N N 174 
LEU N   H2   sing N N 175 
LEU CA  C    sing N N 176 
LEU CA  CB   sing N N 177 
LEU CA  HA   sing N N 178 
LEU C   O    doub N N 179 
LEU C   OXT  sing N N 180 
LEU CB  CG   sing N N 181 
LEU CB  HB2  sing N N 182 
LEU CB  HB3  sing N N 183 
LEU CG  CD1  sing N N 184 
LEU CG  CD2  sing N N 185 
LEU CG  HG   sing N N 186 
LEU CD1 HD11 sing N N 187 
LEU CD1 HD12 sing N N 188 
LEU CD1 HD13 sing N N 189 
LEU CD2 HD21 sing N N 190 
LEU CD2 HD22 sing N N 191 
LEU CD2 HD23 sing N N 192 
LEU OXT HXT  sing N N 193 
LYS N   CA   sing N N 194 
LYS N   H    sing N N 195 
LYS N   H2   sing N N 196 
LYS CA  C    sing N N 197 
LYS CA  CB   sing N N 198 
LYS CA  HA   sing N N 199 
LYS C   O    doub N N 200 
LYS C   OXT  sing N N 201 
LYS CB  CG   sing N N 202 
LYS CB  HB2  sing N N 203 
LYS CB  HB3  sing N N 204 
LYS CG  CD   sing N N 205 
LYS CG  HG2  sing N N 206 
LYS CG  HG3  sing N N 207 
LYS CD  CE   sing N N 208 
LYS CD  HD2  sing N N 209 
LYS CD  HD3  sing N N 210 
LYS CE  NZ   sing N N 211 
LYS CE  HE2  sing N N 212 
LYS CE  HE3  sing N N 213 
LYS NZ  HZ1  sing N N 214 
LYS NZ  HZ2  sing N N 215 
LYS NZ  HZ3  sing N N 216 
LYS OXT HXT  sing N N 217 
MET N   CA   sing N N 218 
MET N   H    sing N N 219 
MET N   H2   sing N N 220 
MET CA  C    sing N N 221 
MET CA  CB   sing N N 222 
MET CA  HA   sing N N 223 
MET C   O    doub N N 224 
MET C   OXT  sing N N 225 
MET CB  CG   sing N N 226 
MET CB  HB2  sing N N 227 
MET CB  HB3  sing N N 228 
MET CG  SD   sing N N 229 
MET CG  HG2  sing N N 230 
MET CG  HG3  sing N N 231 
MET SD  CE   sing N N 232 
MET CE  HE1  sing N N 233 
MET CE  HE2  sing N N 234 
MET CE  HE3  sing N N 235 
MET OXT HXT  sing N N 236 
PHE N   CA   sing N N 237 
PHE N   H    sing N N 238 
PHE N   H2   sing N N 239 
PHE CA  C    sing N N 240 
PHE CA  CB   sing N N 241 
PHE CA  HA   sing N N 242 
PHE C   O    doub N N 243 
PHE C   OXT  sing N N 244 
PHE CB  CG   sing N N 245 
PHE CB  HB2  sing N N 246 
PHE CB  HB3  sing N N 247 
PHE CG  CD1  doub Y N 248 
PHE CG  CD2  sing Y N 249 
PHE CD1 CE1  sing Y N 250 
PHE CD1 HD1  sing N N 251 
PHE CD2 CE2  doub Y N 252 
PHE CD2 HD2  sing N N 253 
PHE CE1 CZ   doub Y N 254 
PHE CE1 HE1  sing N N 255 
PHE CE2 CZ   sing Y N 256 
PHE CE2 HE2  sing N N 257 
PHE CZ  HZ   sing N N 258 
PHE OXT HXT  sing N N 259 
PRO N   CA   sing N N 260 
PRO N   CD   sing N N 261 
PRO N   H    sing N N 262 
PRO CA  C    sing N N 263 
PRO CA  CB   sing N N 264 
PRO CA  HA   sing N N 265 
PRO C   O    doub N N 266 
PRO C   OXT  sing N N 267 
PRO CB  CG   sing N N 268 
PRO CB  HB2  sing N N 269 
PRO CB  HB3  sing N N 270 
PRO CG  CD   sing N N 271 
PRO CG  HG2  sing N N 272 
PRO CG  HG3  sing N N 273 
PRO CD  HD2  sing N N 274 
PRO CD  HD3  sing N N 275 
PRO OXT HXT  sing N N 276 
R3J C01 O01  sing N N 277 
R3J O01 C22  sing N N 278 
R3J N01 C22  doub Y N 279 
R3J N01 C02  sing Y N 280 
R3J C22 C21  sing Y N 281 
R3J C02 C03  doub Y N 282 
R3J C21 C04  doub Y N 283 
R3J C03 C04  sing Y N 284 
R3J C04 C05  sing N N 285 
R3J C24 C12  sing N N 286 
R3J C05 C06  sing N N 287 
R3J C06 N02  sing N N 288 
R3J C23 C12  sing N N 289 
R3J N02 C07  sing N N 290 
R3J C12 C11  sing N N 291 
R3J C12 N05  sing N N 292 
R3J N04 C11  doub N N 293 
R3J N04 C08  sing N N 294 
R3J C07 O02  doub N N 295 
R3J C07 C08  sing N N 296 
R3J C11 N03  sing N N 297 
R3J C08 C09  doub N N 298 
R3J N03 C10  sing N N 299 
R3J C09 C10  sing N N 300 
R3J C09 O03  sing N N 301 
R3J C10 O04  doub N N 302 
R3J C21 H1   sing N N 303 
R3J C23 H2   sing N N 304 
R3J C23 H3   sing N N 305 
R3J C23 H4   sing N N 306 
R3J C24 H5   sing N N 307 
R3J C24 H6   sing N N 308 
R3J C24 H7   sing N N 309 
R3J C01 H8   sing N N 310 
R3J C01 H9   sing N N 311 
R3J C01 H10  sing N N 312 
R3J C02 H11  sing N N 313 
R3J C03 H12  sing N N 314 
R3J C05 H13  sing N N 315 
R3J C05 H14  sing N N 316 
R3J C06 H15  sing N N 317 
R3J C06 H16  sing N N 318 
R3J N02 H17  sing N N 319 
R3J O03 H18  sing N N 320 
R3J N03 H19  sing N N 321 
R3J N05 H20  sing N N 322 
R3J N05 C25  sing N N 323 
R3J C25 O26  sing N N 324 
R3J C25 O25  doub N N 325 
R3J O26 C26  sing N N 326 
R3J C26 C27  sing N N 327 
R3J C27 C28  sing Y N 328 
R3J C28 C29  doub Y N 329 
R3J C29 C30  sing Y N 330 
R3J C30 C31  doub Y N 331 
R3J C31 C32  sing Y N 332 
R3J C32 C27  doub Y N 333 
R3J C26 H21  sing N N 334 
R3J C26 H22  sing N N 335 
R3J C28 H23  sing N N 336 
R3J C29 H24  sing N N 337 
R3J C30 H25  sing N N 338 
R3J C31 H26  sing N N 339 
R3J C32 H27  sing N N 340 
SER N   CA   sing N N 341 
SER N   H    sing N N 342 
SER N   H2   sing N N 343 
SER CA  C    sing N N 344 
SER CA  CB   sing N N 345 
SER CA  HA   sing N N 346 
SER C   O    doub N N 347 
SER C   OXT  sing N N 348 
SER CB  OG   sing N N 349 
SER CB  HB2  sing N N 350 
SER CB  HB3  sing N N 351 
SER OG  HG   sing N N 352 
SER OXT HXT  sing N N 353 
SO4 S   O1   doub N N 354 
SO4 S   O2   doub N N 355 
SO4 S   O3   sing N N 356 
SO4 S   O4   sing N N 357 
THR N   CA   sing N N 358 
THR N   H    sing N N 359 
THR N   H2   sing N N 360 
THR CA  C    sing N N 361 
THR CA  CB   sing N N 362 
THR CA  HA   sing N N 363 
THR C   O    doub N N 364 
THR C   OXT  sing N N 365 
THR CB  OG1  sing N N 366 
THR CB  CG2  sing N N 367 
THR CB  HB   sing N N 368 
THR OG1 HG1  sing N N 369 
THR CG2 HG21 sing N N 370 
THR CG2 HG22 sing N N 371 
THR CG2 HG23 sing N N 372 
THR OXT HXT  sing N N 373 
TRP N   CA   sing N N 374 
TRP N   H    sing N N 375 
TRP N   H2   sing N N 376 
TRP CA  C    sing N N 377 
TRP CA  CB   sing N N 378 
TRP CA  HA   sing N N 379 
TRP C   O    doub N N 380 
TRP C   OXT  sing N N 381 
TRP CB  CG   sing N N 382 
TRP CB  HB2  sing N N 383 
TRP CB  HB3  sing N N 384 
TRP CG  CD1  doub Y N 385 
TRP CG  CD2  sing Y N 386 
TRP CD1 NE1  sing Y N 387 
TRP CD1 HD1  sing N N 388 
TRP CD2 CE2  doub Y N 389 
TRP CD2 CE3  sing Y N 390 
TRP NE1 CE2  sing Y N 391 
TRP NE1 HE1  sing N N 392 
TRP CE2 CZ2  sing Y N 393 
TRP CE3 CZ3  doub Y N 394 
TRP CE3 HE3  sing N N 395 
TRP CZ2 CH2  doub Y N 396 
TRP CZ2 HZ2  sing N N 397 
TRP CZ3 CH2  sing Y N 398 
TRP CZ3 HZ3  sing N N 399 
TRP CH2 HH2  sing N N 400 
TRP OXT HXT  sing N N 401 
TYR N   CA   sing N N 402 
TYR N   H    sing N N 403 
TYR N   H2   sing N N 404 
TYR CA  C    sing N N 405 
TYR CA  CB   sing N N 406 
TYR CA  HA   sing N N 407 
TYR C   O    doub N N 408 
TYR C   OXT  sing N N 409 
TYR CB  CG   sing N N 410 
TYR CB  HB2  sing N N 411 
TYR CB  HB3  sing N N 412 
TYR CG  CD1  doub Y N 413 
TYR CG  CD2  sing Y N 414 
TYR CD1 CE1  sing Y N 415 
TYR CD1 HD1  sing N N 416 
TYR CD2 CE2  doub Y N 417 
TYR CD2 HD2  sing N N 418 
TYR CE1 CZ   doub Y N 419 
TYR CE1 HE1  sing N N 420 
TYR CE2 CZ   sing Y N 421 
TYR CE2 HE2  sing N N 422 
TYR CZ  OH   sing N N 423 
TYR OH  HH   sing N N 424 
TYR OXT HXT  sing N N 425 
VAL N   CA   sing N N 426 
VAL N   H    sing N N 427 
VAL N   H2   sing N N 428 
VAL CA  C    sing N N 429 
VAL CA  CB   sing N N 430 
VAL CA  HA   sing N N 431 
VAL C   O    doub N N 432 
VAL C   OXT  sing N N 433 
VAL CB  CG1  sing N N 434 
VAL CB  CG2  sing N N 435 
VAL CB  HB   sing N N 436 
VAL CG1 HG11 sing N N 437 
VAL CG1 HG12 sing N N 438 
VAL CG1 HG13 sing N N 439 
VAL CG2 HG21 sing N N 440 
VAL CG2 HG22 sing N N 441 
VAL CG2 HG23 sing N N 442 
VAL OXT HXT  sing N N 443 
# 
_pdbx_entity_instance_feature.ordinal        1 
_pdbx_entity_instance_feature.comp_id        R3J 
_pdbx_entity_instance_feature.asym_id        ? 
_pdbx_entity_instance_feature.seq_num        ? 
_pdbx_entity_instance_feature.auth_comp_id   R3J 
_pdbx_entity_instance_feature.auth_asym_id   ? 
_pdbx_entity_instance_feature.auth_seq_num   ? 
_pdbx_entity_instance_feature.feature_type   'SUBJECT OF INVESTIGATION' 
_pdbx_entity_instance_feature.details        ? 
# 
loop_
_pdbx_entity_nonpoly.entity_id 
_pdbx_entity_nonpoly.name 
_pdbx_entity_nonpoly.comp_id 
2 'benzyl [2-(5-hydroxy-4-{[2-(2-methoxypyridin-4-yl)ethyl]carbamoyl}-6-oxo-1,6-dihydropyrimidin-2-yl)propan-2-yl]carbamate' R3J 
3 'MANGANESE (II) ION'                                                                                                       MN  
4 'SULFATE ION'                                                                                                              SO4 
5 water                                                                                                                      HOH 
# 
_pdbx_initial_refinement_model.id               1 
_pdbx_initial_refinement_model.entity_id_list   ? 
_pdbx_initial_refinement_model.type             'experimental model' 
_pdbx_initial_refinement_model.source_name      PDB 
_pdbx_initial_refinement_model.accession_code   5VPT 
_pdbx_initial_refinement_model.details          ? 
# 
_pdbx_struct_assembly_auth_evidence.id                     1 
_pdbx_struct_assembly_auth_evidence.assembly_id            1 
_pdbx_struct_assembly_auth_evidence.experimental_support   none 
_pdbx_struct_assembly_auth_evidence.details                ? 
# 
